data_8TMQ
#
_entry.id   8TMQ
#
_cell.length_a   1.00
_cell.length_b   1.00
_cell.length_c   1.00
_cell.angle_alpha   90.00
_cell.angle_beta   90.00
_cell.angle_gamma   90.00
#
_symmetry.space_group_name_H-M   'P 1'
#
loop_
_entity.id
_entity.type
_entity.pdbx_description
1 polymer 'sAB C18 Light Chain'
2 polymer 'sAB C18 Heavy Chain'
3 polymer 'Cobalt/magnesium transport protein CorA'
4 non-polymer 'MAGNESIUM ION'
#
loop_
_entity_poly.entity_id
_entity_poly.type
_entity_poly.pdbx_seq_one_letter_code
_entity_poly.pdbx_strand_id
1 'polypeptide(L)'
;SDIQMTQSPSSLSASVGDRVTITCRASQSVSSAVAWYQQKPGKAPKLLIYSASSLYSGVPSRFSGSRSGTDFTLTISSLQ
PEDFATYYCQQSSSSLITFGQGTKVEIKRTVAAPSVFIFPPSDSQLKSGTASVVCLLNNFYPREAKVQWKVDNALQSGNS
QESVTEQDSKDSTYSLSSTLTLSKADYEKHKVYACEVTHQGLSSPVTKSFNRGEC
;
L
2 'polypeptide(L)'
;EISEVQLVESGGGLVQPGGSLRLSCAASGFNVSYYSIHWVRQAPGKGLEWVASISSSSGSTSYADSVKGRFTISADTSKN
TAYLQMNSLRAEDTAVYYCARSYWYYIWSYSYGNAMDYWGQGTLVTVSSASTKGPSVFPLAPSSKSTSGGTAALGCLVKD
YFPEPVTVSWNSGALTSGVHTFPAVLQSSGLYSLSSVVTVPSSSLGTQTYICNVNHKPSNTKVDKKVEPKSCDKTHT
;
H
3 'polypeptide(L)'
;MGSSHHHHHHSSGRENLYFQGHMEEKRLSAKKGLPPGTLVYTGKYREDFEIEVMNYSIEEFREFKTTDVESVLPFRDSST
PTWINITGIHRTDVVQRVGEFFGIHPLVLEDILNVHQRPKVEFFENYVFIVLKMFTYDKNLHELESEQVSLILTKNCVLM
FQEKIGDVFDPVRERIRYNRGIIRKKRADYLLYSLIDALVDDYFVLLEKIDDEIDVLEEEVLERPEKETVQRTHQLKRNL
VELRKTIWPLREVLSSLYRDVPPLIEKETVPYFRDVYDHTIQIADTVETFRDIVSGLLDVYLSSVSNKTNEVMKVLTIIA
TIFMPLTFIAGIYGMNFEYMPELRWKWGYPVVLAVMGVIAVIMVVYFKKKKWL
;
A,B,C,D,E
#
loop_
_chem_comp.id
_chem_comp.type
_chem_comp.name
_chem_comp.formula
MG non-polymer 'MAGNESIUM ION' 'Mg 2'
#
# COMPACT_ATOMS: atom_id res chain seq x y z
N ASP A 2 -23.89 -5.51 -37.21
CA ASP A 2 -24.51 -4.34 -36.60
C ASP A 2 -24.99 -4.64 -35.18
N ILE A 3 -25.23 -3.59 -34.42
CA ILE A 3 -25.70 -3.70 -33.04
C ILE A 3 -27.13 -3.16 -32.99
N GLN A 4 -28.06 -3.98 -32.53
CA GLN A 4 -29.47 -3.61 -32.47
C GLN A 4 -29.81 -3.12 -31.08
N MET A 5 -30.32 -1.89 -31.00
CA MET A 5 -30.77 -1.29 -29.74
C MET A 5 -32.29 -1.36 -29.72
N THR A 6 -32.82 -2.30 -28.94
CA THR A 6 -34.27 -2.45 -28.79
C THR A 6 -34.72 -1.59 -27.60
N GLN A 7 -35.54 -0.59 -27.88
CA GLN A 7 -35.91 0.42 -26.89
C GLN A 7 -37.40 0.29 -26.56
N SER A 8 -37.70 0.12 -25.28
CA SER A 8 -39.06 -0.06 -24.80
C SER A 8 -39.30 0.81 -23.59
N PRO A 9 -40.54 1.30 -23.38
CA PRO A 9 -41.69 1.14 -24.28
C PRO A 9 -41.60 2.03 -25.51
N SER A 10 -42.66 2.03 -26.33
CA SER A 10 -42.69 2.84 -27.54
C SER A 10 -43.74 3.96 -27.51
N SER A 11 -44.74 3.85 -26.65
CA SER A 11 -45.81 4.84 -26.57
C SER A 11 -46.13 5.16 -25.11
N LEU A 12 -45.08 5.37 -24.31
CA LEU A 12 -45.27 5.66 -22.89
C LEU A 12 -46.08 6.93 -22.70
N SER A 13 -47.00 6.89 -21.74
CA SER A 13 -47.84 8.03 -21.40
C SER A 13 -47.80 8.25 -19.89
N ALA A 14 -47.58 9.50 -19.48
CA ALA A 14 -47.49 9.82 -18.06
C ALA A 14 -47.92 11.26 -17.84
N SER A 15 -48.20 11.58 -16.59
CA SER A 15 -48.67 12.90 -16.21
C SER A 15 -47.53 13.75 -15.65
N VAL A 16 -47.78 15.06 -15.57
CA VAL A 16 -46.77 15.98 -15.06
C VAL A 16 -46.47 15.65 -13.61
N GLY A 17 -45.19 15.64 -13.26
CA GLY A 17 -44.74 15.34 -11.92
C GLY A 17 -44.50 13.87 -11.63
N ASP A 18 -44.78 12.98 -12.58
CA ASP A 18 -44.59 11.56 -12.37
C ASP A 18 -43.12 11.18 -12.59
N ARG A 19 -42.82 9.90 -12.42
CA ARG A 19 -41.49 9.36 -12.65
C ARG A 19 -41.54 8.42 -13.85
N VAL A 20 -40.68 8.68 -14.84
CA VAL A 20 -40.71 7.98 -16.12
C VAL A 20 -39.40 7.23 -16.30
N THR A 21 -39.48 5.95 -16.67
CA THR A 21 -38.31 5.13 -16.96
C THR A 21 -38.45 4.53 -18.35
N ILE A 22 -37.43 4.75 -19.19
CA ILE A 22 -37.36 4.17 -20.52
C ILE A 22 -36.11 3.33 -20.61
N THR A 23 -36.28 2.06 -20.99
CA THR A 23 -35.16 1.13 -21.05
C THR A 23 -34.83 0.82 -22.50
N CYS A 24 -33.57 0.53 -22.76
CA CYS A 24 -33.17 0.05 -24.09
C CYS A 24 -31.99 -0.90 -23.94
N ARG A 25 -32.04 -1.98 -24.71
CA ARG A 25 -31.13 -3.10 -24.58
C ARG A 25 -30.33 -3.26 -25.87
N ALA A 26 -29.02 -3.43 -25.73
CA ALA A 26 -28.16 -3.64 -26.88
C ALA A 26 -28.14 -5.11 -27.26
N SER A 27 -28.10 -5.39 -28.57
CA SER A 27 -28.07 -6.77 -29.03
C SER A 27 -26.82 -7.49 -28.54
N GLN A 28 -25.66 -6.83 -28.60
CA GLN A 28 -24.44 -7.38 -28.06
C GLN A 28 -23.79 -6.39 -27.11
N SER A 29 -22.55 -6.66 -26.69
CA SER A 29 -21.91 -5.86 -25.66
C SER A 29 -21.47 -4.51 -26.21
N VAL A 30 -21.90 -3.43 -25.54
CA VAL A 30 -21.38 -2.09 -25.77
C VAL A 30 -20.88 -1.56 -24.44
N SER A 31 -19.64 -1.06 -24.43
CA SER A 31 -18.95 -0.70 -23.19
C SER A 31 -19.37 0.70 -22.74
N SER A 32 -20.61 0.81 -22.29
CA SER A 32 -21.19 2.02 -21.71
C SER A 32 -21.18 3.20 -22.65
N ALA A 33 -20.90 2.98 -23.94
CA ALA A 33 -20.89 4.06 -24.92
C ALA A 33 -22.28 4.26 -25.54
N VAL A 34 -23.22 4.62 -24.67
CA VAL A 34 -24.62 4.81 -25.04
C VAL A 34 -25.04 6.23 -24.66
N ALA A 35 -25.66 6.92 -25.60
CA ALA A 35 -26.13 8.28 -25.41
C ALA A 35 -27.64 8.32 -25.54
N TRP A 36 -28.24 9.34 -24.92
CA TRP A 36 -29.68 9.56 -24.90
C TRP A 36 -29.98 10.95 -25.43
N TYR A 37 -30.86 11.02 -26.43
CA TYR A 37 -31.29 12.27 -27.04
C TYR A 37 -32.80 12.41 -26.93
N GLN A 38 -33.26 13.65 -26.99
CA GLN A 38 -34.68 13.96 -27.09
C GLN A 38 -34.93 14.81 -28.32
N GLN A 39 -36.11 14.62 -28.92
CA GLN A 39 -36.49 15.30 -30.15
C GLN A 39 -37.96 15.69 -30.07
N LYS A 40 -38.23 16.98 -30.14
CA LYS A 40 -39.58 17.48 -30.28
C LYS A 40 -39.99 17.44 -31.75
N PRO A 41 -41.29 17.39 -32.04
CA PRO A 41 -41.73 17.23 -33.43
C PRO A 41 -41.28 18.39 -34.31
N GLY A 42 -40.60 18.06 -35.40
CA GLY A 42 -40.17 19.04 -36.38
C GLY A 42 -38.82 19.69 -36.10
N LYS A 43 -38.18 19.37 -34.99
CA LYS A 43 -36.92 19.99 -34.61
C LYS A 43 -35.81 18.95 -34.52
N ALA A 44 -34.57 19.44 -34.53
CA ALA A 44 -33.42 18.56 -34.46
C ALA A 44 -33.31 17.95 -33.06
N PRO A 45 -32.76 16.74 -32.95
CA PRO A 45 -32.60 16.12 -31.64
C PRO A 45 -31.64 16.91 -30.76
N LYS A 46 -31.89 16.86 -29.45
CA LYS A 46 -31.06 17.54 -28.47
C LYS A 46 -30.45 16.51 -27.54
N LEU A 47 -29.13 16.55 -27.39
CA LEU A 47 -28.44 15.58 -26.56
C LEU A 47 -28.77 15.81 -25.10
N LEU A 48 -29.02 14.71 -24.37
CA LEU A 48 -29.27 14.77 -22.95
C LEU A 48 -28.23 14.03 -22.14
N ILE A 49 -27.93 12.78 -22.48
CA ILE A 49 -27.04 11.93 -21.69
C ILE A 49 -25.96 11.36 -22.59
N TYR A 50 -24.73 11.33 -22.08
CA TYR A 50 -23.64 10.65 -22.76
C TYR A 50 -22.90 9.78 -21.75
N SER A 51 -22.26 8.73 -22.26
CA SER A 51 -21.60 7.69 -21.47
C SER A 51 -22.57 6.91 -20.59
N ALA A 52 -23.88 7.06 -20.83
CA ALA A 52 -24.95 6.31 -20.18
C ALA A 52 -25.14 6.69 -18.72
N SER A 53 -24.25 7.50 -18.18
CA SER A 53 -24.39 8.02 -16.83
C SER A 53 -24.17 9.52 -16.74
N SER A 54 -23.25 10.08 -17.52
CA SER A 54 -22.91 11.48 -17.41
C SER A 54 -24.04 12.36 -17.93
N LEU A 55 -24.18 13.53 -17.33
CA LEU A 55 -25.22 14.49 -17.68
C LEU A 55 -24.62 15.62 -18.51
N TYR A 56 -25.19 15.87 -19.68
CA TYR A 56 -24.69 16.92 -20.55
C TYR A 56 -24.88 18.30 -19.93
N SER A 57 -24.01 19.22 -20.30
CA SER A 57 -24.04 20.57 -19.75
C SER A 57 -25.27 21.31 -20.27
N GLY A 58 -26.03 21.91 -19.36
CA GLY A 58 -27.16 22.75 -19.69
C GLY A 58 -28.51 22.07 -19.57
N VAL A 59 -28.56 20.75 -19.56
CA VAL A 59 -29.83 20.03 -19.43
C VAL A 59 -30.22 20.00 -17.95
N PRO A 60 -31.51 19.93 -17.63
CA PRO A 60 -31.91 19.90 -16.22
C PRO A 60 -31.43 18.65 -15.51
N SER A 61 -31.23 18.77 -14.20
CA SER A 61 -30.72 17.67 -13.39
C SER A 61 -31.73 16.56 -13.17
N ARG A 62 -33.00 16.75 -13.56
CA ARG A 62 -34.00 15.71 -13.34
C ARG A 62 -33.71 14.47 -14.18
N PHE A 63 -33.10 14.63 -15.35
CA PHE A 63 -32.73 13.49 -16.16
C PHE A 63 -31.61 12.70 -15.49
N SER A 64 -31.73 11.38 -15.52
CA SER A 64 -30.70 10.50 -14.97
C SER A 64 -30.54 9.29 -15.88
N GLY A 65 -29.36 8.73 -15.90
CA GLY A 65 -29.08 7.55 -16.71
C GLY A 65 -28.36 6.49 -15.90
N SER A 66 -28.76 5.24 -16.13
CA SER A 66 -28.18 4.11 -15.42
C SER A 66 -27.90 2.99 -16.40
N ARG A 67 -26.93 2.14 -16.07
CA ARG A 67 -26.54 1.01 -16.90
C ARG A 67 -26.38 -0.23 -16.05
N SER A 68 -26.94 -1.33 -16.53
CA SER A 68 -26.78 -2.64 -15.90
C SER A 68 -26.53 -3.65 -17.01
N GLY A 69 -25.27 -4.05 -17.17
CA GLY A 69 -24.90 -4.96 -18.23
C GLY A 69 -25.11 -4.35 -19.60
N THR A 70 -26.12 -4.83 -20.32
CA THR A 70 -26.49 -4.27 -21.62
C THR A 70 -27.86 -3.60 -21.58
N ASP A 71 -28.33 -3.22 -20.40
CA ASP A 71 -29.61 -2.54 -20.26
C ASP A 71 -29.35 -1.11 -19.80
N PHE A 72 -29.83 -0.14 -20.57
CA PHE A 72 -29.59 1.27 -20.29
C PHE A 72 -30.93 1.94 -20.03
N THR A 73 -31.06 2.60 -18.88
CA THR A 73 -32.32 3.20 -18.46
C THR A 73 -32.17 4.70 -18.31
N LEU A 74 -33.08 5.44 -18.92
CA LEU A 74 -33.20 6.88 -18.73
C LEU A 74 -34.41 7.15 -17.86
N THR A 75 -34.20 7.90 -16.78
CA THR A 75 -35.25 8.20 -15.80
C THR A 75 -35.45 9.70 -15.69
N ILE A 76 -36.69 10.14 -15.86
CA ILE A 76 -37.11 11.50 -15.51
C ILE A 76 -37.76 11.42 -14.14
N SER A 77 -37.13 12.05 -13.15
CA SER A 77 -37.65 12.01 -11.78
C SER A 77 -39.00 12.70 -11.67
N SER A 78 -39.14 13.87 -12.30
CA SER A 78 -40.39 14.61 -12.24
C SER A 78 -40.59 15.28 -13.60
N LEU A 79 -41.64 14.87 -14.30
CA LEU A 79 -41.91 15.41 -15.62
C LEU A 79 -42.25 16.89 -15.55
N GLN A 80 -42.14 17.55 -16.69
CA GLN A 80 -42.45 18.97 -16.84
C GLN A 80 -43.26 19.13 -18.12
N PRO A 81 -44.00 20.23 -18.26
CA PRO A 81 -44.73 20.47 -19.52
C PRO A 81 -43.83 20.55 -20.74
N GLU A 82 -42.53 20.78 -20.55
CA GLU A 82 -41.58 20.88 -21.65
C GLU A 82 -40.73 19.62 -21.81
N ASP A 83 -41.21 18.48 -21.31
CA ASP A 83 -40.47 17.23 -21.38
C ASP A 83 -41.25 16.14 -22.10
N PHE A 84 -42.14 16.53 -23.00
CA PHE A 84 -42.94 15.58 -23.78
C PHE A 84 -42.39 15.56 -25.21
N ALA A 85 -41.54 14.58 -25.49
CA ALA A 85 -40.90 14.47 -26.80
C ALA A 85 -40.44 13.02 -26.98
N THR A 86 -39.94 12.73 -28.18
CA THR A 86 -39.43 11.39 -28.46
C THR A 86 -38.03 11.24 -27.91
N TYR A 87 -37.71 10.05 -27.40
CA TYR A 87 -36.42 9.78 -26.78
C TYR A 87 -35.72 8.66 -27.51
N TYR A 88 -34.43 8.84 -27.80
CA TYR A 88 -33.65 7.93 -28.62
C TYR A 88 -32.38 7.50 -27.90
N CYS A 89 -32.11 6.20 -27.90
CA CYS A 89 -30.79 5.68 -27.55
C CYS A 89 -29.86 5.75 -28.77
N GLN A 90 -28.56 5.73 -28.48
CA GLN A 90 -27.57 5.57 -29.52
C GLN A 90 -26.38 4.82 -28.93
N GLN A 91 -25.90 3.81 -29.65
CA GLN A 91 -24.69 3.09 -29.27
C GLN A 91 -23.54 3.57 -30.15
N SER A 92 -22.40 3.86 -29.53
CA SER A 92 -21.24 4.37 -30.25
C SER A 92 -20.00 3.52 -29.95
N SER A 93 -20.20 2.25 -29.59
CA SER A 93 -19.07 1.37 -29.33
C SER A 93 -18.23 1.15 -30.58
N SER A 94 -18.88 0.95 -31.72
CA SER A 94 -18.20 0.73 -32.99
C SER A 94 -18.36 1.94 -33.90
N SER A 95 -17.59 1.94 -34.99
CA SER A 95 -17.68 3.02 -35.96
C SER A 95 -19.06 3.08 -36.63
N LEU A 96 -19.78 1.96 -36.68
CA LEU A 96 -21.15 1.94 -37.19
C LEU A 96 -22.07 2.18 -36.00
N ILE A 97 -22.56 3.41 -35.88
CA ILE A 97 -23.38 3.83 -34.75
C ILE A 97 -24.84 3.78 -35.14
N THR A 98 -25.67 3.23 -34.26
CA THR A 98 -27.08 3.00 -34.54
C THR A 98 -27.94 3.62 -33.44
N PHE A 99 -29.14 4.02 -33.81
CA PHE A 99 -30.11 4.60 -32.90
C PHE A 99 -31.19 3.60 -32.53
N GLY A 100 -31.91 3.91 -31.47
CA GLY A 100 -33.10 3.17 -31.12
C GLY A 100 -34.29 3.58 -31.97
N GLN A 101 -35.42 2.92 -31.74
CA GLN A 101 -36.63 3.21 -32.49
C GLN A 101 -37.43 4.37 -31.92
N GLY A 102 -37.09 4.84 -30.72
CA GLY A 102 -37.76 5.99 -30.15
C GLY A 102 -38.83 5.60 -29.16
N THR A 103 -39.11 6.51 -28.22
CA THR A 103 -40.14 6.32 -27.20
C THR A 103 -40.85 7.66 -27.00
N LYS A 104 -42.04 7.78 -27.57
CA LYS A 104 -42.82 8.99 -27.43
C LYS A 104 -43.39 9.09 -26.01
N VAL A 105 -43.28 10.27 -25.41
CA VAL A 105 -43.87 10.54 -24.11
C VAL A 105 -44.98 11.55 -24.30
N GLU A 106 -46.18 11.21 -23.85
CA GLU A 106 -47.36 12.02 -24.08
C GLU A 106 -48.16 12.17 -22.80
N ILE A 107 -48.97 13.22 -22.74
CA ILE A 107 -49.79 13.48 -21.56
C ILE A 107 -50.87 12.41 -21.42
N LYS A 108 -51.27 12.16 -20.18
CA LYS A 108 -52.29 11.16 -19.90
C LYS A 108 -53.57 11.81 -19.38
N ILE B 2 -15.50 33.69 -31.01
CA ILE B 2 -16.27 34.47 -31.97
C ILE B 2 -17.42 33.63 -32.51
N SER B 3 -18.65 34.08 -32.23
CA SER B 3 -19.89 33.46 -32.70
C SER B 3 -20.11 32.08 -32.08
N GLU B 4 -21.38 31.71 -31.94
CA GLU B 4 -21.72 30.40 -31.39
C GLU B 4 -21.59 29.32 -32.46
N VAL B 5 -21.61 28.07 -32.00
CA VAL B 5 -21.56 26.94 -32.93
C VAL B 5 -22.88 26.84 -33.68
N GLN B 6 -22.78 26.64 -34.99
CA GLN B 6 -23.99 26.57 -35.82
C GLN B 6 -23.70 25.71 -37.05
N LEU B 7 -24.57 24.74 -37.28
CA LEU B 7 -24.49 23.86 -38.45
C LEU B 7 -25.68 24.17 -39.34
N VAL B 8 -25.44 24.43 -40.62
CA VAL B 8 -26.49 24.81 -41.56
C VAL B 8 -26.47 23.84 -42.73
N GLU B 9 -27.59 23.17 -42.97
CA GLU B 9 -27.71 22.25 -44.09
C GLU B 9 -28.32 22.95 -45.28
N SER B 10 -27.94 22.49 -46.48
CA SER B 10 -28.47 23.04 -47.71
C SER B 10 -28.29 22.01 -48.82
N GLY B 11 -28.98 22.24 -49.93
CA GLY B 11 -28.91 21.37 -51.08
C GLY B 11 -30.04 20.36 -51.21
N GLY B 12 -30.85 20.20 -50.17
CA GLY B 12 -31.96 19.28 -50.25
C GLY B 12 -33.03 19.76 -51.21
N GLY B 13 -33.76 18.81 -51.77
CA GLY B 13 -34.82 19.13 -52.71
C GLY B 13 -35.30 17.89 -53.42
N LEU B 14 -36.33 18.10 -54.24
CA LEU B 14 -36.91 17.01 -55.01
C LEU B 14 -35.93 16.54 -56.07
N VAL B 15 -35.88 15.22 -56.29
CA VAL B 15 -34.96 14.62 -57.24
C VAL B 15 -35.56 13.31 -57.73
N GLN B 16 -35.32 13.01 -59.00
CA GLN B 16 -35.85 11.78 -59.59
C GLN B 16 -35.15 10.56 -59.01
N PRO B 17 -35.84 9.43 -58.93
CA PRO B 17 -35.18 8.18 -58.52
C PRO B 17 -34.05 7.83 -59.47
N GLY B 18 -32.96 7.32 -58.92
CA GLY B 18 -31.77 7.04 -59.69
C GLY B 18 -30.90 8.24 -59.99
N GLY B 19 -31.27 9.42 -59.49
CA GLY B 19 -30.50 10.62 -59.72
C GLY B 19 -29.35 10.77 -58.75
N SER B 20 -29.00 12.02 -58.45
CA SER B 20 -27.89 12.31 -57.56
C SER B 20 -27.93 13.78 -57.16
N LEU B 21 -27.59 14.06 -55.90
CA LEU B 21 -27.48 15.43 -55.43
C LEU B 21 -26.50 15.47 -54.28
N ARG B 22 -25.93 16.65 -54.05
CA ARG B 22 -24.92 16.84 -53.02
C ARG B 22 -25.47 17.76 -51.94
N LEU B 23 -25.51 17.25 -50.72
CA LEU B 23 -25.93 18.03 -49.56
C LEU B 23 -24.72 18.70 -48.94
N SER B 24 -24.83 19.99 -48.67
CA SER B 24 -23.73 20.79 -48.14
C SER B 24 -24.05 21.24 -46.72
N CYS B 25 -23.12 21.00 -45.80
CA CYS B 25 -23.26 21.36 -44.40
C CYS B 25 -22.19 22.38 -44.07
N ALA B 26 -22.61 23.63 -43.88
CA ALA B 26 -21.70 24.73 -43.54
C ALA B 26 -21.62 24.85 -42.02
N ALA B 27 -20.40 24.93 -41.51
CA ALA B 27 -20.15 25.01 -40.08
C ALA B 27 -19.58 26.38 -39.73
N SER B 28 -20.20 27.05 -38.77
CA SER B 28 -19.73 28.33 -38.28
C SER B 28 -19.50 28.25 -36.78
N GLY B 29 -18.41 28.86 -36.33
CA GLY B 29 -18.06 28.87 -34.93
C GLY B 29 -17.02 27.85 -34.52
N PHE B 30 -16.69 26.91 -35.38
CA PHE B 30 -15.65 25.93 -35.06
C PHE B 30 -14.97 25.48 -36.34
N ASN B 31 -13.77 24.92 -36.18
CA ASN B 31 -13.03 24.35 -37.30
C ASN B 31 -13.41 22.88 -37.46
N VAL B 32 -13.80 22.51 -38.68
CA VAL B 32 -14.22 21.15 -38.95
C VAL B 32 -13.08 20.15 -38.81
N SER B 33 -11.82 20.63 -38.80
CA SER B 33 -10.69 19.72 -38.72
C SER B 33 -10.54 19.12 -37.33
N TYR B 34 -11.00 19.80 -36.29
CA TYR B 34 -10.81 19.35 -34.93
C TYR B 34 -11.96 18.50 -34.40
N TYR B 35 -12.97 18.21 -35.23
CA TYR B 35 -14.12 17.43 -34.79
C TYR B 35 -14.56 16.49 -35.89
N SER B 36 -15.54 15.64 -35.56
CA SER B 36 -16.12 14.69 -36.49
C SER B 36 -17.53 15.12 -36.86
N ILE B 37 -17.87 14.97 -38.13
CA ILE B 37 -19.15 15.42 -38.66
C ILE B 37 -19.96 14.21 -39.10
N HIS B 38 -21.17 14.08 -38.56
CA HIS B 38 -22.04 12.96 -38.88
C HIS B 38 -23.27 13.45 -39.64
N TRP B 39 -23.73 12.61 -40.55
CA TRP B 39 -25.00 12.80 -41.24
C TRP B 39 -25.98 11.75 -40.74
N VAL B 40 -27.14 12.19 -40.28
CA VAL B 40 -28.16 11.34 -39.69
C VAL B 40 -29.46 11.54 -40.47
N ARG B 41 -30.07 10.44 -40.89
CA ARG B 41 -31.27 10.45 -41.72
C ARG B 41 -32.49 10.14 -40.85
N GLN B 42 -33.61 10.80 -41.15
CA GLN B 42 -34.87 10.54 -40.46
C GLN B 42 -35.98 10.51 -41.49
N ALA B 43 -36.56 9.33 -41.71
CA ALA B 43 -37.65 9.19 -42.66
C ALA B 43 -38.91 9.88 -42.13
N PRO B 44 -39.82 10.27 -43.02
CA PRO B 44 -41.06 10.92 -42.57
C PRO B 44 -41.87 9.99 -41.66
N GLY B 45 -42.05 10.43 -40.41
CA GLY B 45 -42.76 9.64 -39.43
C GLY B 45 -42.07 8.36 -39.00
N LYS B 46 -40.74 8.37 -38.92
CA LYS B 46 -39.98 7.24 -38.42
C LYS B 46 -38.84 7.76 -37.55
N GLY B 47 -38.09 6.83 -36.96
CA GLY B 47 -37.00 7.21 -36.07
C GLY B 47 -35.74 7.63 -36.80
N LEU B 48 -34.77 8.08 -36.02
CA LEU B 48 -33.49 8.51 -36.57
C LEU B 48 -32.73 7.33 -37.15
N GLU B 49 -31.87 7.63 -38.11
CA GLU B 49 -31.03 6.61 -38.74
C GLU B 49 -29.72 7.26 -39.15
N TRP B 50 -28.63 6.85 -38.51
CA TRP B 50 -27.32 7.38 -38.84
C TRP B 50 -26.87 6.87 -40.20
N VAL B 51 -26.47 7.77 -41.08
CA VAL B 51 -26.16 7.41 -42.44
C VAL B 51 -24.67 7.57 -42.79
N ALA B 52 -23.99 8.57 -42.23
CA ALA B 52 -22.59 8.75 -42.61
C ALA B 52 -21.81 9.45 -41.51
N SER B 53 -20.49 9.33 -41.58
CA SER B 53 -19.60 10.00 -40.63
C SER B 53 -18.25 10.26 -41.29
N ILE B 54 -17.69 11.44 -41.02
CA ILE B 54 -16.42 11.87 -41.58
C ILE B 54 -15.56 12.48 -40.48
N SER B 55 -14.26 12.22 -40.53
CA SER B 55 -13.28 12.84 -39.65
C SER B 55 -12.33 13.63 -40.55
N SER B 56 -12.48 14.96 -40.56
CA SER B 56 -11.74 15.79 -41.51
C SER B 56 -10.25 15.83 -41.22
N SER B 57 -9.83 15.58 -39.98
CA SER B 57 -8.41 15.62 -39.64
C SER B 57 -7.62 14.50 -40.31
N SER B 58 -8.28 13.42 -40.72
CA SER B 58 -7.60 12.29 -41.35
C SER B 58 -8.30 11.77 -42.59
N GLY B 59 -9.54 12.19 -42.87
CA GLY B 59 -10.27 11.67 -44.00
C GLY B 59 -10.89 10.32 -43.79
N SER B 60 -10.85 9.77 -42.57
CA SER B 60 -11.47 8.49 -42.29
C SER B 60 -12.98 8.61 -42.39
N THR B 61 -13.60 7.68 -43.11
CA THR B 61 -15.03 7.72 -43.36
C THR B 61 -15.70 6.49 -42.77
N SER B 62 -16.99 6.62 -42.48
CA SER B 62 -17.81 5.51 -42.02
C SER B 62 -19.19 5.64 -42.64
N TYR B 63 -19.72 4.52 -43.13
CA TYR B 63 -21.02 4.50 -43.78
C TYR B 63 -21.89 3.40 -43.19
N ALA B 64 -23.19 3.65 -43.18
CA ALA B 64 -24.14 2.62 -42.79
C ALA B 64 -24.23 1.55 -43.88
N ASP B 65 -24.63 0.35 -43.47
CA ASP B 65 -24.75 -0.76 -44.42
C ASP B 65 -25.80 -0.48 -45.49
N SER B 66 -26.84 0.28 -45.14
CA SER B 66 -27.90 0.58 -46.10
C SER B 66 -27.43 1.45 -47.25
N VAL B 67 -26.38 2.25 -47.06
CA VAL B 67 -25.91 3.18 -48.07
C VAL B 67 -24.46 2.94 -48.47
N LYS B 68 -23.88 1.82 -48.04
CA LYS B 68 -22.49 1.52 -48.39
C LYS B 68 -22.35 1.38 -49.91
N GLY B 69 -21.34 2.05 -50.46
CA GLY B 69 -21.09 2.01 -51.89
C GLY B 69 -21.86 3.02 -52.70
N ARG B 70 -22.87 3.67 -52.13
CA ARG B 70 -23.67 4.66 -52.83
C ARG B 70 -23.37 6.08 -52.38
N PHE B 71 -23.48 6.36 -51.08
CA PHE B 71 -23.22 7.70 -50.57
C PHE B 71 -21.72 7.92 -50.41
N THR B 72 -21.29 9.15 -50.66
CA THR B 72 -19.89 9.52 -50.53
C THR B 72 -19.79 10.78 -49.67
N ILE B 73 -19.13 10.67 -48.53
CA ILE B 73 -19.01 11.79 -47.60
C ILE B 73 -17.60 12.36 -47.70
N SER B 74 -17.51 13.68 -47.61
CA SER B 74 -16.22 14.36 -47.70
C SER B 74 -16.30 15.67 -46.92
N ALA B 75 -15.14 16.30 -46.74
CA ALA B 75 -15.08 17.57 -46.03
C ALA B 75 -13.89 18.36 -46.53
N ASP B 76 -14.06 19.68 -46.60
CA ASP B 76 -12.98 20.57 -47.00
C ASP B 76 -12.80 21.66 -45.94
N THR B 77 -11.58 21.77 -45.43
CA THR B 77 -11.28 22.77 -44.41
C THR B 77 -11.13 24.16 -45.00
N SER B 78 -10.74 24.26 -46.28
CA SER B 78 -10.59 25.57 -46.90
C SER B 78 -11.91 26.33 -46.92
N LYS B 79 -13.00 25.65 -47.27
CA LYS B 79 -14.33 26.23 -47.17
C LYS B 79 -14.99 25.94 -45.83
N ASN B 80 -14.37 25.11 -44.99
CA ASN B 80 -14.93 24.71 -43.69
C ASN B 80 -16.35 24.16 -43.89
N THR B 81 -16.43 23.08 -44.67
CA THR B 81 -17.72 22.56 -45.09
C THR B 81 -17.66 21.04 -45.17
N ALA B 82 -18.81 20.41 -45.02
CA ALA B 82 -18.96 18.97 -45.22
C ALA B 82 -19.92 18.73 -46.39
N TYR B 83 -19.70 17.62 -47.10
CA TYR B 83 -20.50 17.31 -48.27
C TYR B 83 -20.90 15.84 -48.23
N LEU B 84 -22.14 15.56 -48.63
CA LEU B 84 -22.65 14.20 -48.78
C LEU B 84 -23.23 14.08 -50.18
N GLN B 85 -22.53 13.35 -51.05
CA GLN B 85 -22.98 13.12 -52.42
C GLN B 85 -23.79 11.83 -52.46
N MET B 86 -25.01 11.92 -52.97
CA MET B 86 -25.96 10.81 -52.98
C MET B 86 -26.31 10.51 -54.43
N ASN B 87 -25.89 9.34 -54.92
CA ASN B 87 -26.19 8.88 -56.26
C ASN B 87 -26.78 7.49 -56.19
N SER B 88 -27.34 7.03 -57.30
CA SER B 88 -28.13 5.80 -57.35
C SER B 88 -29.23 5.84 -56.28
N LEU B 89 -29.89 6.98 -56.19
CA LEU B 89 -30.77 7.27 -55.07
C LEU B 89 -32.11 6.57 -55.24
N ARG B 90 -32.54 5.87 -54.20
CA ARG B 90 -33.78 5.10 -54.22
C ARG B 90 -34.93 5.92 -53.65
N ALA B 91 -36.14 5.38 -53.81
CA ALA B 91 -37.33 6.06 -53.29
C ALA B 91 -37.45 5.95 -51.78
N GLU B 92 -36.75 5.00 -51.16
CA GLU B 92 -36.75 4.86 -49.72
C GLU B 92 -35.93 5.93 -49.01
N ASP B 93 -35.08 6.64 -49.75
CA ASP B 93 -34.16 7.60 -49.15
C ASP B 93 -34.79 8.97 -48.90
N THR B 94 -36.05 9.17 -49.29
CA THR B 94 -36.72 10.43 -48.99
C THR B 94 -36.86 10.60 -47.48
N ALA B 95 -36.31 11.69 -46.95
CA ALA B 95 -36.19 11.87 -45.51
C ALA B 95 -35.59 13.25 -45.25
N VAL B 96 -35.56 13.61 -43.97
CA VAL B 96 -34.88 14.83 -43.52
C VAL B 96 -33.50 14.45 -43.02
N TYR B 97 -32.48 15.16 -43.49
CA TYR B 97 -31.09 14.89 -43.16
C TYR B 97 -30.58 15.96 -42.20
N TYR B 98 -29.88 15.52 -41.16
CA TYR B 98 -29.28 16.40 -40.17
C TYR B 98 -27.77 16.23 -40.19
N CYS B 99 -27.06 17.36 -40.08
CA CYS B 99 -25.61 17.38 -40.00
C CYS B 99 -25.24 17.76 -38.57
N ALA B 100 -24.60 16.84 -37.86
CA ALA B 100 -24.29 17.01 -36.45
C ALA B 100 -22.79 16.93 -36.23
N ARG B 101 -22.35 17.52 -35.12
CA ARG B 101 -20.96 17.52 -34.71
C ARG B 101 -20.80 16.64 -33.47
N SER B 102 -19.81 15.76 -33.50
CA SER B 102 -19.60 14.83 -32.40
C SER B 102 -18.22 15.01 -31.80
N TYR B 103 -18.12 14.70 -30.51
CA TYR B 103 -16.86 14.74 -29.78
C TYR B 103 -16.66 13.41 -29.07
N TRP B 104 -15.40 12.96 -29.05
CA TRP B 104 -15.08 11.68 -28.41
C TRP B 104 -14.93 11.87 -26.90
N TYR B 105 -15.38 10.87 -26.15
CA TYR B 105 -15.16 10.82 -24.71
C TYR B 105 -14.60 9.46 -24.36
N TYR B 106 -14.07 9.35 -23.14
CA TYR B 106 -13.30 8.19 -22.72
C TYR B 106 -14.03 7.48 -21.59
N ILE B 107 -14.17 6.16 -21.72
CA ILE B 107 -14.78 5.33 -20.70
C ILE B 107 -13.75 4.42 -20.04
N TRP B 108 -13.12 3.55 -20.82
CA TRP B 108 -11.97 2.76 -20.38
C TRP B 108 -10.85 2.95 -21.38
N SER B 109 -9.66 2.45 -21.03
CA SER B 109 -8.50 2.62 -21.89
C SER B 109 -8.66 1.97 -23.25
N TYR B 110 -9.58 1.00 -23.37
CA TYR B 110 -9.81 0.31 -24.64
C TYR B 110 -11.06 0.79 -25.36
N SER B 111 -11.94 1.53 -24.68
CA SER B 111 -13.25 1.88 -25.22
C SER B 111 -13.40 3.38 -25.29
N TYR B 112 -13.96 3.86 -26.40
CA TYR B 112 -14.29 5.26 -26.61
C TYR B 112 -15.72 5.37 -27.11
N GLY B 113 -16.23 6.59 -27.11
CA GLY B 113 -17.57 6.86 -27.62
C GLY B 113 -17.70 8.30 -28.03
N ASN B 114 -18.54 8.54 -29.03
CA ASN B 114 -18.77 9.88 -29.55
C ASN B 114 -20.21 10.30 -29.29
N ALA B 115 -20.39 11.56 -28.93
CA ALA B 115 -21.71 12.12 -28.66
C ALA B 115 -21.90 13.37 -29.51
N MET B 116 -23.09 13.50 -30.09
CA MET B 116 -23.36 14.56 -31.06
C MET B 116 -23.82 15.82 -30.33
N ASP B 117 -22.93 16.81 -30.23
CA ASP B 117 -23.22 18.01 -29.47
C ASP B 117 -24.29 18.87 -30.14
N TYR B 118 -24.01 19.36 -31.34
CA TYR B 118 -24.86 20.31 -32.03
C TYR B 118 -25.31 19.74 -33.36
N TRP B 119 -26.61 19.85 -33.63
CA TRP B 119 -27.22 19.39 -34.86
C TRP B 119 -27.66 20.59 -35.69
N GLY B 120 -27.78 20.37 -36.99
CA GLY B 120 -28.26 21.41 -37.90
C GLY B 120 -29.78 21.43 -38.01
N GLN B 121 -30.25 22.35 -38.84
CA GLN B 121 -31.70 22.46 -39.06
C GLN B 121 -32.25 21.22 -39.74
N GLY B 122 -31.53 20.68 -40.72
CA GLY B 122 -31.98 19.51 -41.44
C GLY B 122 -32.71 19.86 -42.71
N THR B 123 -32.35 19.23 -43.82
CA THR B 123 -32.95 19.50 -45.12
C THR B 123 -33.76 18.29 -45.59
N LEU B 124 -34.91 18.55 -46.18
CA LEU B 124 -35.81 17.49 -46.64
C LEU B 124 -35.49 17.13 -48.09
N VAL B 125 -35.27 15.85 -48.34
CA VAL B 125 -35.02 15.34 -49.68
C VAL B 125 -36.14 14.38 -50.04
N THR B 126 -36.82 14.65 -51.14
CA THR B 126 -37.95 13.86 -51.59
C THR B 126 -37.60 13.16 -52.90
N VAL B 127 -37.77 11.84 -52.92
CA VAL B 127 -37.51 11.02 -54.09
C VAL B 127 -38.81 10.36 -54.49
N SER B 128 -39.38 10.80 -55.61
CA SER B 128 -40.66 10.30 -56.09
C SER B 128 -40.81 10.72 -57.55
N SER B 129 -42.00 10.48 -58.10
CA SER B 129 -42.33 10.83 -59.49
C SER B 129 -41.35 10.21 -60.47
N LEU C 39 7.91 -36.05 -28.62
CA LEU C 39 6.82 -35.15 -28.99
C LEU C 39 5.52 -35.60 -28.34
N VAL C 40 5.05 -34.81 -27.38
CA VAL C 40 3.80 -35.10 -26.66
C VAL C 40 2.93 -33.85 -26.68
N TYR C 41 1.63 -34.06 -26.87
CA TYR C 41 0.67 -32.96 -26.91
C TYR C 41 0.09 -32.80 -25.51
N THR C 42 0.43 -31.68 -24.85
CA THR C 42 0.08 -31.47 -23.45
C THR C 42 -1.39 -31.08 -23.26
N GLY C 43 -2.03 -30.54 -24.29
CA GLY C 43 -3.38 -30.04 -24.16
C GLY C 43 -4.44 -31.11 -24.02
N LYS C 44 -5.69 -30.77 -24.33
CA LYS C 44 -6.81 -31.69 -24.19
C LYS C 44 -7.73 -31.72 -25.40
N TYR C 45 -7.46 -30.92 -26.44
CA TYR C 45 -8.29 -30.86 -27.64
C TYR C 45 -7.68 -31.77 -28.69
N ARG C 46 -8.37 -32.88 -29.00
CA ARG C 46 -7.89 -33.82 -30.00
C ARG C 46 -9.03 -34.36 -30.87
N GLU C 47 -10.18 -33.69 -30.89
CA GLU C 47 -11.35 -34.25 -31.56
C GLU C 47 -11.16 -34.34 -33.07
N ASP C 48 -10.73 -33.25 -33.70
CA ASP C 48 -10.67 -33.19 -35.16
C ASP C 48 -9.32 -32.63 -35.60
N PHE C 49 -9.00 -32.87 -36.87
CA PHE C 49 -7.76 -32.39 -37.47
C PHE C 49 -7.99 -32.18 -38.97
N GLU C 50 -7.53 -31.04 -39.48
CA GLU C 50 -7.63 -30.75 -40.90
C GLU C 50 -6.60 -29.70 -41.25
N ILE C 51 -6.35 -29.55 -42.56
CA ILE C 51 -5.36 -28.62 -43.07
C ILE C 51 -6.04 -27.66 -44.05
N GLU C 52 -5.69 -26.39 -43.95
CA GLU C 52 -6.24 -25.35 -44.82
C GLU C 52 -5.10 -24.61 -45.51
N VAL C 53 -5.30 -24.24 -46.78
CA VAL C 53 -4.25 -23.56 -47.54
C VAL C 53 -4.87 -22.37 -48.27
N MET C 54 -4.27 -21.19 -48.08
CA MET C 54 -4.57 -19.96 -48.81
C MET C 54 -3.30 -19.55 -49.56
N ASN C 55 -3.31 -19.68 -50.89
CA ASN C 55 -2.18 -19.25 -51.71
C ASN C 55 -2.64 -18.08 -52.56
N TYR C 56 -2.27 -16.87 -52.17
CA TYR C 56 -2.77 -15.66 -52.81
C TYR C 56 -1.63 -14.86 -53.41
N SER C 57 -1.94 -14.16 -54.49
CA SER C 57 -1.01 -13.23 -55.13
C SER C 57 -1.83 -12.10 -55.75
N ILE C 58 -1.14 -11.21 -56.46
CA ILE C 58 -1.83 -10.11 -57.13
C ILE C 58 -2.75 -10.64 -58.22
N GLU C 59 -2.28 -11.63 -58.99
CA GLU C 59 -3.05 -12.10 -60.15
C GLU C 59 -4.29 -12.87 -59.71
N GLU C 60 -4.15 -13.81 -58.78
CA GLU C 60 -5.28 -14.63 -58.34
C GLU C 60 -4.91 -15.35 -57.05
N PHE C 61 -5.90 -16.02 -56.47
CA PHE C 61 -5.70 -16.79 -55.26
C PHE C 61 -6.35 -18.17 -55.41
N ARG C 62 -5.83 -19.13 -54.68
CA ARG C 62 -6.39 -20.47 -54.63
C ARG C 62 -6.48 -20.93 -53.18
N GLU C 63 -7.65 -21.44 -52.80
CA GLU C 63 -7.90 -21.93 -51.45
C GLU C 63 -8.30 -23.39 -51.51
N PHE C 64 -7.76 -24.20 -50.60
CA PHE C 64 -8.26 -25.56 -50.51
C PHE C 64 -8.10 -26.11 -49.10
N LYS C 65 -9.08 -26.89 -48.67
CA LYS C 65 -9.08 -27.57 -47.39
C LYS C 65 -8.85 -29.06 -47.65
N THR C 66 -7.73 -29.58 -47.16
CA THR C 66 -7.36 -30.98 -47.37
C THR C 66 -7.02 -31.61 -46.02
N THR C 67 -7.31 -32.91 -45.92
CA THR C 67 -7.03 -33.67 -44.71
C THR C 67 -5.80 -34.55 -44.85
N ASP C 68 -5.01 -34.35 -45.91
CA ASP C 68 -3.79 -35.12 -46.14
C ASP C 68 -2.57 -34.23 -46.02
N VAL C 69 -1.49 -34.80 -45.48
CA VAL C 69 -0.29 -34.01 -45.20
C VAL C 69 0.43 -33.61 -46.49
N GLU C 70 0.46 -34.51 -47.48
CA GLU C 70 1.39 -34.36 -48.60
C GLU C 70 1.12 -33.09 -49.40
N SER C 71 -0.16 -32.78 -49.64
CA SER C 71 -0.52 -31.74 -50.60
C SER C 71 0.06 -30.38 -50.26
N VAL C 72 0.48 -30.16 -49.02
CA VAL C 72 0.97 -28.85 -48.60
C VAL C 72 2.49 -28.72 -48.62
N LEU C 73 3.21 -29.83 -48.83
CA LEU C 73 4.68 -29.73 -48.83
C LEU C 73 5.25 -28.82 -49.92
N PRO C 74 4.85 -28.92 -51.19
CA PRO C 74 5.56 -28.16 -52.23
C PRO C 74 5.47 -26.66 -52.07
N PHE C 75 4.52 -26.15 -51.28
CA PHE C 75 4.24 -24.72 -51.23
C PHE C 75 5.39 -23.89 -50.66
N ARG C 76 6.40 -24.50 -50.04
CA ARG C 76 7.57 -23.73 -49.65
C ARG C 76 8.26 -23.13 -50.86
N ASP C 77 8.19 -23.80 -52.01
CA ASP C 77 8.88 -23.33 -53.21
C ASP C 77 8.16 -22.14 -53.84
N SER C 78 6.86 -22.00 -53.62
CA SER C 78 6.10 -20.95 -54.27
C SER C 78 6.59 -19.57 -53.83
N SER C 79 6.78 -18.68 -54.81
CA SER C 79 7.23 -17.33 -54.51
C SER C 79 6.10 -16.43 -54.04
N THR C 80 4.85 -16.82 -54.25
CA THR C 80 3.73 -16.03 -53.76
C THR C 80 3.51 -16.28 -52.28
N PRO C 81 3.00 -15.30 -51.55
CA PRO C 81 2.67 -15.51 -50.14
C PRO C 81 1.73 -16.70 -49.97
N THR C 82 2.01 -17.52 -48.97
CA THR C 82 1.26 -18.74 -48.71
C THR C 82 0.91 -18.81 -47.24
N TRP C 83 -0.30 -19.27 -46.94
CA TRP C 83 -0.81 -19.34 -45.57
C TRP C 83 -1.32 -20.76 -45.34
N ILE C 84 -0.54 -21.55 -44.61
CA ILE C 84 -0.93 -22.90 -44.22
C ILE C 84 -1.55 -22.83 -42.84
N ASN C 85 -2.49 -23.74 -42.57
CA ASN C 85 -3.19 -23.78 -41.29
C ASN C 85 -3.36 -25.24 -40.89
N ILE C 86 -2.64 -25.64 -39.85
CA ILE C 86 -2.74 -26.99 -39.28
C ILE C 86 -3.65 -26.89 -38.08
N THR C 87 -4.86 -27.46 -38.19
CA THR C 87 -5.85 -27.30 -37.14
C THR C 87 -5.53 -28.15 -35.91
N GLY C 88 -5.04 -29.38 -36.11
CA GLY C 88 -4.82 -30.27 -35.00
C GLY C 88 -3.37 -30.65 -34.77
N ILE C 89 -2.86 -30.39 -33.57
CA ILE C 89 -1.50 -30.76 -33.20
C ILE C 89 -1.44 -32.09 -32.47
N HIS C 90 -2.58 -32.60 -31.99
CA HIS C 90 -2.59 -33.93 -31.38
C HIS C 90 -2.10 -34.98 -32.36
N ARG C 91 -2.27 -34.73 -33.66
CA ARG C 91 -1.67 -35.56 -34.71
C ARG C 91 -0.20 -35.15 -34.82
N THR C 92 0.62 -35.75 -33.97
CA THR C 92 2.04 -35.40 -33.94
C THR C 92 2.75 -35.73 -35.24
N ASP C 93 2.25 -36.71 -35.99
CA ASP C 93 2.92 -37.12 -37.22
C ASP C 93 2.97 -36.00 -38.25
N VAL C 94 1.84 -35.32 -38.47
CA VAL C 94 1.78 -34.29 -39.50
C VAL C 94 2.63 -33.08 -39.11
N VAL C 95 2.55 -32.66 -37.85
CA VAL C 95 3.33 -31.50 -37.42
C VAL C 95 4.82 -31.82 -37.43
N GLN C 96 5.18 -33.06 -37.07
CA GLN C 96 6.58 -33.46 -37.16
C GLN C 96 7.07 -33.49 -38.60
N ARG C 97 6.25 -34.02 -39.52
CA ARG C 97 6.67 -34.07 -40.91
C ARG C 97 6.87 -32.67 -41.47
N VAL C 98 5.95 -31.75 -41.15
CA VAL C 98 6.12 -30.35 -41.53
C VAL C 98 7.39 -29.78 -40.91
N GLY C 99 7.69 -30.17 -39.66
CA GLY C 99 8.84 -29.63 -38.98
C GLY C 99 10.15 -29.99 -39.66
N GLU C 100 10.36 -31.29 -39.91
CA GLU C 100 11.60 -31.65 -40.62
C GLU C 100 11.55 -31.37 -42.11
N PHE C 101 10.39 -31.09 -42.70
CA PHE C 101 10.40 -30.72 -44.10
C PHE C 101 10.72 -29.24 -44.30
N PHE C 102 10.29 -28.38 -43.40
CA PHE C 102 10.56 -26.95 -43.47
C PHE C 102 11.90 -26.57 -42.85
N GLY C 103 12.64 -27.54 -42.31
CA GLY C 103 13.94 -27.27 -41.73
C GLY C 103 13.91 -26.41 -40.47
N ILE C 104 12.93 -26.65 -39.60
CA ILE C 104 12.83 -25.95 -38.32
C ILE C 104 13.25 -26.91 -37.21
N HIS C 105 13.98 -26.38 -36.23
CA HIS C 105 14.59 -27.20 -35.20
C HIS C 105 13.52 -27.91 -34.37
N PRO C 106 13.81 -29.13 -33.89
CA PRO C 106 12.81 -29.83 -33.05
C PRO C 106 12.48 -29.10 -31.76
N LEU C 107 13.32 -28.17 -31.31
CA LEU C 107 13.00 -27.42 -30.10
C LEU C 107 11.74 -26.58 -30.29
N VAL C 108 11.60 -25.93 -31.44
CA VAL C 108 10.37 -25.16 -31.65
C VAL C 108 9.19 -26.10 -31.86
N LEU C 109 9.43 -27.32 -32.33
CA LEU C 109 8.36 -28.32 -32.37
C LEU C 109 7.86 -28.62 -30.97
N GLU C 110 8.79 -28.89 -30.04
CA GLU C 110 8.40 -29.13 -28.66
C GLU C 110 7.69 -27.92 -28.08
N ASP C 111 8.10 -26.72 -28.48
CA ASP C 111 7.41 -25.50 -28.05
C ASP C 111 5.98 -25.46 -28.59
N ILE C 112 5.78 -25.85 -29.85
CA ILE C 112 4.44 -25.86 -30.43
C ILE C 112 3.55 -26.84 -29.68
N LEU C 113 4.05 -28.05 -29.43
CA LEU C 113 3.25 -29.03 -28.69
C LEU C 113 3.13 -28.70 -27.21
N ASN C 114 3.94 -27.77 -26.69
CA ASN C 114 3.81 -27.33 -25.30
C ASN C 114 2.68 -26.33 -25.22
N VAL C 115 1.48 -26.83 -24.90
CA VAL C 115 0.30 -25.99 -24.88
C VAL C 115 0.37 -25.00 -23.73
N HIS C 116 0.84 -25.45 -22.55
CA HIS C 116 0.94 -24.58 -21.38
C HIS C 116 2.21 -23.73 -21.45
N GLN C 117 2.28 -22.89 -22.47
CA GLN C 117 3.45 -22.07 -22.74
C GLN C 117 3.04 -20.62 -22.84
N ARG C 118 3.88 -19.73 -22.29
CA ARG C 118 3.62 -18.30 -22.36
C ARG C 118 3.74 -17.83 -23.82
N PRO C 119 3.04 -16.77 -24.18
CA PRO C 119 3.31 -16.13 -25.48
C PRO C 119 4.76 -15.68 -25.54
N LYS C 120 5.40 -15.94 -26.68
CA LYS C 120 6.82 -15.65 -26.79
C LYS C 120 7.21 -15.55 -28.26
N VAL C 121 8.42 -15.04 -28.49
CA VAL C 121 8.94 -14.84 -29.84
C VAL C 121 10.38 -15.32 -29.90
N GLU C 122 10.73 -15.99 -31.00
CA GLU C 122 12.07 -16.49 -31.24
C GLU C 122 12.51 -16.06 -32.63
N PHE C 123 13.70 -15.48 -32.71
CA PHE C 123 14.27 -15.00 -33.97
C PHE C 123 15.37 -15.94 -34.42
N PHE C 124 15.21 -16.51 -35.62
CA PHE C 124 16.20 -17.39 -36.22
C PHE C 124 16.56 -16.87 -37.60
N GLU C 125 17.50 -17.58 -38.25
CA GLU C 125 18.11 -17.04 -39.47
C GLU C 125 17.18 -17.16 -40.67
N ASN C 126 16.32 -18.17 -40.73
CA ASN C 126 15.45 -18.36 -41.87
C ASN C 126 13.97 -18.42 -41.53
N TYR C 127 13.59 -18.34 -40.26
CA TYR C 127 12.19 -18.38 -39.88
C TYR C 127 12.03 -17.79 -38.49
N VAL C 128 10.92 -17.08 -38.28
CA VAL C 128 10.61 -16.48 -36.99
C VAL C 128 9.44 -17.24 -36.37
N PHE C 129 9.53 -17.49 -35.07
CA PHE C 129 8.58 -18.31 -34.34
C PHE C 129 7.84 -17.47 -33.32
N ILE C 130 6.52 -17.62 -33.26
CA ILE C 130 5.68 -16.81 -32.36
C ILE C 130 4.64 -17.73 -31.72
N VAL C 131 4.46 -17.57 -30.41
CA VAL C 131 3.45 -18.31 -29.66
C VAL C 131 2.51 -17.30 -29.02
N LEU C 132 1.21 -17.41 -29.33
CA LEU C 132 0.19 -16.54 -28.79
C LEU C 132 -0.94 -17.39 -28.22
N LYS C 133 -1.86 -16.73 -27.53
CA LYS C 133 -3.00 -17.40 -26.91
C LYS C 133 -4.29 -16.70 -27.32
N MET C 134 -5.22 -17.46 -27.91
CA MET C 134 -6.56 -16.95 -28.10
C MET C 134 -7.35 -17.08 -26.79
N PHE C 135 -8.60 -16.63 -26.82
CA PHE C 135 -9.44 -16.72 -25.64
C PHE C 135 -10.90 -16.85 -26.08
N THR C 136 -11.69 -17.49 -25.23
CA THR C 136 -13.12 -17.65 -25.47
C THR C 136 -13.86 -17.45 -24.15
N TYR C 137 -14.85 -16.57 -24.15
CA TYR C 137 -15.60 -16.24 -22.95
C TYR C 137 -17.08 -16.41 -23.22
N ASP C 138 -17.76 -17.12 -22.34
CA ASP C 138 -19.20 -17.33 -22.43
C ASP C 138 -19.84 -16.85 -21.13
N LYS C 139 -20.84 -15.98 -21.24
CA LYS C 139 -21.45 -15.38 -20.06
C LYS C 139 -22.56 -16.25 -19.49
N ASN C 140 -22.26 -17.54 -19.33
CA ASN C 140 -23.13 -18.48 -18.62
C ASN C 140 -22.38 -19.30 -17.58
N LEU C 141 -21.14 -19.69 -17.88
CA LEU C 141 -20.30 -20.42 -16.94
C LEU C 141 -19.17 -19.57 -16.36
N HIS C 142 -18.90 -18.41 -16.95
CA HIS C 142 -17.87 -17.49 -16.47
C HIS C 142 -16.50 -18.17 -16.43
N GLU C 143 -16.16 -18.84 -17.53
CA GLU C 143 -14.87 -19.50 -17.68
C GLU C 143 -14.09 -18.88 -18.82
N LEU C 144 -12.77 -18.90 -18.70
CA LEU C 144 -11.87 -18.32 -19.70
C LEU C 144 -10.89 -19.41 -20.12
N GLU C 145 -11.12 -19.99 -21.30
CA GLU C 145 -10.29 -21.05 -21.84
C GLU C 145 -9.39 -20.49 -22.94
N SER C 146 -8.10 -20.83 -22.88
CA SER C 146 -7.11 -20.33 -23.80
C SER C 146 -6.65 -21.45 -24.73
N GLU C 147 -6.65 -21.17 -26.03
CA GLU C 147 -6.19 -22.11 -27.05
C GLU C 147 -4.92 -21.52 -27.67
N GLN C 148 -3.79 -22.17 -27.42
CA GLN C 148 -2.52 -21.67 -27.91
C GLN C 148 -2.41 -21.81 -29.43
N VAL C 149 -1.84 -20.80 -30.07
CA VAL C 149 -1.65 -20.78 -31.52
C VAL C 149 -0.20 -20.42 -31.81
N SER C 150 0.42 -21.18 -32.70
CA SER C 150 1.81 -20.95 -33.09
C SER C 150 1.87 -20.47 -34.53
N LEU C 151 2.68 -19.44 -34.77
CA LEU C 151 2.89 -18.87 -36.09
C LEU C 151 4.37 -18.96 -36.43
N ILE C 152 4.68 -19.63 -37.56
CA ILE C 152 6.05 -19.73 -38.05
C ILE C 152 6.11 -19.03 -39.39
N LEU C 153 6.88 -17.97 -39.49
CA LEU C 153 7.02 -17.22 -40.73
C LEU C 153 8.34 -17.57 -41.38
N THR C 154 8.26 -18.15 -42.59
CA THR C 154 9.41 -18.41 -43.43
C THR C 154 9.27 -17.58 -44.70
N LYS C 155 10.31 -17.62 -45.53
CA LYS C 155 10.34 -16.81 -46.73
C LYS C 155 9.10 -17.05 -47.58
N ASN C 156 8.25 -16.02 -47.69
CA ASN C 156 7.04 -16.05 -48.50
C ASN C 156 6.04 -17.12 -48.06
N CYS C 157 6.01 -17.47 -46.78
CA CYS C 157 4.94 -18.33 -46.30
C CYS C 157 4.79 -18.24 -44.79
N VAL C 158 3.58 -18.49 -44.32
CA VAL C 158 3.21 -18.46 -42.91
C VAL C 158 2.53 -19.77 -42.55
N LEU C 159 2.97 -20.39 -41.46
CA LEU C 159 2.41 -21.63 -40.96
C LEU C 159 1.69 -21.37 -39.65
N MET C 160 0.45 -21.81 -39.55
CA MET C 160 -0.34 -21.70 -38.32
C MET C 160 -0.55 -23.09 -37.72
N PHE C 161 -0.46 -23.16 -36.39
CA PHE C 161 -0.70 -24.38 -35.65
C PHE C 161 -1.72 -24.05 -34.55
N GLN C 162 -2.90 -24.66 -34.63
CA GLN C 162 -4.00 -24.40 -33.71
C GLN C 162 -4.36 -25.69 -32.99
N GLU C 163 -5.48 -25.65 -32.25
CA GLU C 163 -5.95 -26.80 -31.49
C GLU C 163 -7.40 -27.17 -31.71
N LYS C 164 -8.26 -26.24 -32.14
CA LYS C 164 -9.69 -26.50 -32.20
C LYS C 164 -10.26 -25.93 -33.50
N ILE C 165 -11.39 -26.50 -33.93
CA ILE C 165 -12.13 -25.96 -35.06
C ILE C 165 -12.70 -24.60 -34.68
N GLY C 166 -12.46 -23.59 -35.51
CA GLY C 166 -12.95 -22.26 -35.23
C GLY C 166 -11.86 -21.35 -34.69
N ASP C 167 -11.79 -20.12 -35.19
CA ASP C 167 -10.75 -19.19 -34.77
C ASP C 167 -11.26 -17.77 -34.95
N VAL C 168 -10.33 -16.81 -34.86
CA VAL C 168 -10.66 -15.39 -34.92
C VAL C 168 -10.03 -14.71 -36.13
N PHE C 169 -9.43 -15.48 -37.04
CA PHE C 169 -8.81 -14.94 -38.24
C PHE C 169 -9.76 -14.94 -39.44
N ASP C 170 -11.07 -15.00 -39.19
CA ASP C 170 -12.03 -14.90 -40.28
C ASP C 170 -11.96 -13.58 -41.04
N PRO C 171 -11.84 -12.41 -40.40
CA PRO C 171 -11.70 -11.17 -41.19
C PRO C 171 -10.52 -11.19 -42.14
N VAL C 172 -9.40 -11.78 -41.73
CA VAL C 172 -8.25 -11.90 -42.63
C VAL C 172 -8.61 -12.78 -43.82
N ARG C 173 -9.34 -13.87 -43.57
CA ARG C 173 -9.76 -14.74 -44.66
C ARG C 173 -10.65 -14.01 -45.64
N GLU C 174 -11.60 -13.22 -45.14
CA GLU C 174 -12.48 -12.45 -46.01
C GLU C 174 -11.69 -11.40 -46.81
N ARG C 175 -10.74 -10.74 -46.16
CA ARG C 175 -9.92 -9.74 -46.84
C ARG C 175 -9.11 -10.38 -47.97
N ILE C 176 -8.55 -11.57 -47.72
CA ILE C 176 -7.80 -12.27 -48.76
C ILE C 176 -8.72 -12.68 -49.90
N ARG C 177 -9.91 -13.23 -49.56
CA ARG C 177 -10.79 -13.76 -50.59
C ARG C 177 -11.35 -12.66 -51.47
N TYR C 178 -11.87 -11.60 -50.88
CA TYR C 178 -12.59 -10.56 -51.62
C TYR C 178 -11.72 -9.38 -51.99
N ASN C 179 -10.41 -9.43 -51.69
CA ASN C 179 -9.47 -8.37 -52.08
C ASN C 179 -9.89 -7.01 -51.54
N ARG C 180 -10.43 -7.00 -50.31
CA ARG C 180 -10.90 -5.74 -49.74
C ARG C 180 -9.75 -4.82 -49.37
N GLY C 181 -8.71 -5.37 -48.73
CA GLY C 181 -7.59 -4.60 -48.24
C GLY C 181 -6.39 -4.65 -49.18
N ILE C 182 -5.25 -4.25 -48.63
CA ILE C 182 -3.99 -4.24 -49.37
C ILE C 182 -3.13 -5.47 -49.04
N ILE C 183 -3.72 -6.50 -48.42
CA ILE C 183 -2.96 -7.68 -48.05
C ILE C 183 -2.51 -8.44 -49.30
N ARG C 184 -3.31 -8.40 -50.36
CA ARG C 184 -2.98 -9.13 -51.58
C ARG C 184 -1.79 -8.54 -52.31
N LYS C 185 -1.42 -7.29 -52.03
CA LYS C 185 -0.31 -6.63 -52.69
C LYS C 185 0.96 -6.60 -51.84
N LYS C 186 1.00 -7.37 -50.76
CA LYS C 186 2.15 -7.37 -49.85
C LYS C 186 2.65 -8.80 -49.68
N ARG C 187 3.73 -8.94 -48.91
CA ARG C 187 4.36 -10.22 -48.69
C ARG C 187 3.78 -10.88 -47.43
N ALA C 188 4.37 -12.01 -47.02
CA ALA C 188 3.84 -12.76 -45.89
C ALA C 188 4.01 -12.03 -44.56
N ASP C 189 4.93 -11.07 -44.48
CA ASP C 189 5.07 -10.29 -43.26
C ASP C 189 3.80 -9.50 -42.95
N TYR C 190 3.18 -8.92 -43.98
CA TYR C 190 1.90 -8.25 -43.77
C TYR C 190 0.81 -9.25 -43.39
N LEU C 191 0.91 -10.49 -43.86
CA LEU C 191 -0.03 -11.52 -43.44
C LEU C 191 0.11 -11.81 -41.94
N LEU C 192 1.35 -11.91 -41.45
CA LEU C 192 1.57 -12.10 -40.02
C LEU C 192 1.04 -10.90 -39.24
N TYR C 193 1.26 -9.70 -39.75
CA TYR C 193 0.72 -8.50 -39.10
C TYR C 193 -0.80 -8.55 -39.02
N SER C 194 -1.45 -8.95 -40.11
CA SER C 194 -2.90 -9.03 -40.11
C SER C 194 -3.42 -10.07 -39.12
N LEU C 195 -2.75 -11.21 -39.04
CA LEU C 195 -3.14 -12.24 -38.09
C LEU C 195 -3.02 -11.74 -36.65
N ILE C 196 -1.90 -11.08 -36.33
CA ILE C 196 -1.71 -10.55 -34.98
C ILE C 196 -2.76 -9.47 -34.69
N ASP C 197 -3.07 -8.63 -35.67
CA ASP C 197 -4.08 -7.60 -35.48
C ASP C 197 -5.45 -8.21 -35.21
N ALA C 198 -5.80 -9.27 -35.94
CA ALA C 198 -7.07 -9.95 -35.70
C ALA C 198 -7.11 -10.54 -34.29
N LEU C 199 -6.00 -11.12 -33.84
CA LEU C 199 -5.94 -11.63 -32.48
C LEU C 199 -6.13 -10.52 -31.45
N VAL C 200 -5.53 -9.35 -31.69
CA VAL C 200 -5.71 -8.22 -30.78
C VAL C 200 -7.17 -7.75 -30.78
N ASP C 201 -7.82 -7.76 -31.95
CA ASP C 201 -9.23 -7.39 -32.00
C ASP C 201 -10.10 -8.36 -31.20
N ASP C 202 -9.79 -9.66 -31.29
CA ASP C 202 -10.50 -10.63 -30.46
C ASP C 202 -10.27 -10.36 -28.98
N TYR C 203 -9.05 -9.95 -28.62
CA TYR C 203 -8.79 -9.55 -27.24
C TYR C 203 -9.65 -8.36 -26.82
N PHE C 204 -9.83 -7.41 -27.73
CA PHE C 204 -10.71 -6.26 -27.44
C PHE C 204 -12.14 -6.71 -27.19
N VAL C 205 -12.64 -7.63 -28.01
CA VAL C 205 -14.00 -8.15 -27.81
C VAL C 205 -14.12 -8.85 -26.45
N LEU C 206 -13.10 -9.64 -26.10
CA LEU C 206 -13.10 -10.29 -24.80
C LEU C 206 -13.09 -9.26 -23.68
N LEU C 207 -12.37 -8.15 -23.87
CA LEU C 207 -12.37 -7.09 -22.88
C LEU C 207 -13.75 -6.47 -22.73
N GLU C 208 -14.48 -6.32 -23.84
CA GLU C 208 -15.85 -5.81 -23.76
C GLU C 208 -16.73 -6.74 -22.91
N LYS C 209 -16.62 -8.04 -23.16
CA LYS C 209 -17.41 -9.00 -22.38
C LYS C 209 -17.04 -8.94 -20.90
N ILE C 210 -15.75 -8.85 -20.59
CA ILE C 210 -15.32 -8.77 -19.20
C ILE C 210 -15.79 -7.46 -18.56
N ASP C 211 -15.83 -6.37 -19.33
CA ASP C 211 -16.34 -5.11 -18.79
C ASP C 211 -17.81 -5.24 -18.41
N ASP C 212 -18.61 -5.89 -19.27
CA ASP C 212 -20.01 -6.12 -18.93
C ASP C 212 -20.13 -6.95 -17.65
N GLU C 213 -19.33 -8.01 -17.55
CA GLU C 213 -19.36 -8.85 -16.35
C GLU C 213 -18.97 -8.06 -15.11
N ILE C 214 -17.94 -7.22 -15.21
CA ILE C 214 -17.48 -6.44 -14.06
C ILE C 214 -18.57 -5.46 -13.63
N ASP C 215 -19.24 -4.81 -14.58
CA ASP C 215 -20.29 -3.87 -14.21
C ASP C 215 -21.43 -4.58 -13.50
N VAL C 216 -21.87 -5.72 -14.05
CA VAL C 216 -22.97 -6.46 -13.42
C VAL C 216 -22.58 -6.91 -12.01
N LEU C 217 -21.37 -7.44 -11.87
CA LEU C 217 -20.94 -7.95 -10.57
C LEU C 217 -20.77 -6.83 -9.56
N GLU C 218 -20.25 -5.67 -10.00
CA GLU C 218 -20.13 -4.54 -9.10
C GLU C 218 -21.49 -4.06 -8.61
N GLU C 219 -22.47 -4.00 -9.53
CA GLU C 219 -23.81 -3.62 -9.11
C GLU C 219 -24.40 -4.62 -8.13
N GLU C 220 -24.17 -5.91 -8.37
CA GLU C 220 -24.73 -6.92 -7.46
C GLU C 220 -23.98 -7.01 -6.14
N VAL C 221 -22.74 -6.53 -6.07
CA VAL C 221 -21.97 -6.61 -4.84
C VAL C 221 -22.15 -5.38 -3.97
N LEU C 222 -22.16 -4.18 -4.56
CA LEU C 222 -22.30 -2.97 -3.76
C LEU C 222 -23.63 -2.94 -3.00
N GLU C 223 -24.69 -3.43 -3.63
CA GLU C 223 -25.98 -3.60 -2.98
C GLU C 223 -26.50 -5.00 -3.25
N ARG C 224 -27.18 -5.57 -2.25
CA ARG C 224 -27.71 -6.94 -2.29
C ARG C 224 -26.61 -7.97 -2.50
N PRO C 225 -25.69 -8.16 -1.55
CA PRO C 225 -24.70 -9.23 -1.66
C PRO C 225 -25.30 -10.57 -1.29
N GLU C 226 -24.60 -11.63 -1.69
CA GLU C 226 -24.96 -13.00 -1.31
C GLU C 226 -23.76 -13.90 -1.54
N LYS C 227 -23.93 -15.19 -1.24
CA LYS C 227 -22.83 -16.13 -1.31
C LYS C 227 -22.39 -16.38 -2.75
N GLU C 228 -23.31 -16.26 -3.71
CA GLU C 228 -22.94 -16.44 -5.11
C GLU C 228 -22.03 -15.32 -5.59
N THR C 229 -22.24 -14.11 -5.08
CA THR C 229 -21.52 -12.95 -5.57
C THR C 229 -20.03 -13.02 -5.25
N VAL C 230 -19.67 -13.52 -4.08
CA VAL C 230 -18.26 -13.61 -3.72
C VAL C 230 -17.56 -14.67 -4.57
N GLN C 231 -18.23 -15.77 -4.85
CA GLN C 231 -17.66 -16.77 -5.75
C GLN C 231 -17.48 -16.21 -7.16
N ARG C 232 -18.47 -15.44 -7.62
CA ARG C 232 -18.34 -14.77 -8.92
C ARG C 232 -17.16 -13.81 -8.92
N THR C 233 -16.96 -13.07 -7.82
CA THR C 233 -15.85 -12.14 -7.73
C THR C 233 -14.51 -12.88 -7.77
N HIS C 234 -14.42 -14.01 -7.07
CA HIS C 234 -13.19 -14.80 -7.11
C HIS C 234 -12.91 -15.33 -8.51
N GLN C 235 -13.95 -15.84 -9.18
CA GLN C 235 -13.78 -16.32 -10.55
C GLN C 235 -13.34 -15.19 -11.48
N LEU C 236 -13.95 -14.01 -11.33
CA LEU C 236 -13.58 -12.87 -12.15
C LEU C 236 -12.15 -12.44 -11.89
N LYS C 237 -11.71 -12.48 -10.62
CA LYS C 237 -10.33 -12.14 -10.30
C LYS C 237 -9.37 -13.14 -10.93
N ARG C 238 -9.70 -14.43 -10.90
CA ARG C 238 -8.87 -15.42 -11.56
C ARG C 238 -8.79 -15.17 -13.06
N ASN C 239 -9.93 -14.86 -13.69
CA ASN C 239 -9.94 -14.59 -15.12
C ASN C 239 -9.09 -13.38 -15.46
N LEU C 240 -9.21 -12.31 -14.67
CA LEU C 240 -8.42 -11.11 -14.92
C LEU C 240 -6.94 -11.38 -14.71
N VAL C 241 -6.59 -12.17 -13.69
CA VAL C 241 -5.19 -12.52 -13.46
C VAL C 241 -4.63 -13.27 -14.66
N GLU C 242 -5.38 -14.24 -15.17
CA GLU C 242 -4.93 -15.00 -16.33
C GLU C 242 -4.78 -14.10 -17.55
N LEU C 243 -5.76 -13.21 -17.78
CA LEU C 243 -5.69 -12.33 -18.93
C LEU C 243 -4.48 -11.40 -18.85
N ARG C 244 -4.21 -10.84 -17.67
CA ARG C 244 -3.04 -9.98 -17.48
C ARG C 244 -1.76 -10.77 -17.71
N LYS C 245 -1.69 -11.97 -17.10
CA LYS C 245 -0.55 -12.86 -17.17
C LYS C 245 -0.27 -13.31 -18.59
N THR C 246 -1.27 -13.28 -19.47
CA THR C 246 -1.07 -13.57 -20.89
C THR C 246 -0.76 -12.31 -21.69
N ILE C 247 -1.38 -11.17 -21.36
CA ILE C 247 -1.27 -9.99 -22.21
C ILE C 247 0.10 -9.31 -22.09
N TRP C 248 0.69 -9.29 -20.89
CA TRP C 248 2.03 -8.69 -20.80
C TRP C 248 3.07 -9.38 -21.67
N PRO C 249 3.18 -10.70 -21.70
CA PRO C 249 4.11 -11.32 -22.67
C PRO C 249 3.76 -11.00 -24.11
N LEU C 250 2.49 -10.82 -24.44
CA LEU C 250 2.11 -10.42 -25.79
C LEU C 250 2.67 -9.04 -26.13
N ARG C 251 2.57 -8.10 -25.19
CA ARG C 251 3.13 -6.77 -25.42
C ARG C 251 4.64 -6.83 -25.58
N GLU C 252 5.30 -7.65 -24.75
CA GLU C 252 6.75 -7.82 -24.91
C GLU C 252 7.08 -8.38 -26.29
N VAL C 253 6.28 -9.34 -26.76
CA VAL C 253 6.52 -9.94 -28.06
C VAL C 253 6.43 -8.90 -29.16
N LEU C 254 5.35 -8.11 -29.15
CA LEU C 254 5.20 -7.09 -30.19
C LEU C 254 6.29 -6.03 -30.11
N SER C 255 6.67 -5.62 -28.90
CA SER C 255 7.72 -4.63 -28.75
C SER C 255 9.03 -5.11 -29.34
N SER C 256 9.47 -6.31 -28.93
CA SER C 256 10.69 -6.86 -29.48
C SER C 256 10.55 -7.15 -30.97
N LEU C 257 9.33 -7.33 -31.46
CA LEU C 257 9.14 -7.63 -32.88
C LEU C 257 9.30 -6.40 -33.74
N TYR C 258 8.80 -5.24 -33.32
CA TYR C 258 8.94 -4.11 -34.23
C TYR C 258 10.21 -3.32 -33.96
N ARG C 259 10.66 -3.27 -32.70
CA ARG C 259 11.75 -2.37 -32.33
C ARG C 259 13.02 -2.70 -33.11
N ASP C 260 13.44 -3.96 -33.09
CA ASP C 260 14.61 -4.41 -33.84
C ASP C 260 14.33 -5.81 -34.35
N VAL C 261 14.30 -5.98 -35.67
CA VAL C 261 13.89 -7.23 -36.27
C VAL C 261 14.89 -7.63 -37.36
N PRO C 262 15.16 -8.92 -37.55
CA PRO C 262 15.96 -9.36 -38.70
C PRO C 262 15.27 -8.99 -40.01
N PRO C 263 15.97 -9.14 -41.15
CA PRO C 263 15.38 -8.72 -42.43
C PRO C 263 14.30 -9.67 -42.94
N LEU C 264 13.80 -10.56 -42.09
CA LEU C 264 12.72 -11.45 -42.49
C LEU C 264 11.48 -10.67 -42.90
N ILE C 265 11.13 -9.63 -42.16
CA ILE C 265 10.00 -8.78 -42.48
C ILE C 265 10.52 -7.48 -43.09
N GLU C 266 9.87 -7.04 -44.16
CA GLU C 266 10.33 -5.85 -44.87
C GLU C 266 10.06 -4.59 -44.05
N LYS C 267 10.75 -3.51 -44.43
CA LYS C 267 10.61 -2.26 -43.70
C LYS C 267 9.21 -1.66 -43.82
N GLU C 268 8.53 -1.91 -44.95
CA GLU C 268 7.22 -1.33 -45.18
C GLU C 268 6.21 -1.74 -44.10
N THR C 269 6.33 -2.97 -43.59
CA THR C 269 5.44 -3.45 -42.56
C THR C 269 5.90 -3.10 -41.15
N VAL C 270 7.06 -2.45 -41.01
CA VAL C 270 7.53 -2.07 -39.68
C VAL C 270 6.56 -1.13 -38.96
N PRO C 271 6.06 -0.05 -39.57
CA PRO C 271 5.10 0.79 -38.84
C PRO C 271 3.82 0.06 -38.43
N TYR C 272 3.30 -0.82 -39.29
CA TYR C 272 2.03 -1.48 -39.00
C TYR C 272 2.12 -2.26 -37.69
N PHE C 273 3.15 -3.12 -37.55
CA PHE C 273 3.37 -3.82 -36.30
C PHE C 273 3.40 -2.84 -35.14
N ARG C 274 4.10 -1.72 -35.31
CA ARG C 274 4.15 -0.69 -34.27
C ARG C 274 2.75 -0.32 -33.79
N ASP C 275 1.85 -0.05 -34.75
CA ASP C 275 0.48 0.31 -34.38
C ASP C 275 -0.16 -0.77 -33.53
N VAL C 276 0.04 -2.03 -33.92
CA VAL C 276 -0.55 -3.14 -33.15
C VAL C 276 -0.04 -3.08 -31.71
N TYR C 277 1.25 -2.82 -31.53
CA TYR C 277 1.80 -2.70 -30.19
C TYR C 277 1.01 -1.70 -29.37
N ASP C 278 0.72 -0.53 -29.96
CA ASP C 278 -0.05 0.48 -29.26
C ASP C 278 -1.39 -0.07 -28.81
N HIS C 279 -2.08 -0.79 -29.70
CA HIS C 279 -3.35 -1.41 -29.33
C HIS C 279 -3.17 -2.29 -28.10
N THR C 280 -2.13 -3.13 -28.11
CA THR C 280 -1.89 -4.01 -26.97
C THR C 280 -1.77 -3.21 -25.69
N ILE C 281 -1.09 -2.06 -25.75
CA ILE C 281 -0.94 -1.22 -24.56
C ILE C 281 -2.30 -0.93 -23.96
N GLN C 282 -3.24 -0.49 -24.81
CA GLN C 282 -4.61 -0.26 -24.37
C GLN C 282 -5.10 -1.45 -23.56
N ILE C 283 -5.11 -2.63 -24.19
CA ILE C 283 -5.56 -3.85 -23.51
C ILE C 283 -4.90 -3.94 -22.14
N ALA C 284 -3.58 -3.91 -22.11
CA ALA C 284 -2.86 -4.09 -20.86
C ALA C 284 -3.37 -3.12 -19.81
N ASP C 285 -3.40 -1.83 -20.16
CA ASP C 285 -3.80 -0.83 -19.18
C ASP C 285 -5.21 -1.13 -18.68
N THR C 286 -6.12 -1.41 -19.60
CA THR C 286 -7.49 -1.71 -19.20
C THR C 286 -7.51 -2.85 -18.19
N VAL C 287 -6.79 -3.93 -18.50
CA VAL C 287 -6.78 -5.08 -17.61
C VAL C 287 -6.34 -4.65 -16.22
N GLU C 288 -5.25 -3.88 -16.16
CA GLU C 288 -4.77 -3.40 -14.87
C GLU C 288 -5.89 -2.68 -14.13
N THR C 289 -6.52 -1.70 -14.80
CA THR C 289 -7.62 -0.97 -14.18
C THR C 289 -8.68 -1.95 -13.69
N PHE C 290 -9.08 -2.87 -14.56
CA PHE C 290 -10.11 -3.83 -14.19
C PHE C 290 -9.72 -4.57 -12.92
N ARG C 291 -8.47 -5.05 -12.87
CA ARG C 291 -8.02 -5.79 -11.71
C ARG C 291 -8.26 -4.99 -10.45
N ASP C 292 -7.85 -3.71 -10.45
CA ASP C 292 -8.01 -2.88 -9.28
C ASP C 292 -9.46 -2.90 -8.80
N ILE C 293 -10.39 -2.65 -9.72
CA ILE C 293 -11.80 -2.61 -9.33
C ILE C 293 -12.19 -3.91 -8.65
N VAL C 294 -11.86 -5.03 -9.27
CA VAL C 294 -12.24 -6.33 -8.71
C VAL C 294 -11.64 -6.48 -7.33
N SER C 295 -10.35 -6.13 -7.18
CA SER C 295 -9.71 -6.24 -5.88
C SER C 295 -10.49 -5.47 -4.84
N GLY C 296 -10.88 -4.23 -5.17
CA GLY C 296 -11.61 -3.43 -4.22
C GLY C 296 -12.86 -4.12 -3.73
N LEU C 297 -13.59 -4.76 -4.65
CA LEU C 297 -14.78 -5.49 -4.26
C LEU C 297 -14.47 -6.51 -3.18
N LEU C 298 -13.47 -7.36 -3.42
CA LEU C 298 -13.14 -8.38 -2.43
C LEU C 298 -12.84 -7.72 -1.09
N ASP C 299 -12.17 -6.57 -1.12
CA ASP C 299 -11.80 -5.90 0.12
C ASP C 299 -13.02 -5.65 0.99
N VAL C 300 -14.09 -5.10 0.40
CA VAL C 300 -15.23 -4.76 1.25
C VAL C 300 -15.85 -6.03 1.79
N TYR C 301 -15.85 -7.12 1.01
CA TYR C 301 -16.43 -8.35 1.53
C TYR C 301 -15.62 -8.91 2.69
N LEU C 302 -14.31 -8.63 2.71
CA LEU C 302 -13.49 -9.06 3.83
C LEU C 302 -13.59 -8.12 5.02
N SER C 303 -14.32 -7.01 4.87
CA SER C 303 -14.43 -6.04 5.95
C SER C 303 -15.40 -6.47 7.05
N SER C 304 -16.48 -7.17 6.68
CA SER C 304 -17.58 -7.43 7.60
C SER C 304 -17.69 -8.89 8.02
N VAL C 305 -16.58 -9.64 7.99
CA VAL C 305 -16.64 -11.04 8.38
C VAL C 305 -16.81 -11.18 9.89
N SER C 306 -16.10 -10.35 10.67
CA SER C 306 -16.20 -10.44 12.12
C SER C 306 -17.55 -9.96 12.62
N ASN C 307 -18.15 -8.98 11.96
CA ASN C 307 -19.51 -8.57 12.29
C ASN C 307 -20.48 -9.72 12.04
N LYS C 308 -20.25 -10.49 10.97
CA LYS C 308 -21.09 -11.66 10.72
C LYS C 308 -20.92 -12.70 11.82
N THR C 309 -19.68 -12.92 12.28
CA THR C 309 -19.46 -13.82 13.41
C THR C 309 -20.26 -13.36 14.63
N ASN C 310 -20.19 -12.06 14.93
CA ASN C 310 -20.90 -11.52 16.08
C ASN C 310 -22.40 -11.73 15.94
N GLU C 311 -22.95 -11.49 14.74
CA GLU C 311 -24.38 -11.71 14.52
C GLU C 311 -24.75 -13.17 14.72
N VAL C 312 -23.95 -14.08 14.15
CA VAL C 312 -24.27 -15.50 14.23
C VAL C 312 -24.31 -15.98 15.67
N MET C 313 -23.29 -15.63 16.47
CA MET C 313 -23.36 -16.12 17.84
C MET C 313 -24.24 -15.27 18.75
N LYS C 314 -24.59 -14.04 18.36
CA LYS C 314 -25.70 -13.41 19.06
C LYS C 314 -26.96 -14.25 18.91
N VAL C 315 -27.26 -14.67 17.68
CA VAL C 315 -28.42 -15.51 17.44
C VAL C 315 -28.31 -16.81 18.25
N LEU C 316 -27.15 -17.47 18.18
CA LEU C 316 -26.98 -18.75 18.84
C LEU C 316 -27.07 -18.62 20.36
N THR C 317 -26.45 -17.58 20.93
CA THR C 317 -26.50 -17.39 22.38
C THR C 317 -27.92 -17.08 22.84
N ILE C 318 -28.65 -16.25 22.10
CA ILE C 318 -30.04 -15.97 22.46
C ILE C 318 -30.87 -17.25 22.44
N ILE C 319 -30.70 -18.07 21.40
CA ILE C 319 -31.53 -19.27 21.28
C ILE C 319 -31.14 -20.31 22.33
N ALA C 320 -29.85 -20.48 22.60
CA ALA C 320 -29.42 -21.45 23.60
C ALA C 320 -29.70 -20.98 25.02
N THR C 321 -29.80 -19.67 25.23
CA THR C 321 -29.99 -19.14 26.58
C THR C 321 -31.39 -19.47 27.12
N ILE C 322 -32.40 -19.41 26.27
CA ILE C 322 -33.79 -19.45 26.73
C ILE C 322 -34.35 -20.87 26.63
N PHE C 323 -33.50 -21.85 26.33
CA PHE C 323 -34.01 -23.20 26.14
C PHE C 323 -33.26 -24.23 26.97
N MET C 324 -31.97 -23.98 27.23
CA MET C 324 -31.22 -24.91 28.08
C MET C 324 -31.76 -24.98 29.50
N PRO C 325 -32.02 -23.87 30.21
CA PRO C 325 -32.64 -24.01 31.53
C PRO C 325 -34.05 -24.53 31.48
N LEU C 326 -34.81 -24.20 30.42
CA LEU C 326 -36.15 -24.75 30.28
C LEU C 326 -36.12 -26.26 30.14
N THR C 327 -35.20 -26.77 29.30
CA THR C 327 -35.02 -28.21 29.18
C THR C 327 -34.54 -28.80 30.50
N PHE C 328 -33.68 -28.09 31.23
CA PHE C 328 -33.21 -28.57 32.51
C PHE C 328 -34.35 -28.75 33.51
N ILE C 329 -35.24 -27.76 33.59
CA ILE C 329 -36.33 -27.89 34.56
C ILE C 329 -37.38 -28.88 34.08
N ALA C 330 -37.55 -29.02 32.77
CA ALA C 330 -38.40 -30.09 32.25
C ALA C 330 -37.87 -31.45 32.67
N GLY C 331 -36.57 -31.67 32.55
CA GLY C 331 -35.97 -32.88 33.06
C GLY C 331 -36.13 -33.02 34.56
N ILE C 332 -35.99 -31.91 35.29
CA ILE C 332 -36.18 -31.91 36.74
C ILE C 332 -37.56 -32.45 37.10
N TYR C 333 -38.58 -32.01 36.37
CA TYR C 333 -39.90 -32.58 36.60
C TYR C 333 -40.11 -33.88 35.84
N GLY C 334 -39.09 -34.38 35.15
CA GLY C 334 -39.19 -35.62 34.42
C GLY C 334 -38.49 -36.84 34.98
N MET C 335 -38.07 -36.83 36.25
CA MET C 335 -37.53 -38.05 36.83
C MET C 335 -38.67 -39.00 37.20
N ASN C 336 -38.33 -40.09 37.88
CA ASN C 336 -39.28 -41.14 38.24
C ASN C 336 -39.34 -41.34 39.75
N PHE C 337 -39.02 -40.31 40.52
CA PHE C 337 -39.04 -40.42 41.97
C PHE C 337 -40.48 -40.57 42.47
N GLU C 338 -40.67 -41.44 43.47
CA GLU C 338 -42.01 -41.70 43.98
C GLU C 338 -42.52 -40.55 44.83
N TYR C 339 -41.65 -39.94 45.63
CA TYR C 339 -42.04 -38.90 46.57
C TYR C 339 -42.22 -37.53 45.89
N MET C 340 -42.24 -37.49 44.57
CA MET C 340 -42.33 -36.24 43.85
C MET C 340 -43.60 -35.48 44.25
N PRO C 341 -43.50 -34.23 44.68
CA PRO C 341 -44.71 -33.44 44.94
C PRO C 341 -45.41 -33.08 43.64
N GLU C 342 -46.08 -34.07 43.03
CA GLU C 342 -46.63 -33.95 41.70
C GLU C 342 -48.15 -33.99 41.69
N LEU C 343 -48.78 -34.03 42.87
CA LEU C 343 -50.23 -34.15 42.98
C LEU C 343 -50.83 -32.78 43.23
N ARG C 344 -51.71 -32.36 42.31
CA ARG C 344 -52.40 -31.07 42.38
C ARG C 344 -51.42 -29.91 42.56
N TRP C 345 -51.51 -29.20 43.69
CA TRP C 345 -50.72 -28.00 43.92
C TRP C 345 -51.00 -26.95 42.84
N LYS C 346 -52.25 -26.48 42.85
CA LYS C 346 -52.75 -25.50 41.88
C LYS C 346 -52.72 -26.07 40.46
N TRP C 347 -53.49 -27.14 40.27
CA TRP C 347 -53.74 -27.80 38.99
C TRP C 347 -52.51 -28.48 38.40
N GLY C 348 -51.42 -28.58 39.15
CA GLY C 348 -50.27 -29.36 38.71
C GLY C 348 -49.32 -28.66 37.76
N TYR C 349 -49.38 -29.05 36.49
CA TYR C 349 -48.39 -28.59 35.52
C TYR C 349 -48.40 -27.08 35.28
N PRO C 350 -49.53 -26.41 35.07
CA PRO C 350 -49.47 -25.08 34.41
C PRO C 350 -48.56 -24.09 35.12
N VAL C 351 -48.48 -24.16 36.44
CA VAL C 351 -47.68 -23.19 37.20
C VAL C 351 -46.25 -23.18 36.70
N VAL C 352 -45.64 -24.36 36.48
CA VAL C 352 -44.26 -24.38 36.03
C VAL C 352 -44.14 -23.72 34.67
N LEU C 353 -45.11 -23.98 33.77
CA LEU C 353 -45.13 -23.26 32.51
C LEU C 353 -45.06 -21.77 32.74
N ALA C 354 -45.90 -21.27 33.66
CA ALA C 354 -45.86 -19.87 34.05
C ALA C 354 -44.43 -19.44 34.37
N VAL C 355 -43.78 -20.12 35.31
CA VAL C 355 -42.45 -19.67 35.72
C VAL C 355 -41.50 -19.77 34.55
N MET C 356 -41.67 -20.79 33.70
CA MET C 356 -40.92 -20.85 32.45
C MET C 356 -41.03 -19.54 31.70
N GLY C 357 -42.26 -19.17 31.34
CA GLY C 357 -42.46 -17.89 30.67
C GLY C 357 -41.82 -16.76 31.43
N VAL C 358 -41.96 -16.77 32.76
CA VAL C 358 -41.33 -15.73 33.60
C VAL C 358 -39.85 -15.64 33.26
N ILE C 359 -39.11 -16.73 33.50
CA ILE C 359 -37.68 -16.67 33.23
C ILE C 359 -37.45 -16.38 31.76
N ALA C 360 -38.31 -16.95 30.90
CA ALA C 360 -38.18 -16.69 29.47
C ALA C 360 -38.25 -15.20 29.19
N VAL C 361 -39.29 -14.54 29.69
CA VAL C 361 -39.40 -13.12 29.38
C VAL C 361 -38.25 -12.37 30.02
N ILE C 362 -37.80 -12.83 31.21
CA ILE C 362 -36.64 -12.22 31.83
C ILE C 362 -35.46 -12.28 30.87
N MET C 363 -35.19 -13.47 30.33
CA MET C 363 -34.13 -13.60 29.35
C MET C 363 -34.40 -12.69 28.15
N VAL C 364 -35.66 -12.66 27.70
CA VAL C 364 -36.00 -11.78 26.58
C VAL C 364 -35.66 -10.34 26.94
N VAL C 365 -36.00 -9.92 28.16
CA VAL C 365 -35.64 -8.57 28.58
C VAL C 365 -34.13 -8.40 28.56
N TYR C 366 -33.41 -9.40 29.09
CA TYR C 366 -31.95 -9.33 29.10
C TYR C 366 -31.38 -9.30 27.69
N PHE C 367 -32.17 -9.72 26.70
CA PHE C 367 -31.74 -9.63 25.31
C PHE C 367 -32.41 -8.50 24.55
N LYS C 368 -33.46 -7.88 25.09
CA LYS C 368 -34.02 -6.71 24.45
C LYS C 368 -33.05 -5.53 24.51
N LYS C 369 -32.36 -5.38 25.64
CA LYS C 369 -31.31 -4.39 25.77
C LYS C 369 -30.00 -4.95 25.21
N LYS C 370 -28.92 -4.18 25.38
CA LYS C 370 -27.58 -4.50 24.91
C LYS C 370 -27.50 -4.68 23.40
N LYS C 371 -28.56 -4.31 22.67
CA LYS C 371 -28.62 -4.34 21.21
C LYS C 371 -28.46 -5.75 20.64
N TRP C 372 -28.76 -6.79 21.42
CA TRP C 372 -28.74 -8.14 20.87
C TRP C 372 -29.94 -8.40 19.99
N LEU C 373 -31.12 -7.94 20.41
CA LEU C 373 -32.35 -8.12 19.64
C LEU C 373 -32.97 -6.78 19.28
N HIS D 22 11.82 1.31 -22.72
CA HIS D 22 11.27 2.57 -22.22
C HIS D 22 11.53 3.71 -23.20
N MET D 23 12.77 4.20 -23.22
CA MET D 23 13.12 5.33 -24.07
C MET D 23 13.09 4.93 -25.54
N GLU D 24 12.51 5.80 -26.36
CA GLU D 24 12.40 5.58 -27.80
C GLU D 24 12.08 6.91 -28.46
N GLU D 25 11.98 6.89 -29.78
CA GLU D 25 11.60 8.10 -30.53
C GLU D 25 10.17 8.49 -30.17
N LYS D 26 10.01 9.68 -29.62
CA LYS D 26 8.68 10.15 -29.21
C LYS D 26 7.76 10.27 -30.41
N ARG D 27 6.55 9.75 -30.27
CA ARG D 27 5.60 9.71 -31.38
C ARG D 27 4.19 9.65 -30.83
N LEU D 28 3.23 10.01 -31.69
CA LEU D 28 1.83 9.87 -31.33
C LEU D 28 1.45 8.40 -31.25
N SER D 29 0.61 8.06 -30.26
CA SER D 29 0.22 6.69 -30.01
C SER D 29 -1.11 6.41 -30.68
N ALA D 30 -1.12 5.42 -31.58
CA ALA D 30 -2.36 5.03 -32.24
C ALA D 30 -3.27 4.28 -31.27
N LYS D 31 -4.57 4.45 -31.46
CA LYS D 31 -5.58 3.84 -30.61
C LYS D 31 -6.65 3.18 -31.45
N LYS D 32 -7.08 1.99 -31.04
CA LYS D 32 -8.11 1.27 -31.77
C LYS D 32 -9.45 1.96 -31.62
N GLY D 33 -10.27 1.86 -32.67
CA GLY D 33 -11.57 2.51 -32.68
C GLY D 33 -11.47 4.01 -32.59
N LEU D 34 -10.56 4.61 -33.34
CA LEU D 34 -10.29 6.03 -33.28
C LEU D 34 -9.54 6.47 -34.52
N PRO D 35 -9.86 7.64 -35.10
CA PRO D 35 -9.11 8.11 -36.25
C PRO D 35 -7.66 8.31 -35.89
N PRO D 36 -6.75 8.15 -36.87
CA PRO D 36 -5.31 8.10 -36.53
C PRO D 36 -4.79 9.33 -35.81
N GLY D 37 -5.28 10.52 -36.15
CA GLY D 37 -4.74 11.74 -35.61
C GLY D 37 -5.54 12.42 -34.51
N THR D 38 -6.69 11.87 -34.14
CA THR D 38 -7.55 12.53 -33.17
C THR D 38 -6.95 12.51 -31.77
N LEU D 39 -7.10 13.62 -31.07
CA LEU D 39 -6.72 13.73 -29.66
C LEU D 39 -8.00 13.80 -28.83
N VAL D 40 -8.05 12.97 -27.78
CA VAL D 40 -9.26 12.80 -26.97
C VAL D 40 -8.98 13.28 -25.55
N TYR D 41 -9.91 14.04 -24.99
CA TYR D 41 -9.83 14.47 -23.60
C TYR D 41 -10.23 13.32 -22.69
N THR D 42 -9.31 12.89 -21.85
CA THR D 42 -9.52 11.72 -20.99
C THR D 42 -10.01 12.15 -19.60
N GLY D 43 -11.13 12.85 -19.57
CA GLY D 43 -11.63 13.40 -18.33
C GLY D 43 -13.14 13.39 -18.26
N LYS D 44 -13.66 13.94 -17.16
CA LYS D 44 -15.09 13.96 -16.89
C LYS D 44 -15.69 15.35 -16.85
N TYR D 45 -14.90 16.40 -16.61
CA TYR D 45 -15.43 17.75 -16.44
C TYR D 45 -15.54 18.43 -17.79
N ARG D 46 -16.77 18.82 -18.16
CA ARG D 46 -17.04 19.49 -19.43
C ARG D 46 -17.97 20.68 -19.26
N GLU D 47 -18.05 21.24 -18.05
CA GLU D 47 -19.08 22.23 -17.75
C GLU D 47 -18.82 23.55 -18.47
N ASP D 48 -17.59 24.06 -18.40
CA ASP D 48 -17.33 25.41 -18.87
C ASP D 48 -15.87 25.54 -19.32
N PHE D 49 -15.61 26.61 -20.07
CA PHE D 49 -14.31 26.88 -20.67
C PHE D 49 -14.04 28.37 -20.61
N GLU D 50 -12.78 28.74 -20.37
CA GLU D 50 -12.43 30.15 -20.22
C GLU D 50 -10.91 30.28 -20.33
N ILE D 51 -10.44 31.47 -20.71
CA ILE D 51 -9.01 31.74 -20.81
C ILE D 51 -8.71 33.05 -20.10
N GLU D 52 -7.89 32.98 -19.05
CA GLU D 52 -7.49 34.15 -18.29
C GLU D 52 -6.00 34.41 -18.53
N VAL D 53 -5.68 35.63 -18.97
CA VAL D 53 -4.30 35.99 -19.31
C VAL D 53 -3.86 37.13 -18.41
N MET D 54 -2.69 36.97 -17.80
CA MET D 54 -2.04 37.99 -16.98
C MET D 54 -0.68 38.29 -17.59
N ASN D 55 -0.52 39.47 -18.17
CA ASN D 55 0.76 39.90 -18.74
C ASN D 55 1.30 41.01 -17.86
N TYR D 56 2.37 40.74 -17.12
CA TYR D 56 2.87 41.64 -16.11
C TYR D 56 4.34 41.95 -16.35
N SER D 57 4.76 43.11 -15.85
CA SER D 57 6.15 43.54 -15.92
C SER D 57 6.45 44.34 -14.66
N ILE D 58 7.63 44.98 -14.65
CA ILE D 58 8.01 45.78 -13.49
C ILE D 58 7.11 47.00 -13.35
N GLU D 59 6.74 47.62 -14.48
CA GLU D 59 6.01 48.88 -14.46
C GLU D 59 4.49 48.66 -14.39
N GLU D 60 3.92 47.97 -15.38
CA GLU D 60 2.48 47.84 -15.49
C GLU D 60 2.12 46.40 -15.84
N PHE D 61 0.88 46.04 -15.53
CA PHE D 61 0.34 44.72 -15.84
C PHE D 61 -1.05 44.87 -16.43
N ARG D 62 -1.46 43.86 -17.18
CA ARG D 62 -2.81 43.81 -17.74
C ARG D 62 -3.33 42.38 -17.67
N GLU D 63 -4.57 42.23 -17.21
CA GLU D 63 -5.23 40.94 -17.11
C GLU D 63 -6.57 40.99 -17.83
N PHE D 64 -6.96 39.85 -18.40
CA PHE D 64 -8.27 39.78 -19.03
C PHE D 64 -8.73 38.34 -19.15
N LYS D 65 -10.03 38.14 -19.00
CA LYS D 65 -10.67 36.84 -19.17
C LYS D 65 -11.50 36.86 -20.45
N THR D 66 -11.29 35.89 -21.32
CA THR D 66 -11.96 35.81 -22.61
C THR D 66 -12.34 34.37 -22.92
N THR D 67 -12.93 34.18 -24.09
CA THR D 67 -13.29 32.88 -24.62
C THR D 67 -12.69 32.60 -25.99
N ASP D 68 -12.53 33.61 -26.84
CA ASP D 68 -11.92 33.41 -28.14
C ASP D 68 -10.43 33.13 -27.96
N VAL D 69 -9.95 32.06 -28.60
CA VAL D 69 -8.55 31.67 -28.44
C VAL D 69 -7.63 32.67 -29.13
N GLU D 70 -7.97 33.08 -30.36
CA GLU D 70 -7.04 33.87 -31.16
C GLU D 70 -6.65 35.17 -30.46
N SER D 71 -7.53 35.70 -29.63
CA SER D 71 -7.27 36.97 -28.96
C SER D 71 -6.08 36.90 -28.01
N VAL D 72 -5.62 35.70 -27.65
CA VAL D 72 -4.45 35.55 -26.81
C VAL D 72 -3.26 34.96 -27.56
N LEU D 73 -3.43 34.65 -28.84
CA LEU D 73 -2.31 34.10 -29.61
C LEU D 73 -1.14 35.06 -29.76
N PRO D 74 -1.32 36.35 -30.08
CA PRO D 74 -0.16 37.24 -30.24
C PRO D 74 0.67 37.44 -28.98
N PHE D 75 0.32 36.79 -27.86
CA PHE D 75 1.12 36.86 -26.65
C PHE D 75 2.30 35.90 -26.66
N ARG D 76 2.46 35.09 -27.72
CA ARG D 76 3.57 34.15 -27.79
C ARG D 76 4.91 34.89 -27.80
N ASP D 77 5.03 35.91 -28.64
CA ASP D 77 6.25 36.70 -28.74
C ASP D 77 6.05 38.00 -27.96
N SER D 78 6.13 37.88 -26.64
CA SER D 78 6.00 39.02 -25.73
C SER D 78 7.27 39.13 -24.89
N SER D 79 7.85 40.33 -24.86
CA SER D 79 9.09 40.53 -24.11
C SER D 79 8.86 40.34 -22.62
N THR D 80 7.77 40.89 -22.09
CA THR D 80 7.46 40.75 -20.68
C THR D 80 6.86 39.37 -20.40
N PRO D 81 7.07 38.84 -19.20
CA PRO D 81 6.50 37.52 -18.87
C PRO D 81 4.98 37.57 -18.83
N THR D 82 4.37 36.45 -19.21
CA THR D 82 2.92 36.35 -19.23
C THR D 82 2.49 34.97 -18.80
N TRP D 83 1.25 34.89 -18.33
CA TRP D 83 0.68 33.68 -17.72
C TRP D 83 -0.70 33.46 -18.34
N ILE D 84 -0.86 32.37 -19.07
CA ILE D 84 -2.08 32.06 -19.80
C ILE D 84 -2.71 30.82 -19.17
N ASN D 85 -3.78 31.02 -18.40
CA ASN D 85 -4.49 29.93 -17.75
C ASN D 85 -5.71 29.59 -18.59
N ILE D 86 -5.70 28.41 -19.20
CA ILE D 86 -6.82 27.93 -20.01
C ILE D 86 -7.57 26.91 -19.15
N THR D 87 -8.71 27.32 -18.62
CA THR D 87 -9.52 26.45 -17.78
C THR D 87 -10.56 25.75 -18.65
N GLY D 88 -10.51 24.42 -18.66
CA GLY D 88 -11.38 23.63 -19.50
C GLY D 88 -10.66 23.12 -20.72
N ILE D 89 -10.21 21.86 -20.68
CA ILE D 89 -9.53 21.24 -21.81
C ILE D 89 -10.40 20.22 -22.52
N HIS D 90 -11.67 20.11 -22.14
CA HIS D 90 -12.59 19.29 -22.93
C HIS D 90 -12.75 19.85 -24.34
N ARG D 91 -12.53 21.15 -24.51
CA ARG D 91 -12.42 21.76 -25.83
C ARG D 91 -11.05 21.42 -26.38
N THR D 92 -10.99 20.31 -27.13
CA THR D 92 -9.71 19.90 -27.71
C THR D 92 -9.25 20.85 -28.81
N ASP D 93 -10.17 21.60 -29.42
CA ASP D 93 -9.80 22.49 -30.51
C ASP D 93 -8.89 23.61 -30.03
N VAL D 94 -9.23 24.24 -28.89
CA VAL D 94 -8.42 25.33 -28.38
C VAL D 94 -7.05 24.83 -27.93
N VAL D 95 -7.00 23.64 -27.31
CA VAL D 95 -5.73 23.07 -26.88
C VAL D 95 -4.85 22.76 -28.09
N GLN D 96 -5.44 22.17 -29.14
CA GLN D 96 -4.67 21.87 -30.34
C GLN D 96 -4.17 23.13 -31.01
N ARG D 97 -5.01 24.17 -31.08
CA ARG D 97 -4.59 25.42 -31.71
C ARG D 97 -3.44 26.07 -30.95
N VAL D 98 -3.55 26.11 -29.62
CA VAL D 98 -2.49 26.69 -28.81
C VAL D 98 -1.21 25.90 -28.96
N GLY D 99 -1.30 24.57 -28.91
CA GLY D 99 -0.11 23.75 -29.05
C GLY D 99 0.54 23.86 -30.41
N GLU D 100 -0.28 23.98 -31.46
CA GLU D 100 0.25 24.08 -32.81
C GLU D 100 0.93 25.42 -33.05
N PHE D 101 0.34 26.51 -32.55
CA PHE D 101 0.96 27.82 -32.75
C PHE D 101 2.19 27.99 -31.88
N PHE D 102 2.13 27.52 -30.63
CA PHE D 102 3.27 27.65 -29.72
C PHE D 102 4.39 26.68 -30.05
N GLY D 103 4.18 25.75 -30.97
CA GLY D 103 5.22 24.79 -31.30
C GLY D 103 5.30 23.59 -30.38
N ILE D 104 4.23 23.28 -29.66
CA ILE D 104 4.23 22.16 -28.72
C ILE D 104 4.08 20.86 -29.49
N HIS D 105 4.80 19.83 -29.06
CA HIS D 105 4.77 18.54 -29.73
C HIS D 105 3.41 17.88 -29.53
N PRO D 106 2.93 17.14 -30.53
CA PRO D 106 1.62 16.47 -30.38
C PRO D 106 1.56 15.50 -29.22
N LEU D 107 2.66 14.80 -28.90
CA LEU D 107 2.66 13.92 -27.75
C LEU D 107 2.45 14.70 -26.47
N VAL D 108 3.04 15.89 -26.38
CA VAL D 108 2.80 16.74 -25.22
C VAL D 108 1.33 17.16 -25.15
N LEU D 109 0.70 17.41 -26.31
CA LEU D 109 -0.72 17.73 -26.32
C LEU D 109 -1.55 16.55 -25.81
N GLU D 110 -1.19 15.33 -26.23
CA GLU D 110 -1.87 14.15 -25.71
C GLU D 110 -1.70 14.03 -24.20
N ASP D 111 -0.49 14.29 -23.71
CA ASP D 111 -0.26 14.24 -22.26
C ASP D 111 -1.08 15.29 -21.53
N ILE D 112 -1.24 16.47 -22.13
CA ILE D 112 -2.10 17.50 -21.55
C ILE D 112 -3.54 16.99 -21.47
N LEU D 113 -4.02 16.41 -22.56
CA LEU D 113 -5.40 15.93 -22.59
C LEU D 113 -5.58 14.65 -21.80
N ASN D 114 -4.56 13.80 -21.74
CA ASN D 114 -4.63 12.60 -20.92
C ASN D 114 -4.58 12.96 -19.46
N VAL D 115 -5.47 12.36 -18.67
CA VAL D 115 -5.58 12.67 -17.25
C VAL D 115 -5.21 11.49 -16.36
N HIS D 116 -5.37 10.26 -16.82
CA HIS D 116 -5.05 9.08 -16.01
C HIS D 116 -3.55 8.77 -16.08
N GLN D 117 -2.76 9.74 -15.63
CA GLN D 117 -1.31 9.58 -15.59
C GLN D 117 -0.76 10.33 -14.38
N ARG D 118 0.40 9.88 -13.92
CA ARG D 118 1.01 10.43 -12.72
C ARG D 118 1.77 11.72 -13.05
N PRO D 119 2.04 12.55 -12.05
CA PRO D 119 2.82 13.76 -12.29
C PRO D 119 4.19 13.43 -12.88
N LYS D 120 4.64 14.29 -13.79
CA LYS D 120 5.88 14.01 -14.51
C LYS D 120 6.47 15.33 -15.01
N VAL D 121 7.73 15.27 -15.41
CA VAL D 121 8.43 16.41 -15.97
C VAL D 121 9.18 15.98 -17.21
N GLU D 122 9.14 16.83 -18.25
CA GLU D 122 9.83 16.58 -19.50
C GLU D 122 10.50 17.86 -19.95
N PHE D 123 11.68 17.72 -20.55
CA PHE D 123 12.47 18.86 -21.01
C PHE D 123 12.60 18.80 -22.52
N PHE D 124 12.21 19.87 -23.19
CA PHE D 124 12.35 20.00 -24.64
C PHE D 124 13.22 21.23 -24.95
N GLU D 125 13.47 21.43 -26.25
CA GLU D 125 14.37 22.50 -26.67
C GLU D 125 13.83 23.87 -26.30
N ASN D 126 12.53 24.10 -26.51
CA ASN D 126 11.96 25.44 -26.34
C ASN D 126 11.01 25.54 -25.15
N TYR D 127 10.71 24.44 -24.46
CA TYR D 127 9.78 24.50 -23.36
C TYR D 127 10.03 23.32 -22.42
N VAL D 128 9.53 23.46 -21.20
CA VAL D 128 9.52 22.36 -20.23
C VAL D 128 8.06 22.09 -19.87
N PHE D 129 7.71 20.80 -19.75
CA PHE D 129 6.33 20.37 -19.61
C PHE D 129 6.19 19.57 -18.32
N ILE D 130 5.35 20.07 -17.41
CA ILE D 130 5.20 19.49 -16.07
C ILE D 130 3.73 19.16 -15.87
N VAL D 131 3.44 17.88 -15.60
CA VAL D 131 2.10 17.42 -15.25
C VAL D 131 2.06 17.27 -13.73
N LEU D 132 1.11 17.96 -13.10
CA LEU D 132 0.91 17.89 -11.66
C LEU D 132 -0.55 17.64 -11.38
N LYS D 133 -0.85 17.23 -10.15
CA LYS D 133 -2.21 16.95 -9.72
C LYS D 133 -2.60 17.88 -8.59
N MET D 134 -3.70 18.60 -8.78
CA MET D 134 -4.34 19.29 -7.67
C MET D 134 -5.18 18.30 -6.87
N PHE D 135 -5.73 18.76 -5.76
CA PHE D 135 -6.50 17.85 -4.90
C PHE D 135 -7.54 18.64 -4.13
N THR D 136 -8.73 18.07 -3.99
CA THR D 136 -9.77 18.60 -3.13
C THR D 136 -10.35 17.46 -2.31
N TYR D 137 -10.79 17.79 -1.09
CA TYR D 137 -11.35 16.81 -0.18
C TYR D 137 -12.68 17.33 0.35
N ASP D 138 -13.72 16.52 0.21
CA ASP D 138 -15.04 16.82 0.75
C ASP D 138 -15.30 15.88 1.92
N LYS D 139 -15.47 16.46 3.12
CA LYS D 139 -15.77 15.67 4.30
C LYS D 139 -17.09 14.93 4.14
N ASN D 140 -18.11 15.63 3.62
CA ASN D 140 -19.33 14.94 3.22
C ASN D 140 -19.03 14.04 2.04
N LEU D 141 -19.51 12.80 2.11
CA LEU D 141 -19.24 11.72 1.17
C LEU D 141 -17.80 11.23 1.32
N HIS D 142 -17.01 11.93 2.15
CA HIS D 142 -15.62 11.54 2.46
C HIS D 142 -14.83 11.28 1.19
N GLU D 143 -14.96 12.18 0.22
CA GLU D 143 -14.43 11.97 -1.11
C GLU D 143 -13.16 12.79 -1.32
N LEU D 144 -12.21 12.22 -2.08
CA LEU D 144 -10.96 12.88 -2.40
C LEU D 144 -10.84 12.92 -3.93
N GLU D 145 -11.09 14.10 -4.50
CA GLU D 145 -11.10 14.28 -5.94
C GLU D 145 -9.78 14.89 -6.41
N SER D 146 -9.30 14.40 -7.55
CA SER D 146 -8.03 14.84 -8.13
C SER D 146 -8.29 15.53 -9.47
N GLU D 147 -7.66 16.68 -9.66
CA GLU D 147 -7.73 17.43 -10.91
C GLU D 147 -6.32 17.66 -11.43
N GLN D 148 -6.09 17.37 -12.70
CA GLN D 148 -4.77 17.46 -13.29
C GLN D 148 -4.54 18.83 -13.89
N VAL D 149 -3.39 19.42 -13.58
CA VAL D 149 -2.98 20.72 -14.12
C VAL D 149 -1.65 20.54 -14.84
N SER D 150 -1.57 21.05 -16.07
CA SER D 150 -0.38 20.90 -16.88
C SER D 150 0.25 22.26 -17.15
N LEU D 151 1.53 22.39 -16.83
CA LEU D 151 2.29 23.62 -17.02
C LEU D 151 3.26 23.45 -18.17
N ILE D 152 3.35 24.48 -19.02
CA ILE D 152 4.34 24.54 -20.08
C ILE D 152 5.08 25.87 -19.95
N LEU D 153 6.39 25.79 -19.72
CA LEU D 153 7.23 26.98 -19.60
C LEU D 153 8.00 27.16 -20.89
N THR D 154 7.77 28.29 -21.55
CA THR D 154 8.42 28.69 -22.80
C THR D 154 9.39 29.83 -22.48
N LYS D 155 9.95 30.44 -23.53
CA LYS D 155 10.97 31.46 -23.32
C LYS D 155 10.42 32.64 -22.53
N ASN D 156 9.18 33.07 -22.81
CA ASN D 156 8.64 34.25 -22.16
C ASN D 156 7.17 34.11 -21.77
N CYS D 157 6.66 32.88 -21.65
CA CYS D 157 5.26 32.68 -21.31
C CYS D 157 5.09 31.36 -20.58
N VAL D 158 4.10 31.32 -19.70
CA VAL D 158 3.77 30.11 -18.95
C VAL D 158 2.31 29.77 -19.26
N LEU D 159 2.10 28.63 -19.93
CA LEU D 159 0.76 28.14 -20.20
C LEU D 159 0.35 27.15 -19.12
N MET D 160 -0.90 27.22 -18.70
CA MET D 160 -1.42 26.36 -17.65
C MET D 160 -2.78 25.84 -18.07
N PHE D 161 -2.85 24.55 -18.41
CA PHE D 161 -4.10 23.90 -18.78
C PHE D 161 -4.70 23.24 -17.55
N GLN D 162 -5.92 23.64 -17.21
CA GLN D 162 -6.69 23.10 -16.10
C GLN D 162 -7.89 22.33 -16.63
N GLU D 163 -8.76 21.90 -15.73
CA GLU D 163 -9.96 21.16 -16.08
C GLU D 163 -11.25 21.89 -15.77
N LYS D 164 -11.35 22.54 -14.61
CA LYS D 164 -12.60 23.16 -14.19
C LYS D 164 -12.30 24.39 -13.36
N ILE D 165 -13.32 25.23 -13.19
CA ILE D 165 -13.19 26.44 -12.40
C ILE D 165 -12.82 26.09 -10.97
N GLY D 166 -11.85 26.81 -10.42
CA GLY D 166 -11.39 26.58 -9.06
C GLY D 166 -9.98 26.05 -9.00
N ASP D 167 -9.03 26.93 -8.69
CA ASP D 167 -7.62 26.57 -8.57
C ASP D 167 -7.10 27.05 -7.23
N VAL D 168 -5.85 26.68 -6.94
CA VAL D 168 -5.19 27.04 -5.70
C VAL D 168 -4.12 28.11 -5.93
N PHE D 169 -4.18 28.81 -7.05
CA PHE D 169 -3.20 29.82 -7.42
C PHE D 169 -3.68 31.23 -7.15
N ASP D 170 -4.66 31.39 -6.25
CA ASP D 170 -5.12 32.72 -5.87
C ASP D 170 -4.04 33.57 -5.22
N PRO D 171 -3.22 33.06 -4.28
CA PRO D 171 -2.14 33.90 -3.73
C PRO D 171 -1.20 34.46 -4.79
N VAL D 172 -0.86 33.65 -5.80
CA VAL D 172 0.01 34.14 -6.86
C VAL D 172 -0.68 35.24 -7.65
N ARG D 173 -1.98 35.08 -7.90
CA ARG D 173 -2.73 36.12 -8.60
C ARG D 173 -2.74 37.41 -7.81
N GLU D 174 -2.93 37.31 -6.48
CA GLU D 174 -2.89 38.50 -5.64
C GLU D 174 -1.51 39.16 -5.67
N ARG D 175 -0.45 38.35 -5.65
CA ARG D 175 0.90 38.90 -5.70
C ARG D 175 1.17 39.62 -7.01
N ILE D 176 0.68 39.07 -8.13
CA ILE D 176 0.81 39.76 -9.40
C ILE D 176 0.01 41.05 -9.40
N ARG D 177 -1.22 41.02 -8.88
CA ARG D 177 -2.10 42.17 -8.98
C ARG D 177 -1.62 43.33 -8.10
N TYR D 178 -1.26 43.05 -6.86
CA TYR D 178 -0.94 44.09 -5.89
C TYR D 178 0.57 44.25 -5.68
N ASN D 179 1.39 43.66 -6.55
CA ASN D 179 2.84 43.88 -6.56
C ASN D 179 3.48 43.51 -5.22
N ARG D 180 3.00 42.43 -4.60
CA ARG D 180 3.69 41.89 -3.45
C ARG D 180 4.85 41.00 -3.91
N GLY D 181 5.70 40.62 -2.95
CA GLY D 181 6.82 39.75 -3.24
C GLY D 181 7.80 40.38 -4.22
N ILE D 182 8.44 39.50 -5.00
CA ILE D 182 9.41 39.93 -6.00
C ILE D 182 9.05 39.31 -7.34
N ILE D 183 7.82 38.81 -7.46
CA ILE D 183 7.42 38.11 -8.67
C ILE D 183 7.37 39.06 -9.87
N ARG D 184 7.13 40.35 -9.63
CA ARG D 184 7.06 41.29 -10.74
C ARG D 184 8.43 41.59 -11.32
N LYS D 185 9.48 41.50 -10.51
CA LYS D 185 10.83 41.85 -10.94
C LYS D 185 11.56 40.70 -11.63
N LYS D 186 10.95 39.53 -11.74
CA LYS D 186 11.60 38.36 -12.30
C LYS D 186 10.89 37.90 -13.57
N ARG D 187 11.47 36.89 -14.21
CA ARG D 187 10.95 36.35 -15.46
C ARG D 187 10.00 35.19 -15.17
N ALA D 188 9.64 34.44 -16.21
CA ALA D 188 8.61 33.41 -16.10
C ALA D 188 9.03 32.24 -15.21
N ASP D 189 10.34 32.04 -15.01
CA ASP D 189 10.79 30.93 -14.16
C ASP D 189 10.31 31.12 -12.72
N TYR D 190 10.37 32.34 -12.21
CA TYR D 190 9.85 32.61 -10.88
C TYR D 190 8.35 32.40 -10.83
N LEU D 191 7.64 32.70 -11.91
CA LEU D 191 6.21 32.42 -11.97
C LEU D 191 5.93 30.93 -11.88
N LEU D 192 6.71 30.13 -12.60
CA LEU D 192 6.56 28.67 -12.52
C LEU D 192 6.83 28.18 -11.11
N TYR D 193 7.88 28.71 -10.47
CA TYR D 193 8.17 28.35 -9.09
C TYR D 193 7.02 28.72 -8.17
N SER D 194 6.44 29.91 -8.36
CA SER D 194 5.33 30.35 -7.51
C SER D 194 4.13 29.43 -7.66
N LEU D 195 3.82 29.03 -8.90
CA LEU D 195 2.69 28.12 -9.11
C LEU D 195 2.94 26.77 -8.43
N ILE D 196 4.15 26.23 -8.60
CA ILE D 196 4.46 24.94 -7.98
C ILE D 196 4.42 25.03 -6.46
N ASP D 197 4.92 26.15 -5.90
CA ASP D 197 4.89 26.33 -4.46
C ASP D 197 3.47 26.44 -3.94
N ALA D 198 2.60 27.15 -4.68
CA ALA D 198 1.19 27.23 -4.29
C ALA D 198 0.55 25.84 -4.29
N LEU D 199 0.87 25.03 -5.30
CA LEU D 199 0.33 23.68 -5.34
C LEU D 199 0.83 22.85 -4.15
N VAL D 200 2.09 23.01 -3.78
CA VAL D 200 2.63 22.28 -2.62
C VAL D 200 1.95 22.73 -1.34
N ASP D 201 1.68 24.04 -1.21
CA ASP D 201 0.95 24.52 -0.05
C ASP D 201 -0.46 23.95 0.01
N ASP D 202 -1.11 23.83 -1.15
CA ASP D 202 -2.40 23.15 -1.20
C ASP D 202 -2.29 21.70 -0.75
N TYR D 203 -1.19 21.03 -1.12
CA TYR D 203 -0.96 19.67 -0.64
C TYR D 203 -0.85 19.63 0.88
N PHE D 204 -0.15 20.62 1.46
CA PHE D 204 -0.05 20.69 2.92
C PHE D 204 -1.42 20.87 3.57
N VAL D 205 -2.25 21.74 2.99
CA VAL D 205 -3.61 21.93 3.51
C VAL D 205 -4.41 20.64 3.41
N LEU D 206 -4.25 19.91 2.31
CA LEU D 206 -4.93 18.62 2.17
C LEU D 206 -4.47 17.65 3.25
N LEU D 207 -3.17 17.63 3.54
CA LEU D 207 -2.67 16.76 4.60
C LEU D 207 -3.26 17.14 5.96
N GLU D 208 -3.44 18.44 6.20
CA GLU D 208 -4.11 18.86 7.43
C GLU D 208 -5.55 18.35 7.48
N LYS D 209 -6.25 18.44 6.36
CA LYS D 209 -7.61 17.89 6.30
C LYS D 209 -7.62 16.39 6.57
N ILE D 210 -6.61 15.68 6.07
CA ILE D 210 -6.52 14.25 6.33
C ILE D 210 -6.23 13.97 7.80
N ASP D 211 -5.41 14.81 8.43
CA ASP D 211 -5.25 14.76 9.89
C ASP D 211 -6.60 14.83 10.58
N ASP D 212 -7.42 15.82 10.21
CA ASP D 212 -8.72 15.98 10.85
C ASP D 212 -9.60 14.76 10.62
N GLU D 213 -9.63 14.25 9.39
CA GLU D 213 -10.47 13.09 9.07
C GLU D 213 -10.02 11.86 9.85
N ILE D 214 -8.72 11.61 9.93
CA ILE D 214 -8.21 10.46 10.66
C ILE D 214 -8.55 10.58 12.15
N ASP D 215 -8.40 11.78 12.72
CA ASP D 215 -8.74 11.96 14.12
C ASP D 215 -10.21 11.69 14.38
N VAL D 216 -11.08 12.22 13.52
CA VAL D 216 -12.53 12.04 13.70
C VAL D 216 -12.91 10.57 13.53
N LEU D 217 -12.27 9.87 12.59
CA LEU D 217 -12.59 8.46 12.39
C LEU D 217 -12.09 7.60 13.54
N GLU D 218 -10.90 7.92 14.07
CA GLU D 218 -10.33 7.10 15.14
C GLU D 218 -11.02 7.33 16.46
N GLU D 219 -11.52 8.54 16.73
CA GLU D 219 -12.27 8.75 17.97
C GLU D 219 -13.60 8.01 17.96
N GLU D 220 -14.04 7.50 16.81
CA GLU D 220 -15.30 6.78 16.70
C GLU D 220 -15.13 5.28 16.51
N VAL D 221 -14.03 4.85 15.89
CA VAL D 221 -13.86 3.43 15.58
C VAL D 221 -13.79 2.56 16.83
N LEU D 222 -13.46 3.15 17.98
CA LEU D 222 -13.35 2.35 19.21
C LEU D 222 -14.71 1.95 19.75
N GLU D 223 -15.68 2.87 19.73
CA GLU D 223 -16.94 2.67 20.41
C GLU D 223 -18.13 2.49 19.48
N ARG D 224 -17.95 2.68 18.17
CA ARG D 224 -19.01 2.47 17.19
C ARG D 224 -18.47 1.60 16.06
N PRO D 225 -18.24 0.31 16.31
CA PRO D 225 -17.66 -0.59 15.30
C PRO D 225 -18.67 -1.23 14.36
N GLU D 226 -19.15 -0.44 13.40
CA GLU D 226 -20.09 -0.92 12.39
C GLU D 226 -19.40 -1.03 11.04
N LYS D 227 -20.11 -1.63 10.08
CA LYS D 227 -19.52 -1.92 8.79
C LYS D 227 -19.21 -0.65 7.99
N GLU D 228 -20.05 0.37 8.13
CA GLU D 228 -19.79 1.62 7.40
C GLU D 228 -18.52 2.30 7.90
N THR D 229 -18.20 2.15 9.18
CA THR D 229 -16.94 2.68 9.69
C THR D 229 -15.75 1.98 9.04
N VAL D 230 -15.85 0.67 8.85
CA VAL D 230 -14.76 -0.06 8.20
C VAL D 230 -14.66 0.30 6.73
N GLN D 231 -15.80 0.51 6.07
CA GLN D 231 -15.77 0.98 4.69
C GLN D 231 -15.09 2.35 4.60
N ARG D 232 -15.39 3.24 5.53
CA ARG D 232 -14.72 4.54 5.59
C ARG D 232 -13.22 4.37 5.79
N THR D 233 -12.83 3.48 6.69
CA THR D 233 -11.40 3.25 6.92
C THR D 233 -10.71 2.71 5.67
N HIS D 234 -11.36 1.77 4.98
CA HIS D 234 -10.77 1.19 3.77
C HIS D 234 -10.64 2.22 2.67
N GLN D 235 -11.67 3.04 2.47
CA GLN D 235 -11.57 4.09 1.45
C GLN D 235 -10.53 5.13 1.83
N LEU D 236 -10.36 5.39 3.13
CA LEU D 236 -9.27 6.27 3.56
C LEU D 236 -7.91 5.66 3.24
N LYS D 237 -7.76 4.36 3.47
CA LYS D 237 -6.52 3.69 3.12
C LYS D 237 -6.24 3.77 1.62
N ARG D 238 -7.27 3.59 0.80
CA ARG D 238 -7.10 3.74 -0.64
C ARG D 238 -6.73 5.16 -1.01
N ASN D 239 -7.33 6.15 -0.33
CA ASN D 239 -7.01 7.54 -0.59
C ASN D 239 -5.54 7.83 -0.28
N LEU D 240 -5.04 7.33 0.85
CA LEU D 240 -3.63 7.53 1.17
C LEU D 240 -2.71 6.76 0.23
N VAL D 241 -3.13 5.60 -0.25
CA VAL D 241 -2.33 4.89 -1.25
C VAL D 241 -2.19 5.73 -2.51
N GLU D 242 -3.31 6.29 -2.98
CA GLU D 242 -3.28 7.16 -4.15
C GLU D 242 -2.44 8.41 -3.87
N LEU D 243 -2.52 8.93 -2.65
CA LEU D 243 -1.72 10.09 -2.28
C LEU D 243 -0.23 9.80 -2.37
N ARG D 244 0.20 8.64 -1.88
CA ARG D 244 1.60 8.25 -2.00
C ARG D 244 1.99 8.11 -3.47
N LYS D 245 1.14 7.44 -4.25
CA LYS D 245 1.43 7.21 -5.66
C LYS D 245 1.46 8.50 -6.47
N THR D 246 0.82 9.57 -6.00
CA THR D 246 0.87 10.84 -6.70
C THR D 246 1.89 11.82 -6.14
N ILE D 247 2.35 11.61 -4.90
CA ILE D 247 3.32 12.52 -4.32
C ILE D 247 4.76 12.07 -4.57
N TRP D 248 5.02 10.76 -4.64
CA TRP D 248 6.36 10.32 -5.00
C TRP D 248 6.80 10.84 -6.36
N PRO D 249 6.01 10.74 -7.43
CA PRO D 249 6.41 11.37 -8.70
C PRO D 249 6.55 12.87 -8.60
N LEU D 250 5.80 13.54 -7.72
CA LEU D 250 6.00 14.97 -7.50
C LEU D 250 7.38 15.24 -6.92
N ARG D 251 7.80 14.41 -5.96
CA ARG D 251 9.15 14.54 -5.41
C ARG D 251 10.20 14.33 -6.50
N GLU D 252 10.01 13.34 -7.35
CA GLU D 252 10.94 13.12 -8.45
C GLU D 252 10.95 14.31 -9.41
N VAL D 253 9.78 14.90 -9.65
CA VAL D 253 9.69 16.06 -10.55
C VAL D 253 10.51 17.22 -10.00
N LEU D 254 10.33 17.53 -8.71
CA LEU D 254 11.09 18.62 -8.12
C LEU D 254 12.59 18.31 -8.09
N SER D 255 12.94 17.05 -7.81
CA SER D 255 14.36 16.67 -7.80
C SER D 255 14.99 16.89 -9.17
N SER D 256 14.31 16.43 -10.23
CA SER D 256 14.82 16.66 -11.58
C SER D 256 14.75 18.13 -11.97
N LEU D 257 13.87 18.90 -11.33
CA LEU D 257 13.75 20.32 -11.65
C LEU D 257 14.89 21.14 -11.07
N TYR D 258 15.40 20.78 -9.88
CA TYR D 258 16.50 21.57 -9.31
C TYR D 258 17.85 20.89 -9.47
N ARG D 259 17.91 19.64 -9.92
CA ARG D 259 19.18 18.95 -10.12
C ARG D 259 19.57 18.82 -11.59
N ASP D 260 18.64 19.04 -12.51
CA ASP D 260 18.85 18.92 -13.95
C ASP D 260 18.27 20.14 -14.67
N VAL D 261 18.62 21.32 -14.18
CA VAL D 261 18.00 22.55 -14.68
C VAL D 261 18.27 22.72 -16.17
N PRO D 262 17.26 23.01 -16.99
CA PRO D 262 17.49 23.24 -18.40
C PRO D 262 17.90 24.68 -18.65
N PRO D 263 18.33 25.01 -19.87
CA PRO D 263 18.66 26.41 -20.17
C PRO D 263 17.49 27.37 -20.00
N LEU D 264 16.25 26.88 -20.12
CA LEU D 264 15.10 27.76 -19.96
C LEU D 264 15.03 28.31 -18.54
N ILE D 265 15.27 27.46 -17.55
CA ILE D 265 15.31 27.91 -16.16
C ILE D 265 16.67 28.54 -15.89
N GLU D 266 16.67 29.76 -15.36
CA GLU D 266 17.91 30.47 -15.09
C GLU D 266 18.73 29.75 -14.02
N LYS D 267 20.00 30.11 -13.96
CA LYS D 267 20.86 29.59 -12.89
C LYS D 267 20.34 30.02 -11.52
N GLU D 268 19.90 31.26 -11.42
CA GLU D 268 19.20 31.73 -10.23
C GLU D 268 17.82 31.07 -10.16
N THR D 269 17.18 31.15 -9.00
CA THR D 269 15.88 30.58 -8.62
C THR D 269 15.98 29.08 -8.37
N VAL D 270 17.16 28.47 -8.52
CA VAL D 270 17.33 27.07 -8.13
C VAL D 270 17.09 26.86 -6.63
N PRO D 271 17.58 27.71 -5.73
CA PRO D 271 17.29 27.49 -4.30
C PRO D 271 15.80 27.47 -3.97
N TYR D 272 14.98 28.23 -4.71
CA TYR D 272 13.54 28.15 -4.51
C TYR D 272 13.01 26.75 -4.83
N PHE D 273 13.48 26.18 -5.94
CA PHE D 273 13.10 24.81 -6.28
C PHE D 273 13.59 23.83 -5.23
N ARG D 274 14.77 24.09 -4.66
CA ARG D 274 15.26 23.25 -3.58
C ARG D 274 14.36 23.34 -2.35
N ASP D 275 13.86 24.54 -2.05
CA ASP D 275 12.91 24.70 -0.95
C ASP D 275 11.63 23.92 -1.20
N VAL D 276 11.13 23.97 -2.44
CA VAL D 276 9.93 23.19 -2.78
C VAL D 276 10.23 21.70 -2.64
N TYR D 277 11.44 21.28 -3.00
CA TYR D 277 11.83 19.88 -2.84
C TYR D 277 11.84 19.48 -1.36
N ASP D 278 12.34 20.36 -0.49
CA ASP D 278 12.29 20.07 0.94
C ASP D 278 10.85 19.95 1.43
N HIS D 279 9.98 20.82 0.93
CA HIS D 279 8.57 20.74 1.30
C HIS D 279 7.94 19.42 0.87
N THR D 280 8.26 18.96 -0.33
CA THR D 280 7.68 17.69 -0.78
C THR D 280 8.32 16.51 -0.05
N ILE D 281 9.56 16.64 0.41
CA ILE D 281 10.13 15.63 1.31
C ILE D 281 9.31 15.54 2.59
N GLN D 282 8.98 16.70 3.17
CA GLN D 282 8.16 16.72 4.37
C GLN D 282 6.79 16.08 4.11
N ILE D 283 6.19 16.38 2.95
CA ILE D 283 4.89 15.82 2.61
C ILE D 283 4.98 14.30 2.50
N ALA D 284 6.04 13.80 1.85
CA ALA D 284 6.22 12.36 1.70
C ALA D 284 6.39 11.69 3.05
N ASP D 285 7.15 12.32 3.96
CA ASP D 285 7.30 11.76 5.30
C ASP D 285 5.96 11.70 6.04
N THR D 286 5.15 12.76 5.92
CA THR D 286 3.83 12.76 6.55
C THR D 286 2.95 11.64 5.99
N VAL D 287 3.00 11.44 4.67
CA VAL D 287 2.22 10.36 4.06
C VAL D 287 2.72 9.01 4.55
N GLU D 288 4.03 8.87 4.74
CA GLU D 288 4.59 7.61 5.25
C GLU D 288 4.08 7.31 6.65
N THR D 289 4.02 8.32 7.51
CA THR D 289 3.43 8.11 8.84
C THR D 289 1.95 7.77 8.74
N PHE D 290 1.24 8.42 7.81
CA PHE D 290 -0.18 8.13 7.61
C PHE D 290 -0.41 6.68 7.22
N ARG D 291 0.48 6.13 6.40
CA ARG D 291 0.32 4.77 5.91
C ARG D 291 0.32 3.75 7.05
N ASP D 292 0.98 4.06 8.16
CA ASP D 292 0.97 3.19 9.33
C ASP D 292 -0.13 3.56 10.32
N ILE D 293 -0.47 4.84 10.41
CA ILE D 293 -1.59 5.23 11.27
C ILE D 293 -2.89 4.59 10.77
N VAL D 294 -3.04 4.43 9.45
CA VAL D 294 -4.25 3.81 8.91
C VAL D 294 -4.37 2.38 9.41
N SER D 295 -3.27 1.63 9.38
CA SER D 295 -3.31 0.26 9.92
C SER D 295 -3.55 0.27 11.43
N GLY D 296 -3.02 1.27 12.13
CA GLY D 296 -3.30 1.39 13.55
C GLY D 296 -4.79 1.52 13.83
N LEU D 297 -5.49 2.34 13.05
CA LEU D 297 -6.95 2.41 13.15
C LEU D 297 -7.60 1.09 12.74
N LEU D 298 -7.08 0.43 11.70
CA LEU D 298 -7.71 -0.78 11.20
C LEU D 298 -7.70 -1.89 12.24
N ASP D 299 -6.61 -2.01 13.01
CA ASP D 299 -6.53 -3.07 14.01
C ASP D 299 -7.55 -2.88 15.13
N VAL D 300 -7.89 -1.63 15.46
CA VAL D 300 -8.74 -1.36 16.61
C VAL D 300 -10.15 -1.92 16.41
N TYR D 301 -10.70 -1.77 15.20
CA TYR D 301 -12.04 -2.29 14.94
C TYR D 301 -12.08 -3.80 15.13
N LEU D 302 -11.08 -4.50 14.61
CA LEU D 302 -11.03 -5.96 14.78
C LEU D 302 -10.91 -6.32 16.25
N SER D 303 -10.09 -5.58 17.00
CA SER D 303 -9.96 -5.85 18.43
C SER D 303 -11.29 -5.67 19.14
N SER D 304 -12.02 -4.60 18.83
CA SER D 304 -13.28 -4.33 19.51
C SER D 304 -14.34 -5.38 19.16
N VAL D 305 -14.41 -5.77 17.89
CA VAL D 305 -15.39 -6.78 17.49
C VAL D 305 -15.05 -8.11 18.14
N SER D 306 -13.76 -8.46 18.21
CA SER D 306 -13.37 -9.68 18.88
C SER D 306 -13.71 -9.63 20.37
N ASN D 307 -13.60 -8.45 20.99
CA ASN D 307 -13.99 -8.32 22.39
C ASN D 307 -15.49 -8.52 22.59
N LYS D 308 -16.31 -7.94 21.72
CA LYS D 308 -17.76 -8.16 21.82
C LYS D 308 -18.11 -9.62 21.60
N THR D 309 -17.45 -10.26 20.64
CA THR D 309 -17.63 -11.68 20.41
C THR D 309 -17.22 -12.49 21.64
N ASN D 310 -16.13 -12.08 22.29
CA ASN D 310 -15.71 -12.72 23.53
C ASN D 310 -16.80 -12.63 24.58
N GLU D 311 -17.40 -11.44 24.75
CA GLU D 311 -18.44 -11.28 25.77
C GLU D 311 -19.64 -12.17 25.50
N VAL D 312 -20.15 -12.14 24.27
CA VAL D 312 -21.36 -12.92 23.96
C VAL D 312 -21.07 -14.41 24.10
N MET D 313 -19.91 -14.87 23.65
CA MET D 313 -19.64 -16.28 23.74
C MET D 313 -19.29 -16.69 25.16
N LYS D 314 -18.79 -15.73 25.96
CA LYS D 314 -18.58 -16.00 27.37
C LYS D 314 -19.89 -16.30 28.08
N VAL D 315 -20.91 -15.46 27.84
CA VAL D 315 -22.19 -15.75 28.51
C VAL D 315 -22.78 -17.05 27.97
N LEU D 316 -22.59 -17.31 26.66
CA LEU D 316 -23.03 -18.59 26.11
C LEU D 316 -22.38 -19.79 26.81
N THR D 317 -21.06 -19.74 26.98
CA THR D 317 -20.37 -20.87 27.62
C THR D 317 -20.68 -20.93 29.11
N ILE D 318 -20.98 -19.80 29.75
CA ILE D 318 -21.45 -19.84 31.14
C ILE D 318 -22.73 -20.65 31.24
N ILE D 319 -23.69 -20.34 30.36
CA ILE D 319 -24.96 -21.05 30.38
C ILE D 319 -24.76 -22.54 30.10
N ALA D 320 -23.93 -22.85 29.09
CA ALA D 320 -23.68 -24.24 28.75
C ALA D 320 -23.05 -24.99 29.91
N THR D 321 -22.00 -24.42 30.51
CA THR D 321 -21.31 -25.08 31.61
C THR D 321 -22.24 -25.32 32.79
N ILE D 322 -23.09 -24.33 33.11
CA ILE D 322 -23.98 -24.50 34.25
C ILE D 322 -25.04 -25.56 33.97
N PHE D 323 -25.58 -25.60 32.74
CA PHE D 323 -26.82 -26.33 32.53
C PHE D 323 -26.66 -27.70 31.88
N MET D 324 -25.61 -27.94 31.08
CA MET D 324 -25.49 -29.24 30.43
C MET D 324 -25.29 -30.39 31.43
N PRO D 325 -24.38 -30.31 32.42
CA PRO D 325 -24.33 -31.40 33.41
C PRO D 325 -25.61 -31.56 34.20
N LEU D 326 -26.33 -30.47 34.47
CA LEU D 326 -27.60 -30.56 35.18
C LEU D 326 -28.62 -31.35 34.36
N THR D 327 -28.73 -31.04 33.07
CA THR D 327 -29.62 -31.81 32.20
C THR D 327 -29.18 -33.26 32.11
N PHE D 328 -27.88 -33.50 32.06
CA PHE D 328 -27.38 -34.87 31.99
C PHE D 328 -27.80 -35.68 33.22
N ILE D 329 -27.58 -35.13 34.42
CA ILE D 329 -27.92 -35.87 35.63
C ILE D 329 -29.44 -35.99 35.78
N ALA D 330 -30.20 -34.99 35.31
CA ALA D 330 -31.65 -35.13 35.29
C ALA D 330 -32.08 -36.28 34.41
N GLY D 331 -31.45 -36.43 33.24
CA GLY D 331 -31.74 -37.56 32.39
C GLY D 331 -31.33 -38.89 33.01
N ILE D 332 -30.21 -38.89 33.74
CA ILE D 332 -29.76 -40.11 34.40
C ILE D 332 -30.79 -40.56 35.43
N TYR D 333 -31.29 -39.63 36.25
CA TYR D 333 -32.28 -40.01 37.24
C TYR D 333 -33.69 -40.07 36.67
N GLY D 334 -33.88 -39.73 35.41
CA GLY D 334 -35.16 -39.84 34.75
C GLY D 334 -35.34 -41.06 33.87
N MET D 335 -34.33 -41.93 33.80
CA MET D 335 -34.41 -43.14 32.99
C MET D 335 -34.86 -44.31 33.85
N ASN D 336 -35.77 -45.11 33.31
CA ASN D 336 -36.44 -46.16 34.08
C ASN D 336 -35.75 -47.52 33.91
N PHE D 337 -35.42 -48.13 35.05
CA PHE D 337 -34.83 -49.46 35.08
C PHE D 337 -35.58 -50.46 35.95
N GLU D 338 -36.56 -50.01 36.73
CA GLU D 338 -37.36 -50.80 37.68
C GLU D 338 -36.54 -51.27 38.87
N TYR D 339 -35.23 -51.01 38.91
CA TYR D 339 -34.39 -51.25 40.08
C TYR D 339 -33.45 -50.06 40.17
N MET D 340 -33.86 -49.04 40.91
CA MET D 340 -33.11 -47.79 40.98
C MET D 340 -33.18 -47.22 42.39
N PRO D 341 -32.04 -46.94 43.02
CA PRO D 341 -32.07 -46.41 44.39
C PRO D 341 -32.60 -44.99 44.46
N GLU D 342 -33.89 -44.82 44.19
CA GLU D 342 -34.55 -43.54 44.27
C GLU D 342 -35.20 -43.28 45.62
N LEU D 343 -35.06 -44.20 46.57
CA LEU D 343 -35.60 -44.07 47.91
C LEU D 343 -34.44 -44.17 48.88
N ARG D 344 -34.07 -43.03 49.49
CA ARG D 344 -32.89 -42.95 50.33
C ARG D 344 -33.23 -42.06 51.53
N TRP D 345 -32.21 -41.61 52.24
CA TRP D 345 -32.40 -40.75 53.41
C TRP D 345 -33.16 -39.48 53.01
N LYS D 346 -34.10 -39.09 53.86
CA LYS D 346 -35.00 -37.96 53.58
C LYS D 346 -35.72 -38.15 52.24
N TRP D 347 -36.13 -39.40 51.98
CA TRP D 347 -36.84 -39.85 50.79
C TRP D 347 -36.01 -39.77 49.53
N GLY D 348 -34.78 -39.28 49.60
CA GLY D 348 -33.86 -39.32 48.47
C GLY D 348 -33.93 -38.22 47.43
N TYR D 349 -35.14 -37.86 47.00
CA TYR D 349 -35.28 -36.92 45.89
C TYR D 349 -34.69 -35.54 46.16
N PRO D 350 -35.02 -34.86 47.28
CA PRO D 350 -34.54 -33.47 47.41
C PRO D 350 -33.03 -33.35 47.38
N VAL D 351 -32.31 -34.37 47.86
CA VAL D 351 -30.85 -34.34 47.82
C VAL D 351 -30.37 -34.08 46.41
N VAL D 352 -31.00 -34.73 45.42
CA VAL D 352 -30.62 -34.52 44.03
C VAL D 352 -30.66 -33.04 43.68
N LEU D 353 -31.77 -32.38 44.03
CA LEU D 353 -31.86 -30.94 43.78
C LEU D 353 -30.74 -30.20 44.48
N ALA D 354 -30.49 -30.55 45.75
CA ALA D 354 -29.34 -29.98 46.45
C ALA D 354 -28.07 -30.18 45.63
N VAL D 355 -27.84 -31.41 45.19
CA VAL D 355 -26.67 -31.70 44.36
C VAL D 355 -26.66 -30.77 43.15
N MET D 356 -27.81 -30.64 42.48
CA MET D 356 -27.93 -29.69 41.38
C MET D 356 -27.36 -28.34 41.80
N GLY D 357 -27.95 -27.74 42.84
CA GLY D 357 -27.47 -26.45 43.30
C GLY D 357 -25.99 -26.48 43.61
N VAL D 358 -25.54 -27.54 44.28
CA VAL D 358 -24.11 -27.71 44.53
C VAL D 358 -23.34 -27.61 43.24
N ILE D 359 -23.63 -28.51 42.30
CA ILE D 359 -22.84 -28.60 41.08
C ILE D 359 -23.17 -27.41 40.19
N ALA D 360 -24.07 -26.55 40.67
CA ALA D 360 -24.25 -25.24 40.04
C ALA D 360 -23.33 -24.21 40.68
N VAL D 361 -23.45 -24.02 41.99
CA VAL D 361 -22.85 -22.84 42.63
C VAL D 361 -21.33 -22.88 42.49
N ILE D 362 -20.74 -24.06 42.68
CA ILE D 362 -19.29 -24.20 42.54
C ILE D 362 -18.84 -23.69 41.18
N MET D 363 -19.56 -24.09 40.12
CA MET D 363 -19.22 -23.61 38.79
C MET D 363 -19.18 -22.09 38.76
N VAL D 364 -20.20 -21.44 39.31
CA VAL D 364 -20.21 -19.98 39.36
C VAL D 364 -18.98 -19.48 40.10
N VAL D 365 -18.69 -20.09 41.25
CA VAL D 365 -17.50 -19.71 42.01
C VAL D 365 -16.26 -19.91 41.16
N TYR D 366 -16.19 -21.03 40.44
CA TYR D 366 -15.04 -21.27 39.57
C TYR D 366 -14.92 -20.17 38.54
N PHE D 367 -16.05 -19.71 38.00
CA PHE D 367 -16.00 -18.65 37.01
C PHE D 367 -15.55 -17.33 37.63
N LYS D 368 -15.83 -17.14 38.92
CA LYS D 368 -15.29 -15.97 39.62
C LYS D 368 -13.77 -15.99 39.65
N LYS D 369 -13.16 -17.17 39.51
CA LYS D 369 -11.70 -17.21 39.37
C LYS D 369 -11.26 -16.57 38.06
N LYS D 370 -12.03 -16.77 36.99
CA LYS D 370 -11.69 -16.21 35.68
C LYS D 370 -12.35 -14.85 35.43
N LYS D 371 -13.15 -14.35 36.38
CA LYS D 371 -13.78 -13.04 36.29
C LYS D 371 -14.70 -12.91 35.08
N TRP D 372 -15.35 -14.01 34.70
CA TRP D 372 -16.34 -13.95 33.63
C TRP D 372 -17.70 -13.56 34.17
N LEU D 373 -18.39 -12.69 33.45
CA LEU D 373 -19.72 -12.20 33.82
C LEU D 373 -19.72 -11.61 35.22
N LEU E 39 -5.28 42.66 19.94
CA LEU E 39 -6.74 42.57 19.88
C LEU E 39 -7.29 41.70 21.01
N VAL E 40 -7.55 40.43 20.69
CA VAL E 40 -8.10 39.49 21.65
C VAL E 40 -7.28 38.20 21.61
N TYR E 41 -7.58 37.31 22.54
CA TYR E 41 -6.89 36.03 22.67
C TYR E 41 -7.91 34.90 22.60
N THR E 42 -7.44 33.67 22.85
CA THR E 42 -8.29 32.48 22.82
C THR E 42 -8.25 31.68 24.11
N GLY E 43 -7.25 31.89 24.97
CA GLY E 43 -7.07 31.12 26.19
C GLY E 43 -8.25 31.10 27.13
N LYS E 44 -8.22 30.19 28.11
CA LYS E 44 -9.35 29.96 29.00
C LYS E 44 -9.14 30.49 30.40
N TYR E 45 -7.90 30.74 30.81
CA TYR E 45 -7.60 31.13 32.19
C TYR E 45 -7.64 32.64 32.33
N ARG E 46 -8.43 33.12 33.30
CA ARG E 46 -8.50 34.54 33.63
C ARG E 46 -8.40 34.77 35.14
N GLU E 47 -7.93 33.78 35.90
CA GLU E 47 -8.06 33.83 37.36
C GLU E 47 -7.12 34.87 37.96
N ASP E 48 -5.85 34.87 37.55
CA ASP E 48 -4.84 35.65 38.24
C ASP E 48 -4.05 36.51 37.26
N PHE E 49 -3.60 37.66 37.75
CA PHE E 49 -2.76 38.59 37.02
C PHE E 49 -1.61 39.03 37.90
N GLU E 50 -0.42 39.18 37.32
CA GLU E 50 0.74 39.57 38.10
C GLU E 50 1.82 40.15 37.19
N ILE E 51 2.73 40.90 37.80
CA ILE E 51 3.91 41.43 37.14
C ILE E 51 5.09 41.12 38.04
N GLU E 52 6.16 40.54 37.46
CA GLU E 52 7.34 40.15 38.23
C GLU E 52 8.58 40.65 37.51
N VAL E 53 9.26 41.63 38.12
CA VAL E 53 10.52 42.13 37.61
C VAL E 53 11.64 41.63 38.51
N MET E 54 12.71 41.12 37.89
CA MET E 54 13.88 40.62 38.60
C MET E 54 15.13 41.19 37.92
N ASN E 55 15.55 42.37 38.35
CA ASN E 55 16.79 42.95 37.87
C ASN E 55 17.95 42.37 38.64
N TYR E 56 19.07 42.13 37.97
CA TYR E 56 20.24 41.59 38.65
C TYR E 56 21.50 42.01 37.92
N SER E 57 22.61 41.99 38.66
CA SER E 57 23.93 42.28 38.14
C SER E 57 24.93 41.61 39.06
N ILE E 58 26.22 41.96 38.92
CA ILE E 58 27.24 41.37 39.76
C ILE E 58 27.09 41.86 41.20
N GLU E 59 26.70 43.12 41.38
CA GLU E 59 26.69 43.72 42.72
C GLU E 59 25.46 43.30 43.51
N GLU E 60 24.26 43.66 43.03
CA GLU E 60 23.04 43.42 43.77
C GLU E 60 21.87 43.29 42.80
N PHE E 61 20.76 42.77 43.31
CA PHE E 61 19.57 42.52 42.51
C PHE E 61 18.35 43.18 43.13
N ARG E 62 17.40 43.55 42.28
CA ARG E 62 16.19 44.27 42.67
C ARG E 62 14.95 43.52 42.23
N GLU E 63 13.89 43.64 43.03
CA GLU E 63 12.62 42.99 42.79
C GLU E 63 11.48 43.90 43.25
N PHE E 64 10.44 44.01 42.44
CA PHE E 64 9.26 44.81 42.79
C PHE E 64 8.02 43.96 42.97
N LYS E 65 7.63 43.18 41.96
CA LYS E 65 6.48 42.27 42.01
C LYS E 65 5.19 43.03 42.35
N THR E 66 4.80 43.91 41.45
CA THR E 66 3.59 44.71 41.59
C THR E 66 2.47 44.13 40.75
N THR E 67 1.23 44.43 41.15
CA THR E 67 0.04 43.99 40.43
C THR E 67 -0.42 45.00 39.40
N ASP E 68 0.47 45.86 38.92
CA ASP E 68 0.12 46.89 37.94
C ASP E 68 1.41 47.28 37.23
N VAL E 69 1.25 48.03 36.13
CA VAL E 69 2.42 48.53 35.40
C VAL E 69 3.30 49.35 36.33
N GLU E 70 2.70 50.31 37.04
CA GLU E 70 3.34 51.04 38.13
C GLU E 70 4.68 51.64 37.70
N SER E 71 5.77 50.95 38.01
CA SER E 71 7.12 51.39 37.68
C SER E 71 7.82 50.32 36.88
N VAL E 72 8.36 50.70 35.73
CA VAL E 72 9.21 49.82 34.92
C VAL E 72 10.54 50.55 34.77
N LEU E 73 11.49 50.21 35.66
CA LEU E 73 12.75 50.96 35.72
C LEU E 73 13.58 50.90 34.44
N PRO E 74 13.81 49.73 33.79
CA PRO E 74 14.78 49.69 32.68
C PRO E 74 14.47 50.65 31.54
N PHE E 75 13.33 50.46 30.89
CA PHE E 75 12.94 51.29 29.74
C PHE E 75 14.09 51.41 28.74
N ARG E 76 14.67 50.25 28.40
CA ARG E 76 15.89 50.19 27.60
C ARG E 76 17.03 50.95 28.28
N ASP E 77 17.30 50.58 29.53
CA ASP E 77 18.41 51.20 30.27
C ASP E 77 19.75 50.85 29.65
N SER E 78 19.87 49.66 29.05
CA SER E 78 21.08 49.19 28.38
C SER E 78 22.28 49.11 29.32
N SER E 79 22.03 48.97 30.63
CA SER E 79 23.11 48.83 31.60
C SER E 79 22.89 47.70 32.61
N THR E 80 21.66 47.28 32.85
CA THR E 80 21.37 46.20 33.79
C THR E 80 20.49 45.18 33.10
N PRO E 81 20.85 43.89 33.14
CA PRO E 81 19.97 42.86 32.54
C PRO E 81 18.69 42.74 33.34
N THR E 82 17.56 42.83 32.64
CA THR E 82 16.25 42.81 33.27
C THR E 82 15.45 41.60 32.78
N TRP E 83 14.59 41.10 33.65
CA TRP E 83 13.71 39.98 33.34
C TRP E 83 12.33 40.29 33.89
N ILE E 84 11.35 40.48 33.01
CA ILE E 84 10.00 40.87 33.41
C ILE E 84 9.00 39.84 32.90
N ASN E 85 8.42 39.10 33.83
CA ASN E 85 7.29 38.22 33.55
C ASN E 85 5.99 39.00 33.72
N ILE E 86 5.02 38.75 32.84
CA ILE E 86 3.66 39.20 33.10
C ILE E 86 2.76 37.97 33.03
N THR E 87 1.99 37.75 34.10
CA THR E 87 1.11 36.59 34.21
C THR E 87 -0.32 37.04 33.97
N GLY E 88 -0.94 36.50 32.93
CA GLY E 88 -2.29 36.88 32.54
C GLY E 88 -2.35 37.40 31.12
N ILE E 89 -3.41 37.08 30.40
CA ILE E 89 -3.60 37.56 29.04
C ILE E 89 -4.97 38.22 28.93
N HIS E 90 -5.78 38.08 29.99
CA HIS E 90 -7.06 38.76 30.02
C HIS E 90 -6.87 40.27 30.02
N ARG E 91 -5.89 40.77 30.79
CA ARG E 91 -5.56 42.19 30.81
C ARG E 91 -4.60 42.48 29.66
N THR E 92 -5.17 42.60 28.46
CA THR E 92 -4.38 42.86 27.27
C THR E 92 -3.74 44.24 27.28
N ASP E 93 -4.21 45.16 28.13
CA ASP E 93 -3.73 46.53 28.10
C ASP E 93 -2.23 46.62 28.34
N VAL E 94 -1.73 45.82 29.28
CA VAL E 94 -0.29 45.80 29.55
C VAL E 94 0.47 45.32 28.32
N VAL E 95 -0.09 44.36 27.58
CA VAL E 95 0.58 43.85 26.38
C VAL E 95 0.72 44.96 25.34
N GLN E 96 -0.37 45.70 25.09
CA GLN E 96 -0.29 46.80 24.14
C GLN E 96 0.66 47.89 24.63
N ARG E 97 0.67 48.15 25.94
CA ARG E 97 1.56 49.17 26.48
C ARG E 97 3.04 48.80 26.24
N VAL E 98 3.41 47.56 26.60
CA VAL E 98 4.80 47.15 26.43
C VAL E 98 5.15 47.04 24.95
N GLY E 99 4.20 46.66 24.10
CA GLY E 99 4.47 46.67 22.67
C GLY E 99 4.70 48.07 22.14
N GLU E 100 3.93 49.04 22.63
CA GLU E 100 4.11 50.42 22.20
C GLU E 100 5.44 50.99 22.65
N PHE E 101 5.87 50.67 23.88
CA PHE E 101 7.08 51.28 24.41
C PHE E 101 8.33 50.73 23.72
N PHE E 102 8.57 49.43 23.84
CA PHE E 102 9.80 48.83 23.33
C PHE E 102 9.80 48.64 21.82
N GLY E 103 8.83 49.21 21.11
CA GLY E 103 8.80 49.16 19.66
C GLY E 103 8.59 47.78 19.07
N ILE E 104 7.65 47.02 19.62
CA ILE E 104 7.30 45.71 19.09
C ILE E 104 6.28 45.90 17.97
N HIS E 105 6.53 45.25 16.83
CA HIS E 105 5.65 45.39 15.68
C HIS E 105 4.25 44.87 16.03
N PRO E 106 3.19 45.52 15.53
CA PRO E 106 1.83 45.07 15.86
C PRO E 106 1.53 43.64 15.43
N LEU E 107 2.15 43.15 14.35
CA LEU E 107 1.83 41.81 13.85
C LEU E 107 2.23 40.74 14.85
N VAL E 108 3.43 40.83 15.41
CA VAL E 108 3.84 39.83 16.39
C VAL E 108 3.05 39.98 17.69
N LEU E 109 2.61 41.21 18.01
CA LEU E 109 1.70 41.39 19.14
C LEU E 109 0.38 40.64 18.90
N GLU E 110 -0.14 40.72 17.68
CA GLU E 110 -1.34 39.94 17.35
C GLU E 110 -1.05 38.44 17.46
N ASP E 111 0.11 38.00 16.99
CA ASP E 111 0.45 36.58 17.06
C ASP E 111 0.66 36.12 18.50
N ILE E 112 0.94 37.04 19.42
CA ILE E 112 1.16 36.68 20.82
C ILE E 112 -0.11 36.12 21.44
N LEU E 113 -1.24 36.78 21.20
CA LEU E 113 -2.50 36.42 21.86
C LEU E 113 -3.19 35.27 21.12
N ASN E 114 -2.47 34.15 21.03
CA ASN E 114 -3.00 32.92 20.48
C ASN E 114 -2.57 31.75 21.34
N VAL E 115 -3.41 30.71 21.39
CA VAL E 115 -3.12 29.52 22.16
C VAL E 115 -3.07 28.26 21.28
N HIS E 116 -3.71 28.25 20.12
CA HIS E 116 -3.72 27.10 19.23
C HIS E 116 -2.67 27.22 18.13
N GLN E 117 -1.52 27.80 18.47
CA GLN E 117 -0.43 28.01 17.53
C GLN E 117 0.79 27.21 17.97
N ARG E 118 1.51 26.66 16.99
CA ARG E 118 2.72 25.91 17.27
C ARG E 118 3.85 26.85 17.69
N PRO E 119 4.82 26.35 18.45
CA PRO E 119 5.95 27.20 18.86
C PRO E 119 6.73 27.72 17.66
N LYS E 120 7.23 28.94 17.79
CA LYS E 120 7.86 29.61 16.65
C LYS E 120 8.91 30.61 17.13
N VAL E 121 9.63 31.17 16.16
CA VAL E 121 10.70 32.12 16.44
C VAL E 121 10.79 33.11 15.28
N GLU E 122 11.14 34.35 15.61
CA GLU E 122 11.34 35.41 14.62
C GLU E 122 12.50 36.29 15.05
N PHE E 123 13.20 36.84 14.07
CA PHE E 123 14.34 37.71 14.30
C PHE E 123 14.04 39.13 13.84
N PHE E 124 14.61 40.10 14.56
CA PHE E 124 14.46 41.50 14.21
C PHE E 124 15.75 42.23 14.56
N GLU E 125 15.90 43.42 13.98
CA GLU E 125 17.12 44.21 14.16
C GLU E 125 17.27 44.72 15.59
N ASN E 126 16.17 44.86 16.33
CA ASN E 126 16.20 45.39 17.69
C ASN E 126 15.98 44.33 18.76
N TYR E 127 15.27 43.25 18.44
CA TYR E 127 14.92 42.24 19.42
C TYR E 127 14.67 40.92 18.68
N VAL E 128 14.44 39.86 19.46
CA VAL E 128 14.03 38.59 18.88
C VAL E 128 12.78 38.11 19.63
N PHE E 129 11.93 37.37 18.91
CA PHE E 129 10.62 36.95 19.41
C PHE E 129 10.55 35.43 19.39
N ILE E 130 9.99 34.87 20.46
CA ILE E 130 10.05 33.43 20.71
C ILE E 130 8.73 32.99 21.35
N VAL E 131 8.18 31.87 20.90
CA VAL E 131 6.94 31.33 21.45
C VAL E 131 7.12 29.83 21.68
N LEU E 132 6.92 29.39 22.92
CA LEU E 132 6.95 27.98 23.31
C LEU E 132 5.68 27.64 24.09
N LYS E 133 5.62 26.39 24.54
CA LYS E 133 4.43 25.88 25.23
C LYS E 133 4.84 24.91 26.32
N MET E 134 4.17 24.99 27.48
CA MET E 134 4.27 23.99 28.51
C MET E 134 3.06 23.07 28.53
N PHE E 135 3.32 21.81 28.86
CA PHE E 135 2.31 20.77 29.04
C PHE E 135 2.35 20.28 30.47
N THR E 136 1.19 19.89 30.98
CA THR E 136 1.06 19.37 32.34
C THR E 136 0.36 18.02 32.27
N TYR E 137 0.91 17.04 32.98
CA TYR E 137 0.42 15.67 33.02
C TYR E 137 0.10 15.28 34.45
N ASP E 138 -0.83 14.34 34.59
CA ASP E 138 -1.23 13.85 35.90
C ASP E 138 -1.69 12.40 35.80
N LYS E 139 -1.65 11.71 36.93
CA LYS E 139 -2.21 10.35 37.02
C LYS E 139 -3.66 10.39 37.48
N ASN E 140 -4.47 11.21 36.81
CA ASN E 140 -5.89 11.35 37.13
C ASN E 140 -6.78 10.94 35.96
N LEU E 141 -6.59 11.54 34.79
CA LEU E 141 -7.40 11.20 33.63
C LEU E 141 -6.59 11.15 32.33
N HIS E 142 -5.27 11.31 32.40
CA HIS E 142 -4.37 11.11 31.26
C HIS E 142 -4.70 12.06 30.10
N GLU E 143 -4.54 13.35 30.37
CA GLU E 143 -4.67 14.37 29.34
C GLU E 143 -3.86 15.58 29.77
N LEU E 144 -3.24 16.25 28.80
CA LEU E 144 -2.22 17.24 29.08
C LEU E 144 -2.78 18.65 28.95
N GLU E 145 -2.58 19.45 30.01
CA GLU E 145 -2.99 20.85 29.99
C GLU E 145 -1.90 21.67 29.33
N SER E 146 -2.26 22.43 28.30
CA SER E 146 -1.29 23.13 27.46
C SER E 146 -1.44 24.62 27.64
N GLU E 147 -0.31 25.32 27.81
CA GLU E 147 -0.29 26.77 27.88
C GLU E 147 0.82 27.31 26.99
N GLN E 148 0.55 28.45 26.36
CA GLN E 148 1.48 29.09 25.43
C GLN E 148 2.14 30.29 26.10
N VAL E 149 3.47 30.33 26.05
CA VAL E 149 4.26 31.34 26.74
C VAL E 149 5.25 31.96 25.77
N SER E 150 5.34 33.29 25.82
CA SER E 150 6.11 34.06 24.85
C SER E 150 7.28 34.75 25.54
N LEU E 151 8.38 34.87 24.80
CA LEU E 151 9.58 35.57 25.24
C LEU E 151 9.98 36.57 24.17
N ILE E 152 10.50 37.72 24.59
CA ILE E 152 11.09 38.71 23.70
C ILE E 152 12.41 39.14 24.30
N LEU E 153 13.46 39.11 23.50
CA LEU E 153 14.81 39.47 23.96
C LEU E 153 15.23 40.77 23.27
N THR E 154 15.36 41.82 24.07
CA THR E 154 15.91 43.10 23.68
C THR E 154 17.18 43.31 24.49
N LYS E 155 17.99 44.30 24.12
CA LYS E 155 19.23 44.58 24.83
C LYS E 155 18.97 44.76 26.33
N ASN E 156 19.49 43.84 27.14
CA ASN E 156 19.29 43.85 28.59
C ASN E 156 17.81 43.85 28.96
N CYS E 157 17.02 43.02 28.27
CA CYS E 157 15.59 42.95 28.53
C CYS E 157 15.06 41.60 28.08
N VAL E 158 14.49 40.84 29.01
CA VAL E 158 13.79 39.60 28.71
C VAL E 158 12.33 39.82 29.12
N LEU E 159 11.51 40.19 28.15
CA LEU E 159 10.11 40.56 28.38
C LEU E 159 9.24 39.38 27.96
N MET E 160 8.55 38.76 28.93
CA MET E 160 7.87 37.50 28.66
C MET E 160 6.44 37.51 29.20
N PHE E 161 5.60 36.72 28.53
CA PHE E 161 4.18 36.59 28.83
C PHE E 161 3.89 35.14 29.18
N GLN E 162 3.26 34.93 30.35
CA GLN E 162 2.81 33.64 30.81
C GLN E 162 1.28 33.62 30.83
N GLU E 163 0.72 32.52 31.35
CA GLU E 163 -0.73 32.39 31.42
C GLU E 163 -1.20 31.98 32.80
N LYS E 164 -0.34 31.31 33.57
CA LYS E 164 -0.72 30.77 34.86
C LYS E 164 0.50 30.84 35.77
N ILE E 165 0.26 31.04 37.07
CA ILE E 165 1.33 31.07 38.06
C ILE E 165 1.84 29.66 38.29
N GLY E 166 3.00 29.54 38.94
CA GLY E 166 3.56 28.24 39.26
C GLY E 166 4.10 27.47 38.08
N ASP E 167 4.93 28.12 37.26
CA ASP E 167 5.56 27.46 36.13
C ASP E 167 6.82 26.72 36.58
N VAL E 168 7.63 26.27 35.62
CA VAL E 168 8.78 25.43 35.91
C VAL E 168 10.01 26.31 36.04
N PHE E 169 9.82 27.63 36.01
CA PHE E 169 10.92 28.57 36.10
C PHE E 169 11.33 28.88 37.53
N ASP E 170 10.76 28.18 38.52
CA ASP E 170 11.14 28.40 39.91
C ASP E 170 12.61 28.14 40.17
N PRO E 171 13.22 27.02 39.73
CA PRO E 171 14.65 26.83 39.99
C PRO E 171 15.53 27.92 39.42
N VAL E 172 15.18 28.44 38.23
CA VAL E 172 15.97 29.52 37.63
C VAL E 172 15.98 30.73 38.55
N ARG E 173 14.81 31.09 39.10
CA ARG E 173 14.74 32.15 40.10
C ARG E 173 15.72 31.88 41.24
N GLU E 174 15.80 30.61 41.68
CA GLU E 174 16.75 30.25 42.71
C GLU E 174 18.16 30.64 42.32
N ARG E 175 18.55 30.34 41.07
CA ARG E 175 19.88 30.71 40.60
C ARG E 175 20.10 32.22 40.71
N ILE E 176 19.05 33.01 40.49
CA ILE E 176 19.15 34.45 40.68
C ILE E 176 19.24 34.79 42.17
N ARG E 177 18.41 34.12 42.99
CA ARG E 177 18.32 34.51 44.39
C ARG E 177 19.52 34.05 45.21
N TYR E 178 19.98 32.82 44.99
CA TYR E 178 21.05 32.24 45.80
C TYR E 178 22.42 32.43 45.19
N ASN E 179 22.53 33.09 44.04
CA ASN E 179 23.80 33.41 43.40
C ASN E 179 24.65 32.15 43.18
N ARG E 180 24.11 31.26 42.36
CA ARG E 180 24.79 30.01 41.99
C ARG E 180 24.92 29.94 40.48
N GLY E 181 26.02 29.38 40.01
CA GLY E 181 26.28 29.28 38.59
C GLY E 181 26.84 30.56 38.02
N ILE E 182 26.99 30.56 36.69
CA ILE E 182 27.53 31.70 35.97
C ILE E 182 26.44 32.53 35.30
N ILE E 183 25.18 32.33 35.70
CA ILE E 183 24.09 33.14 35.15
C ILE E 183 24.25 34.60 35.55
N ARG E 184 24.77 34.85 36.75
CA ARG E 184 25.00 36.21 37.25
C ARG E 184 26.37 36.73 36.83
N LYS E 185 26.68 36.61 35.53
CA LYS E 185 27.96 37.07 35.01
C LYS E 185 27.82 38.13 33.94
N LYS E 186 27.09 37.85 32.85
CA LYS E 186 27.13 38.73 31.69
C LYS E 186 25.85 38.59 30.87
N ARG E 187 25.37 39.72 30.37
CA ARG E 187 24.37 39.80 29.30
C ARG E 187 23.04 39.17 29.67
N ALA E 188 22.09 39.18 28.72
CA ALA E 188 20.76 38.65 28.92
C ALA E 188 20.43 37.44 28.07
N ASP E 189 21.23 37.15 27.02
CA ASP E 189 20.98 35.98 26.20
C ASP E 189 21.14 34.70 27.01
N TYR E 190 22.11 34.68 27.93
CA TYR E 190 22.27 33.52 28.81
C TYR E 190 21.04 33.29 29.65
N LEU E 191 20.33 34.36 30.03
CA LEU E 191 19.08 34.22 30.75
C LEU E 191 18.03 33.49 29.91
N LEU E 192 17.91 33.87 28.63
CA LEU E 192 16.98 33.19 27.74
C LEU E 192 17.37 31.73 27.57
N TYR E 193 18.67 31.45 27.46
CA TYR E 193 19.13 30.07 27.38
C TYR E 193 18.75 29.29 28.64
N SER E 194 18.89 29.92 29.81
CA SER E 194 18.54 29.24 31.06
C SER E 194 17.05 28.95 31.13
N LEU E 195 16.22 29.90 30.71
CA LEU E 195 14.77 29.67 30.67
C LEU E 195 14.43 28.51 29.74
N ILE E 196 15.03 28.48 28.55
CA ILE E 196 14.75 27.39 27.62
C ILE E 196 15.26 26.07 28.17
N ASP E 197 16.39 26.08 28.88
CA ASP E 197 16.90 24.86 29.51
C ASP E 197 15.95 24.35 30.59
N ALA E 198 15.39 25.26 31.38
CA ALA E 198 14.40 24.85 32.37
C ALA E 198 13.18 24.24 31.70
N LEU E 199 12.74 24.83 30.59
CA LEU E 199 11.59 24.27 29.89
C LEU E 199 11.88 22.89 29.31
N VAL E 200 13.08 22.69 28.73
CA VAL E 200 13.39 21.37 28.19
C VAL E 200 13.58 20.36 29.32
N ASP E 201 14.01 20.81 30.50
CA ASP E 201 14.03 19.92 31.66
C ASP E 201 12.64 19.50 32.07
N ASP E 202 11.69 20.44 32.03
CA ASP E 202 10.29 20.10 32.27
C ASP E 202 9.80 19.09 31.23
N TYR E 203 10.22 19.27 29.98
CA TYR E 203 9.86 18.30 28.94
C TYR E 203 10.44 16.92 29.26
N PHE E 204 11.67 16.87 29.76
CA PHE E 204 12.29 15.60 30.12
C PHE E 204 11.53 14.90 31.24
N VAL E 205 11.15 15.65 32.28
CA VAL E 205 10.42 15.01 33.38
C VAL E 205 9.03 14.57 32.92
N LEU E 206 8.40 15.34 32.02
CA LEU E 206 7.13 14.91 31.45
C LEU E 206 7.30 13.62 30.66
N LEU E 207 8.40 13.52 29.91
CA LEU E 207 8.70 12.29 29.19
C LEU E 207 8.91 11.11 30.14
N GLU E 208 9.56 11.35 31.28
CA GLU E 208 9.69 10.29 32.28
C GLU E 208 8.33 9.83 32.79
N LYS E 209 7.44 10.77 33.09
CA LYS E 209 6.10 10.40 33.53
C LYS E 209 5.37 9.60 32.46
N ILE E 210 5.48 10.03 31.20
CA ILE E 210 4.85 9.30 30.11
C ILE E 210 5.43 7.90 29.99
N ASP E 211 6.75 7.77 30.14
CA ASP E 211 7.39 6.46 30.06
C ASP E 211 6.88 5.53 31.16
N ASP E 212 6.74 6.07 32.37
CA ASP E 212 6.17 5.27 33.46
C ASP E 212 4.74 4.82 33.13
N GLU E 213 3.95 5.72 32.55
CA GLU E 213 2.58 5.35 32.18
C GLU E 213 2.58 4.26 31.11
N ILE E 214 3.46 4.36 30.11
CA ILE E 214 3.53 3.33 29.07
C ILE E 214 3.95 1.99 29.68
N ASP E 215 4.87 2.02 30.64
CA ASP E 215 5.25 0.77 31.30
C ASP E 215 4.07 0.16 32.05
N VAL E 216 3.29 0.98 32.74
CA VAL E 216 2.13 0.47 33.47
C VAL E 216 1.12 -0.14 32.50
N LEU E 217 0.84 0.56 31.39
CA LEU E 217 -0.07 0.01 30.40
C LEU E 217 0.48 -1.25 29.75
N GLU E 218 1.80 -1.32 29.54
CA GLU E 218 2.40 -2.54 29.00
C GLU E 218 2.17 -3.72 29.93
N GLU E 219 2.42 -3.54 31.23
CA GLU E 219 2.19 -4.62 32.17
C GLU E 219 0.72 -5.02 32.20
N GLU E 220 -0.18 -4.02 32.21
CA GLU E 220 -1.61 -4.31 32.23
C GLU E 220 -2.03 -5.10 30.99
N VAL E 221 -1.56 -4.70 29.82
CA VAL E 221 -1.92 -5.41 28.59
C VAL E 221 -1.38 -6.83 28.63
N LEU E 222 -0.13 -7.00 29.08
CA LEU E 222 0.46 -8.34 29.12
C LEU E 222 -0.30 -9.27 30.05
N GLU E 223 -0.73 -8.77 31.21
CA GLU E 223 -1.28 -9.68 32.22
C GLU E 223 -2.75 -9.50 32.52
N ARG E 224 -3.30 -8.28 32.49
CA ARG E 224 -4.72 -8.05 32.78
C ARG E 224 -5.37 -7.27 31.64
N PRO E 225 -5.69 -7.95 30.54
CA PRO E 225 -6.44 -7.28 29.46
C PRO E 225 -7.82 -6.85 29.94
N GLU E 226 -8.28 -5.71 29.42
CA GLU E 226 -9.58 -5.18 29.79
C GLU E 226 -10.13 -4.37 28.62
N LYS E 227 -11.46 -4.20 28.62
CA LYS E 227 -12.11 -3.42 27.56
C LYS E 227 -11.68 -1.97 27.59
N GLU E 228 -11.56 -1.38 28.78
CA GLU E 228 -11.15 0.01 28.90
C GLU E 228 -9.66 0.19 28.61
N THR E 229 -8.89 -0.90 28.60
CA THR E 229 -7.45 -0.79 28.38
C THR E 229 -7.14 -0.28 26.98
N VAL E 230 -7.89 -0.73 25.97
CA VAL E 230 -7.64 -0.26 24.61
C VAL E 230 -7.99 1.21 24.49
N GLN E 231 -9.04 1.68 25.18
CA GLN E 231 -9.36 3.09 25.18
C GLN E 231 -8.27 3.91 25.87
N ARG E 232 -7.72 3.39 26.97
CA ARG E 232 -6.62 4.07 27.64
C ARG E 232 -5.40 4.16 26.73
N THR E 233 -5.10 3.07 26.02
CA THR E 233 -3.98 3.07 25.08
C THR E 233 -4.21 4.07 23.95
N HIS E 234 -5.44 4.17 23.45
CA HIS E 234 -5.75 5.14 22.41
C HIS E 234 -5.59 6.57 22.93
N GLN E 235 -6.01 6.83 24.16
CA GLN E 235 -5.83 8.16 24.75
C GLN E 235 -4.35 8.48 24.91
N LEU E 236 -3.56 7.49 25.34
CA LEU E 236 -2.12 7.69 25.45
C LEU E 236 -1.49 7.97 24.09
N LYS E 237 -1.97 7.27 23.05
CA LYS E 237 -1.47 7.52 21.70
C LYS E 237 -1.85 8.91 21.22
N ARG E 238 -3.04 9.39 21.58
CA ARG E 238 -3.43 10.76 21.25
C ARG E 238 -2.53 11.77 21.95
N ASN E 239 -2.19 11.51 23.20
CA ASN E 239 -1.24 12.38 23.90
C ASN E 239 0.11 12.39 23.20
N LEU E 240 0.57 11.21 22.77
CA LEU E 240 1.86 11.13 22.07
C LEU E 240 1.82 11.84 20.72
N VAL E 241 0.72 11.75 19.99
CA VAL E 241 0.67 12.44 18.70
C VAL E 241 0.59 13.94 18.91
N GLU E 242 -0.05 14.40 19.99
CA GLU E 242 0.00 15.82 20.33
C GLU E 242 1.44 16.24 20.64
N LEU E 243 2.17 15.41 21.38
CA LEU E 243 3.58 15.70 21.66
C LEU E 243 4.38 15.76 20.36
N ARG E 244 4.10 14.85 19.44
CA ARG E 244 4.79 14.85 18.15
C ARG E 244 4.48 16.13 17.38
N LYS E 245 3.23 16.59 17.43
CA LYS E 245 2.86 17.84 16.79
C LYS E 245 3.62 19.02 17.38
N THR E 246 3.78 19.03 18.70
CA THR E 246 4.36 20.21 19.34
C THR E 246 5.88 20.23 19.30
N ILE E 247 6.53 19.07 19.45
CA ILE E 247 7.97 19.04 19.70
C ILE E 247 8.75 19.49 18.46
N TRP E 248 8.37 19.03 17.28
CA TRP E 248 9.16 19.33 16.09
C TRP E 248 9.29 20.82 15.80
N PRO E 249 8.25 21.65 15.91
CA PRO E 249 8.47 23.10 15.81
C PRO E 249 9.45 23.62 16.85
N LEU E 250 9.48 23.04 18.05
CA LEU E 250 10.48 23.45 19.04
C LEU E 250 11.89 23.14 18.56
N ARG E 251 12.08 21.96 17.95
CA ARG E 251 13.38 21.63 17.40
C ARG E 251 13.76 22.60 16.29
N GLU E 252 12.78 23.00 15.46
CA GLU E 252 13.05 23.98 14.43
C GLU E 252 13.44 25.33 15.02
N VAL E 253 12.78 25.74 16.11
CA VAL E 253 13.13 27.00 16.78
C VAL E 253 14.57 26.95 17.26
N LEU E 254 14.96 25.86 17.93
CA LEU E 254 16.32 25.76 18.44
C LEU E 254 17.34 25.68 17.31
N SER E 255 17.01 24.96 16.24
CA SER E 255 17.90 24.91 15.08
C SER E 255 17.99 26.26 14.38
N SER E 256 16.99 27.12 14.54
CA SER E 256 17.08 28.48 14.01
C SER E 256 17.90 29.40 14.90
N LEU E 257 17.85 29.19 16.23
CA LEU E 257 18.65 30.02 17.13
C LEU E 257 20.14 29.79 16.91
N TYR E 258 20.53 28.55 16.66
CA TYR E 258 21.91 28.19 16.40
C TYR E 258 22.15 28.03 14.90
N ARG E 259 23.41 28.12 14.50
CA ARG E 259 23.87 27.79 13.15
C ARG E 259 23.36 28.79 12.11
N ASP E 260 22.55 29.75 12.55
CA ASP E 260 22.01 30.77 11.67
C ASP E 260 22.71 32.12 11.84
N VAL E 261 23.73 32.19 12.68
CA VAL E 261 24.44 33.43 12.99
C VAL E 261 23.44 34.46 13.49
N PRO E 262 22.93 34.31 14.71
CA PRO E 262 21.90 35.23 15.19
C PRO E 262 22.41 36.66 15.20
N PRO E 263 21.53 37.64 14.93
CA PRO E 263 22.00 39.02 14.81
C PRO E 263 22.63 39.58 16.07
N LEU E 264 21.94 39.47 17.21
CA LEU E 264 22.45 40.00 18.48
C LEU E 264 22.39 38.91 19.54
N ILE E 265 23.41 38.06 19.54
CA ILE E 265 23.65 37.07 20.59
C ILE E 265 25.15 36.91 20.72
N GLU E 266 25.63 36.89 21.97
CA GLU E 266 27.07 36.80 22.21
C GLU E 266 27.63 35.51 21.63
N LYS E 267 28.75 35.63 20.91
CA LYS E 267 29.41 34.47 20.34
C LYS E 267 30.05 33.57 21.39
N GLU E 268 30.18 34.06 22.63
CA GLU E 268 30.66 33.21 23.72
C GLU E 268 29.57 32.26 24.20
N THR E 269 28.31 32.64 24.07
CA THR E 269 27.19 31.86 24.58
C THR E 269 26.52 30.99 23.53
N VAL E 270 27.06 30.96 22.30
CA VAL E 270 26.47 30.10 21.26
C VAL E 270 26.48 28.62 21.62
N PRO E 271 27.55 28.04 22.21
CA PRO E 271 27.49 26.59 22.47
C PRO E 271 26.39 26.18 23.42
N TYR E 272 26.01 27.05 24.36
CA TYR E 272 25.01 26.68 25.36
C TYR E 272 23.68 26.33 24.70
N PHE E 273 23.25 27.15 23.73
CA PHE E 273 22.05 26.84 22.96
C PHE E 273 22.13 25.43 22.40
N ARG E 274 23.29 25.05 21.85
CA ARG E 274 23.47 23.72 21.29
C ARG E 274 23.00 22.66 22.29
N ASP E 275 23.38 22.82 23.55
CA ASP E 275 22.94 21.89 24.59
C ASP E 275 21.45 21.62 24.50
N VAL E 276 20.64 22.67 24.68
CA VAL E 276 19.21 22.45 24.70
C VAL E 276 18.75 21.97 23.33
N TYR E 277 19.38 22.46 22.26
CA TYR E 277 19.07 21.95 20.94
C TYR E 277 19.23 20.43 20.92
N ASP E 278 20.39 19.94 21.36
CA ASP E 278 20.59 18.50 21.44
C ASP E 278 19.50 17.87 22.29
N HIS E 279 19.21 18.49 23.45
CA HIS E 279 18.15 17.99 24.31
C HIS E 279 16.86 17.84 23.52
N THR E 280 16.46 18.89 22.80
CA THR E 280 15.22 18.83 22.03
C THR E 280 15.27 17.65 21.07
N ILE E 281 16.39 17.49 20.35
CA ILE E 281 16.51 16.38 19.41
C ILE E 281 16.26 15.07 20.14
N GLN E 282 16.95 14.88 21.27
CA GLN E 282 16.77 13.65 22.05
C GLN E 282 15.30 13.48 22.40
N ILE E 283 14.67 14.54 22.90
CA ILE E 283 13.27 14.47 23.27
C ILE E 283 12.46 14.00 22.08
N ALA E 284 12.67 14.63 20.92
CA ALA E 284 11.95 14.23 19.72
C ALA E 284 12.12 12.75 19.46
N ASP E 285 13.37 12.28 19.47
CA ASP E 285 13.62 10.87 19.23
C ASP E 285 12.85 10.01 20.22
N THR E 286 12.92 10.37 21.51
CA THR E 286 12.19 9.61 22.52
C THR E 286 10.72 9.55 22.16
N VAL E 287 10.12 10.69 21.85
CA VAL E 287 8.71 10.72 21.50
C VAL E 287 8.43 9.75 20.35
N GLU E 288 9.27 9.82 19.30
CA GLU E 288 9.11 8.91 18.18
C GLU E 288 9.09 7.47 18.65
N THR E 289 10.11 7.09 19.44
CA THR E 289 10.18 5.72 19.93
C THR E 289 8.91 5.39 20.71
N PHE E 290 8.48 6.30 21.58
CA PHE E 290 7.28 6.08 22.36
C PHE E 290 6.11 5.75 21.45
N ARG E 291 5.93 6.57 20.40
CA ARG E 291 4.88 6.31 19.43
C ARG E 291 4.92 4.85 18.99
N ASP E 292 6.07 4.42 18.49
CA ASP E 292 6.20 3.04 18.00
C ASP E 292 5.78 2.05 19.08
N ILE E 293 6.31 2.22 20.29
CA ILE E 293 6.07 1.22 21.32
C ILE E 293 4.57 1.16 21.64
N VAL E 294 3.90 2.32 21.61
CA VAL E 294 2.47 2.34 21.89
C VAL E 294 1.75 1.49 20.86
N SER E 295 2.11 1.63 19.58
CA SER E 295 1.49 0.82 18.54
C SER E 295 1.66 -0.66 18.84
N GLY E 296 2.83 -1.04 19.35
CA GLY E 296 3.05 -2.44 19.69
C GLY E 296 2.00 -2.94 20.67
N LEU E 297 1.73 -2.16 21.71
CA LEU E 297 0.69 -2.54 22.66
C LEU E 297 -0.64 -2.73 21.93
N LEU E 298 -0.98 -1.77 21.06
CA LEU E 298 -2.26 -1.82 20.35
C LEU E 298 -2.39 -3.09 19.53
N ASP E 299 -1.27 -3.74 19.19
CA ASP E 299 -1.36 -5.02 18.52
C ASP E 299 -1.34 -6.19 19.50
N VAL E 300 -0.47 -6.13 20.51
CA VAL E 300 -0.28 -7.28 21.38
C VAL E 300 -1.54 -7.58 22.17
N TYR E 301 -2.28 -6.54 22.57
CA TYR E 301 -3.57 -6.73 23.22
C TYR E 301 -4.49 -7.56 22.34
N LEU E 302 -4.55 -7.22 21.05
CA LEU E 302 -5.35 -8.00 20.11
C LEU E 302 -4.91 -9.46 20.12
N SER E 303 -3.59 -9.70 20.18
CA SER E 303 -3.08 -11.06 20.20
C SER E 303 -3.63 -11.85 21.38
N SER E 304 -3.89 -11.18 22.50
CA SER E 304 -4.52 -11.87 23.62
C SER E 304 -6.00 -12.09 23.36
N VAL E 305 -6.69 -11.09 22.81
CA VAL E 305 -8.15 -11.15 22.70
C VAL E 305 -8.56 -12.30 21.79
N SER E 306 -7.96 -12.36 20.60
CA SER E 306 -8.23 -13.47 19.68
C SER E 306 -7.87 -14.80 20.32
N ASN E 307 -6.87 -14.81 21.21
CA ASN E 307 -6.56 -16.03 21.94
C ASN E 307 -7.59 -16.31 23.02
N LYS E 308 -8.09 -15.27 23.69
CA LYS E 308 -9.07 -15.46 24.76
C LYS E 308 -10.28 -16.23 24.24
N THR E 309 -10.87 -15.77 23.14
CA THR E 309 -11.89 -16.53 22.44
C THR E 309 -11.50 -17.99 22.34
N ASN E 310 -10.34 -18.25 21.74
CA ASN E 310 -9.90 -19.63 21.53
C ASN E 310 -9.86 -20.39 22.84
N GLU E 311 -9.34 -19.77 23.91
CA GLU E 311 -9.31 -20.44 25.21
C GLU E 311 -10.72 -20.84 25.63
N VAL E 312 -11.65 -19.88 25.60
CA VAL E 312 -13.04 -20.17 25.92
C VAL E 312 -13.56 -21.28 25.02
N MET E 313 -13.16 -21.26 23.74
CA MET E 313 -13.45 -22.35 22.82
C MET E 313 -13.41 -23.69 23.51
N LYS E 314 -12.26 -24.01 24.08
CA LYS E 314 -12.04 -25.37 24.54
C LYS E 314 -13.09 -25.76 25.56
N VAL E 315 -13.38 -24.86 26.50
CA VAL E 315 -14.38 -25.17 27.52
C VAL E 315 -15.68 -25.58 26.85
N LEU E 316 -16.23 -24.69 26.01
CA LEU E 316 -17.51 -24.99 25.39
C LEU E 316 -17.43 -26.22 24.51
N THR E 317 -16.26 -26.47 23.93
CA THR E 317 -16.12 -27.63 23.06
C THR E 317 -15.92 -28.90 23.88
N ILE E 318 -15.32 -28.78 25.07
CA ILE E 318 -15.04 -29.98 25.86
C ILE E 318 -16.29 -30.46 26.56
N ILE E 319 -16.94 -29.57 27.33
CA ILE E 319 -18.08 -29.96 28.15
C ILE E 319 -19.16 -30.59 27.28
N ALA E 320 -19.52 -29.90 26.19
CA ALA E 320 -20.49 -30.46 25.25
C ALA E 320 -20.06 -31.86 24.79
N THR E 321 -18.81 -31.99 24.35
CA THR E 321 -18.32 -33.28 23.87
C THR E 321 -18.35 -34.33 24.96
N ILE E 322 -18.37 -33.92 26.23
CA ILE E 322 -18.48 -34.89 27.31
C ILE E 322 -19.93 -35.14 27.69
N PHE E 323 -20.82 -34.16 27.51
CA PHE E 323 -22.16 -34.27 28.04
C PHE E 323 -23.25 -34.38 26.98
N MET E 324 -23.04 -33.84 25.78
CA MET E 324 -24.01 -34.05 24.71
C MET E 324 -24.19 -35.53 24.37
N PRO E 325 -23.15 -36.36 24.23
CA PRO E 325 -23.38 -37.79 24.00
C PRO E 325 -24.00 -38.47 25.21
N LEU E 326 -23.46 -38.18 26.40
CA LEU E 326 -23.92 -38.85 27.62
C LEU E 326 -25.42 -38.66 27.81
N THR E 327 -25.90 -37.42 27.72
CA THR E 327 -27.32 -37.16 27.81
C THR E 327 -28.10 -37.98 26.79
N PHE E 328 -27.59 -38.04 25.55
CA PHE E 328 -28.23 -38.87 24.54
C PHE E 328 -28.34 -40.32 24.99
N ILE E 329 -27.26 -40.85 25.58
CA ILE E 329 -27.32 -42.22 26.07
C ILE E 329 -28.41 -42.37 27.12
N ALA E 330 -28.56 -41.35 27.98
CA ALA E 330 -29.65 -41.36 28.95
C ALA E 330 -31.01 -41.40 28.23
N GLY E 331 -31.14 -40.62 27.16
CA GLY E 331 -32.36 -40.67 26.38
C GLY E 331 -32.59 -42.03 25.75
N ILE E 332 -31.52 -42.78 25.52
CA ILE E 332 -31.68 -44.15 25.00
C ILE E 332 -32.28 -45.06 26.06
N TYR E 333 -32.03 -44.77 27.34
CA TYR E 333 -32.53 -45.61 28.42
C TYR E 333 -33.66 -44.96 29.20
N GLY E 334 -34.06 -43.75 28.83
CA GLY E 334 -35.26 -43.14 29.38
C GLY E 334 -36.45 -43.40 28.48
N MET E 335 -36.31 -44.40 27.61
CA MET E 335 -37.31 -44.69 26.59
C MET E 335 -38.60 -45.21 27.22
N ASN E 336 -39.62 -45.34 26.37
CA ASN E 336 -40.92 -45.86 26.78
C ASN E 336 -41.32 -47.09 25.96
N PHE E 337 -40.36 -47.70 25.26
CA PHE E 337 -40.65 -48.85 24.42
C PHE E 337 -41.07 -50.04 25.27
N GLU E 338 -42.13 -50.74 24.83
CA GLU E 338 -42.68 -51.83 25.62
C GLU E 338 -41.70 -52.99 25.74
N TYR E 339 -41.16 -53.45 24.61
CA TYR E 339 -40.22 -54.57 24.60
C TYR E 339 -38.83 -54.04 24.30
N MET E 340 -37.92 -54.22 25.26
CA MET E 340 -36.53 -53.82 25.12
C MET E 340 -35.65 -54.89 25.79
N PRO E 341 -34.36 -54.91 25.48
CA PRO E 341 -33.43 -55.71 26.29
C PRO E 341 -33.37 -55.23 27.74
N GLU E 342 -34.12 -54.17 28.04
CA GLU E 342 -34.27 -53.66 29.40
C GLU E 342 -34.63 -54.78 30.37
N LEU E 343 -33.72 -55.03 31.32
CA LEU E 343 -33.87 -56.07 32.33
C LEU E 343 -32.64 -55.94 33.22
N ARG E 344 -32.65 -56.66 34.35
CA ARG E 344 -31.52 -56.67 35.27
C ARG E 344 -30.41 -57.49 34.62
N TRP E 345 -29.74 -56.88 33.64
CA TRP E 345 -28.69 -57.54 32.86
C TRP E 345 -27.39 -57.52 33.66
N LYS E 346 -27.39 -58.28 34.75
CA LYS E 346 -26.25 -58.39 35.67
C LYS E 346 -25.81 -57.01 36.14
N TRP E 347 -26.70 -56.40 36.94
CA TRP E 347 -26.53 -55.04 37.43
C TRP E 347 -26.48 -54.05 36.27
N GLY E 348 -27.57 -53.98 35.49
CA GLY E 348 -27.59 -53.16 34.30
C GLY E 348 -27.44 -51.67 34.57
N TYR E 349 -27.97 -51.20 35.71
CA TYR E 349 -27.84 -49.78 36.05
C TYR E 349 -26.39 -49.36 36.24
N PRO E 350 -25.57 -50.04 37.07
CA PRO E 350 -24.15 -49.71 37.08
C PRO E 350 -23.43 -50.06 35.78
N VAL E 351 -23.96 -50.97 34.95
CA VAL E 351 -23.36 -51.19 33.63
C VAL E 351 -23.50 -49.93 32.77
N VAL E 352 -24.69 -49.33 32.77
CA VAL E 352 -24.89 -48.10 32.01
C VAL E 352 -24.05 -46.98 32.60
N LEU E 353 -23.99 -46.88 33.93
CA LEU E 353 -23.16 -45.86 34.54
C LEU E 353 -21.69 -46.06 34.21
N ALA E 354 -21.23 -47.31 34.16
CA ALA E 354 -19.84 -47.59 33.85
C ALA E 354 -19.52 -47.33 32.39
N VAL E 355 -20.44 -47.62 31.48
CA VAL E 355 -20.18 -47.30 30.08
C VAL E 355 -20.16 -45.80 29.88
N MET E 356 -21.01 -45.06 30.61
CA MET E 356 -20.92 -43.61 30.58
C MET E 356 -19.57 -43.14 31.13
N GLY E 357 -19.10 -43.75 32.21
CA GLY E 357 -17.81 -43.38 32.76
C GLY E 357 -16.66 -43.65 31.80
N VAL E 358 -16.70 -44.79 31.10
CA VAL E 358 -15.60 -45.12 30.21
C VAL E 358 -15.62 -44.23 28.96
N ILE E 359 -16.81 -43.91 28.44
CA ILE E 359 -16.83 -42.99 27.30
C ILE E 359 -16.39 -41.60 27.74
N ALA E 360 -16.74 -41.20 28.96
CA ALA E 360 -16.26 -39.92 29.48
C ALA E 360 -14.75 -39.90 29.63
N VAL E 361 -14.16 -40.99 30.14
CA VAL E 361 -12.72 -40.99 30.36
C VAL E 361 -11.97 -41.06 29.04
N ILE E 362 -12.50 -41.79 28.05
CA ILE E 362 -11.83 -41.78 26.75
C ILE E 362 -11.94 -40.40 26.10
N MET E 363 -13.07 -39.70 26.30
CA MET E 363 -13.18 -38.33 25.81
C MET E 363 -12.15 -37.41 26.47
N VAL E 364 -12.02 -37.51 27.80
CA VAL E 364 -11.08 -36.62 28.49
C VAL E 364 -9.64 -36.97 28.13
N VAL E 365 -9.32 -38.25 27.92
CA VAL E 365 -7.95 -38.59 27.52
C VAL E 365 -7.69 -38.15 26.09
N TYR E 366 -8.70 -38.17 25.22
CA TYR E 366 -8.55 -37.62 23.88
C TYR E 366 -8.27 -36.12 23.95
N PHE E 367 -8.94 -35.42 24.88
CA PHE E 367 -8.66 -33.99 25.04
C PHE E 367 -7.29 -33.76 25.67
N LYS E 368 -6.82 -34.67 26.53
CA LYS E 368 -5.47 -34.58 27.06
C LYS E 368 -4.43 -34.72 25.96
N LYS E 369 -4.61 -35.71 25.08
CA LYS E 369 -3.64 -35.91 24.00
C LYS E 369 -3.76 -34.85 22.92
N LYS E 370 -4.93 -34.22 22.78
CA LYS E 370 -5.09 -33.10 21.88
C LYS E 370 -4.58 -31.79 22.47
N LYS E 371 -4.23 -31.79 23.76
CA LYS E 371 -3.67 -30.67 24.51
C LYS E 371 -4.69 -29.56 24.77
N TRP E 372 -5.95 -29.77 24.42
CA TRP E 372 -6.98 -28.79 24.75
C TRP E 372 -7.16 -28.65 26.26
N LEU E 373 -7.16 -29.78 26.96
CA LEU E 373 -7.23 -29.78 28.42
C LEU E 373 -6.82 -31.16 28.94
N LEU F 28 15.64 6.99 33.10
CA LEU F 28 15.68 8.20 33.92
C LEU F 28 16.68 9.20 33.38
N SER F 29 16.17 10.29 32.80
CA SER F 29 17.00 11.37 32.25
C SER F 29 16.48 12.68 32.82
N ALA F 30 16.98 13.05 33.99
CA ALA F 30 16.53 14.27 34.66
C ALA F 30 17.71 14.82 35.47
N LYS F 31 18.32 15.89 34.97
CA LYS F 31 19.37 16.57 35.71
C LYS F 31 18.82 17.55 36.74
N LYS F 32 17.50 17.79 36.74
CA LYS F 32 16.84 18.68 37.69
C LYS F 32 17.40 20.10 37.63
N GLY F 33 17.17 20.88 38.67
CA GLY F 33 17.60 22.27 38.70
C GLY F 33 19.06 22.45 39.06
N LEU F 34 19.95 22.09 38.15
CA LEU F 34 21.38 22.26 38.36
C LEU F 34 21.95 23.22 37.32
N PRO F 35 23.00 23.96 37.67
CA PRO F 35 23.60 24.88 36.70
C PRO F 35 24.24 24.12 35.56
N PRO F 36 24.37 24.74 34.38
CA PRO F 36 25.00 24.04 33.24
C PRO F 36 26.45 23.66 33.49
N GLY F 37 27.13 24.30 34.44
CA GLY F 37 28.51 23.97 34.75
C GLY F 37 28.69 22.84 35.74
N THR F 38 27.63 22.08 36.03
CA THR F 38 27.74 20.98 36.97
C THR F 38 28.44 19.79 36.33
N LEU F 39 29.18 19.04 37.15
CA LEU F 39 29.88 17.85 36.68
C LEU F 39 29.46 16.62 37.47
N VAL F 40 28.16 16.43 37.63
CA VAL F 40 27.63 15.28 38.35
C VAL F 40 27.54 14.09 37.41
N TYR F 41 27.90 12.91 37.91
CA TYR F 41 27.88 11.69 37.12
C TYR F 41 26.61 10.90 37.40
N THR F 42 25.92 10.48 36.34
CA THR F 42 24.66 9.74 36.45
C THR F 42 24.88 8.36 35.85
N GLY F 43 25.16 7.37 36.68
CA GLY F 43 25.41 6.04 36.20
C GLY F 43 25.22 5.01 37.30
N LYS F 44 25.69 3.80 37.02
CA LYS F 44 25.53 2.69 37.96
C LYS F 44 26.79 1.84 38.05
N TYR F 45 27.95 2.43 37.78
CA TYR F 45 29.23 1.71 37.79
C TYR F 45 30.26 2.54 38.52
N ARG F 46 30.62 2.10 39.73
CA ARG F 46 31.64 2.78 40.54
C ARG F 46 32.63 1.79 41.15
N GLU F 47 32.66 0.55 40.64
CA GLU F 47 33.46 -0.48 41.29
C GLU F 47 34.96 -0.30 41.01
N ASP F 48 35.33 0.03 39.77
CA ASP F 48 36.72 0.07 39.37
C ASP F 48 37.03 1.38 38.66
N PHE F 49 38.31 1.75 38.68
CA PHE F 49 38.77 3.00 38.08
C PHE F 49 40.25 2.89 37.79
N GLU F 50 40.62 3.00 36.51
CA GLU F 50 42.02 2.92 36.09
C GLU F 50 42.26 3.89 34.94
N ILE F 51 43.53 4.11 34.64
CA ILE F 51 43.95 4.87 33.46
C ILE F 51 45.00 4.05 32.72
N GLU F 52 44.71 3.69 31.48
CA GLU F 52 45.63 2.94 30.63
C GLU F 52 46.21 3.91 29.61
N VAL F 53 47.54 4.06 29.61
CA VAL F 53 48.22 4.97 28.70
C VAL F 53 49.08 4.17 27.75
N MET F 54 48.87 4.39 26.46
CA MET F 54 49.67 3.79 25.39
C MET F 54 50.22 4.92 24.53
N ASN F 55 51.54 5.12 24.59
CA ASN F 55 52.22 6.17 23.84
C ASN F 55 53.14 5.50 22.82
N TYR F 56 52.89 5.75 21.54
CA TYR F 56 53.58 5.04 20.48
C TYR F 56 54.07 6.02 19.41
N SER F 57 55.09 5.58 18.69
CA SER F 57 55.62 6.30 17.54
C SER F 57 55.93 5.28 16.46
N ILE F 58 56.68 5.70 15.44
CA ILE F 58 57.05 4.78 14.36
C ILE F 58 57.91 3.65 14.89
N GLU F 59 58.87 3.96 15.77
CA GLU F 59 59.80 2.97 16.31
C GLU F 59 59.74 2.85 17.82
N GLU F 60 58.89 3.60 18.50
CA GLU F 60 58.82 3.61 19.96
C GLU F 60 57.45 3.14 20.43
N PHE F 61 57.44 2.43 21.55
CA PHE F 61 56.21 1.93 22.15
C PHE F 61 56.34 1.95 23.67
N ARG F 62 55.29 2.43 24.35
CA ARG F 62 55.27 2.48 25.80
C ARG F 62 53.84 2.32 26.26
N GLU F 63 53.67 1.63 27.40
CA GLU F 63 52.33 1.34 27.91
C GLU F 63 52.40 1.18 29.41
N PHE F 64 51.41 1.73 30.11
CA PHE F 64 51.35 1.51 31.55
C PHE F 64 49.95 1.80 32.09
N LYS F 65 49.65 1.16 33.22
CA LYS F 65 48.41 1.37 33.96
C LYS F 65 48.70 2.23 35.18
N THR F 66 47.74 3.09 35.53
CA THR F 66 47.95 4.02 36.63
C THR F 66 46.62 4.31 37.31
N THR F 67 46.70 4.77 38.56
CA THR F 67 45.54 5.25 39.31
C THR F 67 45.76 6.68 39.81
N ASP F 68 46.76 7.38 39.28
CA ASP F 68 47.10 8.73 39.69
C ASP F 68 46.95 9.67 38.51
N VAL F 69 46.31 10.82 38.74
CA VAL F 69 46.02 11.76 37.66
C VAL F 69 47.31 12.40 37.16
N GLU F 70 48.14 12.89 38.07
CA GLU F 70 49.33 13.66 37.69
C GLU F 70 50.41 12.79 37.06
N SER F 71 50.35 11.47 37.24
CA SER F 71 51.32 10.59 36.60
C SER F 71 51.20 10.66 35.08
N VAL F 72 49.96 10.72 34.58
CA VAL F 72 49.70 10.75 33.14
C VAL F 72 49.22 12.11 32.67
N LEU F 73 49.13 13.09 33.57
CA LEU F 73 48.61 14.41 33.21
C LEU F 73 49.44 15.12 32.14
N PRO F 74 50.78 15.25 32.27
CA PRO F 74 51.49 16.14 31.32
C PRO F 74 51.81 15.48 29.99
N PHE F 75 50.79 15.29 29.16
CA PHE F 75 50.96 14.66 27.87
C PHE F 75 50.37 15.43 26.69
N ARG F 76 49.71 16.56 26.92
CA ARG F 76 49.15 17.30 25.78
C ARG F 76 50.25 17.89 24.90
N ASP F 77 51.37 18.29 25.51
CA ASP F 77 52.48 18.87 24.77
C ASP F 77 53.44 17.74 24.42
N SER F 78 53.05 16.93 23.43
CA SER F 78 53.85 15.81 22.96
C SER F 78 53.88 15.83 21.44
N SER F 79 54.95 15.25 20.88
CA SER F 79 55.15 15.21 19.44
C SER F 79 54.77 13.87 18.82
N THR F 80 54.19 12.96 19.61
CA THR F 80 53.85 11.63 19.15
C THR F 80 52.46 11.27 19.64
N PRO F 81 51.71 10.48 18.86
CA PRO F 81 50.34 10.12 19.27
C PRO F 81 50.32 9.34 20.58
N THR F 82 49.27 9.57 21.37
CA THR F 82 49.08 8.88 22.63
C THR F 82 47.60 8.60 22.83
N TRP F 83 47.31 7.51 23.54
CA TRP F 83 45.95 7.04 23.80
C TRP F 83 45.81 6.86 25.31
N ILE F 84 44.90 7.63 25.92
CA ILE F 84 44.70 7.63 27.35
C ILE F 84 43.27 7.17 27.61
N ASN F 85 43.11 5.93 28.06
CA ASN F 85 41.80 5.36 28.39
C ASN F 85 41.58 5.53 29.89
N ILE F 86 40.73 6.48 30.25
CA ILE F 86 40.39 6.73 31.66
C ILE F 86 39.08 6.01 31.92
N THR F 87 39.16 4.78 32.39
CA THR F 87 37.96 3.98 32.58
C THR F 87 37.32 4.29 33.93
N GLY F 88 36.03 3.97 34.03
CA GLY F 88 35.32 4.17 35.28
C GLY F 88 35.20 5.62 35.68
N ILE F 89 34.43 6.41 34.93
CA ILE F 89 34.31 7.84 35.20
C ILE F 89 33.20 7.99 36.24
N HIS F 90 33.60 7.80 37.50
CA HIS F 90 32.75 8.09 38.65
C HIS F 90 33.42 8.99 39.67
N ARG F 91 34.74 9.06 39.69
CA ARG F 91 35.48 10.05 40.46
C ARG F 91 35.62 11.28 39.58
N THR F 92 34.74 12.26 39.77
CA THR F 92 34.70 13.43 38.90
C THR F 92 35.96 14.30 38.99
N ASP F 93 36.79 14.10 40.01
CA ASP F 93 37.99 14.91 40.16
C ASP F 93 38.96 14.69 39.00
N VAL F 94 39.17 13.44 38.59
CA VAL F 94 40.09 13.17 37.49
C VAL F 94 39.56 13.75 36.19
N VAL F 95 38.26 13.61 35.94
CA VAL F 95 37.67 14.15 34.71
C VAL F 95 37.79 15.67 34.69
N GLN F 96 37.49 16.32 35.83
CA GLN F 96 37.60 17.77 35.90
C GLN F 96 39.03 18.23 35.68
N ARG F 97 40.00 17.56 36.32
CA ARG F 97 41.39 17.98 36.19
C ARG F 97 41.89 17.78 34.76
N VAL F 98 41.54 16.65 34.14
CA VAL F 98 41.94 16.41 32.76
C VAL F 98 41.32 17.44 31.83
N GLY F 99 40.04 17.76 32.04
CA GLY F 99 39.39 18.76 31.21
C GLY F 99 40.02 20.14 31.36
N GLU F 100 40.34 20.52 32.59
CA GLU F 100 40.97 21.82 32.82
C GLU F 100 42.36 21.89 32.22
N PHE F 101 43.15 20.82 32.37
CA PHE F 101 44.52 20.83 31.88
C PHE F 101 44.57 20.91 30.36
N PHE F 102 43.67 20.20 29.68
CA PHE F 102 43.59 20.24 28.23
C PHE F 102 42.82 21.44 27.70
N GLY F 103 42.32 22.30 28.57
CA GLY F 103 41.47 23.40 28.12
C GLY F 103 40.10 22.96 27.66
N ILE F 104 39.63 21.81 28.12
CA ILE F 104 38.38 21.24 27.64
C ILE F 104 37.22 21.96 28.31
N HIS F 105 36.26 22.41 27.51
CA HIS F 105 35.17 23.23 28.02
C HIS F 105 34.30 22.44 28.99
N PRO F 106 33.90 23.02 30.13
CA PRO F 106 33.10 22.28 31.11
C PRO F 106 31.75 21.82 30.58
N LEU F 107 31.25 22.43 29.50
CA LEU F 107 30.03 21.95 28.86
C LEU F 107 30.16 20.48 28.46
N VAL F 108 31.23 20.16 27.74
CA VAL F 108 31.41 18.76 27.36
C VAL F 108 31.89 17.91 28.54
N LEU F 109 32.37 18.52 29.63
CA LEU F 109 32.54 17.76 30.87
C LEU F 109 31.19 17.28 31.40
N GLU F 110 30.19 18.16 31.41
CA GLU F 110 28.84 17.76 31.79
C GLU F 110 28.31 16.70 30.83
N ASP F 111 28.55 16.88 29.52
CA ASP F 111 28.08 15.91 28.55
C ASP F 111 28.74 14.54 28.73
N ILE F 112 30.04 14.52 28.99
CA ILE F 112 30.77 13.26 29.12
C ILE F 112 30.40 12.57 30.43
N LEU F 113 30.10 13.33 31.48
CA LEU F 113 29.67 12.72 32.73
C LEU F 113 28.19 12.37 32.73
N ASN F 114 27.45 12.73 31.69
CA ASN F 114 26.04 12.40 31.56
C ASN F 114 25.93 11.17 30.66
N VAL F 115 25.64 10.01 31.27
CA VAL F 115 25.58 8.77 30.52
C VAL F 115 24.41 8.78 29.54
N HIS F 116 23.26 9.27 29.97
CA HIS F 116 22.04 9.26 29.14
C HIS F 116 22.10 10.36 28.09
N GLN F 117 23.11 10.27 27.22
CA GLN F 117 23.31 11.23 26.15
C GLN F 117 23.44 10.47 24.83
N ARG F 118 22.73 10.93 23.81
CA ARG F 118 22.78 10.29 22.51
C ARG F 118 24.13 10.54 21.84
N PRO F 119 24.58 9.63 20.98
CA PRO F 119 25.86 9.85 20.29
C PRO F 119 25.85 11.11 19.46
N LYS F 120 26.98 11.82 19.45
CA LYS F 120 27.07 13.09 18.74
C LYS F 120 28.53 13.49 18.63
N VAL F 121 28.77 14.58 17.89
CA VAL F 121 30.11 15.13 17.70
C VAL F 121 30.03 16.65 17.82
N GLU F 122 31.06 17.23 18.43
CA GLU F 122 31.23 18.68 18.51
C GLU F 122 32.62 19.03 18.01
N PHE F 123 32.68 20.09 17.20
CA PHE F 123 33.92 20.58 16.61
C PHE F 123 34.37 21.84 17.34
N PHE F 124 35.62 21.87 17.77
CA PHE F 124 36.22 23.03 18.40
C PHE F 124 37.57 23.31 17.75
N GLU F 125 38.02 24.56 17.91
CA GLU F 125 39.22 25.01 17.20
C GLU F 125 40.45 24.18 17.56
N ASN F 126 40.52 23.67 18.79
CA ASN F 126 41.68 22.94 19.24
C ASN F 126 41.43 21.45 19.46
N TYR F 127 40.18 21.00 19.47
CA TYR F 127 39.91 19.59 19.70
C TYR F 127 38.54 19.24 19.13
N VAL F 128 38.31 17.93 19.01
CA VAL F 128 37.03 17.39 18.57
C VAL F 128 36.52 16.41 19.61
N PHE F 129 35.22 16.45 19.90
CA PHE F 129 34.60 15.67 20.95
C PHE F 129 33.55 14.75 20.35
N ILE F 130 33.61 13.47 20.71
CA ILE F 130 32.67 12.48 20.18
C ILE F 130 32.10 11.68 21.34
N VAL F 131 30.79 11.42 21.29
CA VAL F 131 30.11 10.58 22.26
C VAL F 131 29.46 9.43 21.49
N LEU F 132 29.80 8.20 21.86
CA LEU F 132 29.28 7.00 21.24
C LEU F 132 28.85 6.01 22.33
N LYS F 133 28.30 4.88 21.90
CA LYS F 133 27.76 3.89 22.81
C LYS F 133 28.29 2.50 22.49
N MET F 134 28.43 1.69 23.54
CA MET F 134 28.80 0.28 23.42
C MET F 134 27.67 -0.56 23.99
N PHE F 135 27.28 -1.59 23.25
CA PHE F 135 26.12 -2.40 23.61
C PHE F 135 26.55 -3.83 23.92
N THR F 136 25.89 -4.42 24.92
CA THR F 136 26.11 -5.80 25.30
C THR F 136 24.77 -6.51 25.37
N TYR F 137 24.73 -7.77 24.96
CA TYR F 137 23.47 -8.52 24.89
C TYR F 137 23.53 -9.73 25.82
N ASP F 138 22.44 -9.94 26.56
CA ASP F 138 22.28 -11.10 27.43
C ASP F 138 21.16 -11.97 26.84
N LYS F 139 21.53 -13.13 26.31
CA LYS F 139 20.59 -13.98 25.60
C LYS F 139 19.65 -14.70 26.55
N ASN F 140 20.17 -15.23 27.66
CA ASN F 140 19.35 -16.05 28.54
C ASN F 140 18.21 -15.24 29.15
N LEU F 141 18.48 -14.00 29.55
CA LEU F 141 17.45 -13.10 30.06
C LEU F 141 16.89 -12.20 28.97
N HIS F 142 17.55 -12.14 27.80
CA HIS F 142 17.11 -11.33 26.67
C HIS F 142 17.04 -9.85 27.05
N GLU F 143 18.20 -9.28 27.38
CA GLU F 143 18.29 -7.88 27.74
C GLU F 143 19.45 -7.23 27.02
N LEU F 144 19.40 -5.90 26.92
CA LEU F 144 20.40 -5.12 26.23
C LEU F 144 20.95 -4.06 27.17
N GLU F 145 22.25 -4.13 27.45
CA GLU F 145 22.93 -3.20 28.35
C GLU F 145 23.71 -2.18 27.55
N SER F 146 23.61 -0.91 27.93
CA SER F 146 24.25 0.18 27.21
C SER F 146 25.31 0.83 28.09
N GLU F 147 26.43 1.19 27.47
CA GLU F 147 27.50 1.94 28.14
C GLU F 147 27.87 3.10 27.24
N GLN F 148 28.20 4.24 27.85
CA GLN F 148 28.56 5.44 27.10
C GLN F 148 30.07 5.61 27.09
N VAL F 149 30.63 5.80 25.90
CA VAL F 149 32.06 6.03 25.74
C VAL F 149 32.23 7.38 25.05
N SER F 150 33.33 8.06 25.38
CA SER F 150 33.60 9.36 24.78
C SER F 150 35.05 9.41 24.32
N LEU F 151 35.28 10.15 23.23
CA LEU F 151 36.59 10.28 22.62
C LEU F 151 36.87 11.75 22.35
N ILE F 152 37.89 12.30 23.00
CA ILE F 152 38.33 13.66 22.78
C ILE F 152 39.67 13.60 22.06
N LEU F 153 39.70 14.10 20.84
CA LEU F 153 40.91 14.12 20.04
C LEU F 153 41.48 15.54 20.01
N THR F 154 42.71 15.70 20.49
CA THR F 154 43.33 17.02 20.65
C THR F 154 44.76 16.92 20.15
N LYS F 155 45.05 17.64 19.06
CA LYS F 155 46.39 17.66 18.47
C LYS F 155 46.86 16.26 18.13
N ASN F 156 47.60 15.63 19.03
CA ASN F 156 48.10 14.27 18.84
C ASN F 156 47.86 13.43 20.10
N CYS F 157 46.66 13.54 20.66
CA CYS F 157 46.28 12.81 21.86
C CYS F 157 44.81 12.42 21.76
N VAL F 158 44.49 11.21 22.21
CA VAL F 158 43.13 10.70 22.21
C VAL F 158 42.77 10.30 23.63
N LEU F 159 41.88 11.04 24.26
CA LEU F 159 41.36 10.73 25.59
C LEU F 159 40.05 9.98 25.44
N MET F 160 40.04 8.71 25.80
CA MET F 160 38.84 7.89 25.73
C MET F 160 38.35 7.61 27.14
N PHE F 161 37.13 8.06 27.43
CA PHE F 161 36.51 7.88 28.73
C PHE F 161 35.43 6.81 28.64
N GLN F 162 35.52 5.82 29.52
CA GLN F 162 34.60 4.70 29.60
C GLN F 162 33.86 4.73 30.93
N GLU F 163 33.08 3.68 31.19
CA GLU F 163 32.28 3.58 32.41
C GLU F 163 32.73 2.50 33.36
N LYS F 164 33.29 1.40 32.86
CA LYS F 164 33.63 0.27 33.72
C LYS F 164 34.72 -0.55 33.03
N ILE F 165 35.05 -1.69 33.63
CA ILE F 165 36.06 -2.58 33.05
C ILE F 165 35.49 -3.27 31.81
N GLY F 166 36.39 -3.73 30.95
CA GLY F 166 35.99 -4.44 29.75
C GLY F 166 35.55 -3.50 28.65
N ASP F 167 35.94 -3.79 27.42
CA ASP F 167 35.59 -2.97 26.28
C ASP F 167 35.69 -3.80 25.01
N VAL F 168 35.61 -3.15 23.86
CA VAL F 168 35.76 -3.80 22.56
C VAL F 168 37.02 -3.37 21.84
N PHE F 169 37.72 -2.36 22.34
CA PHE F 169 38.90 -1.82 21.69
C PHE F 169 40.14 -2.70 21.86
N ASP F 170 39.98 -3.92 22.35
CA ASP F 170 41.12 -4.83 22.51
C ASP F 170 41.84 -5.13 21.20
N PRO F 171 41.16 -5.43 20.08
CA PRO F 171 41.91 -5.65 18.83
C PRO F 171 42.79 -4.47 18.44
N VAL F 172 42.38 -3.24 18.75
CA VAL F 172 43.26 -2.10 18.55
C VAL F 172 44.50 -2.23 19.43
N ARG F 173 44.32 -2.73 20.66
CA ARG F 173 45.45 -2.91 21.56
C ARG F 173 46.44 -3.95 21.00
N GLU F 174 45.92 -5.07 20.48
CA GLU F 174 46.84 -6.05 19.89
C GLU F 174 47.45 -5.53 18.58
N ARG F 175 46.73 -4.67 17.86
CA ARG F 175 47.29 -4.07 16.66
C ARG F 175 48.45 -3.14 16.99
N ILE F 176 48.34 -2.37 18.08
CA ILE F 176 49.37 -1.41 18.41
C ILE F 176 50.50 -2.08 19.20
N ARG F 177 50.24 -3.23 19.82
CA ARG F 177 51.27 -3.90 20.62
C ARG F 177 52.16 -4.78 19.75
N TYR F 178 51.59 -5.48 18.78
CA TYR F 178 52.32 -6.43 17.95
C TYR F 178 52.79 -5.84 16.63
N ASN F 179 52.64 -4.52 16.43
CA ASN F 179 53.08 -3.82 15.23
C ASN F 179 52.41 -4.43 13.99
N ARG F 180 51.08 -4.32 13.97
CA ARG F 180 50.27 -4.82 12.87
C ARG F 180 49.57 -3.67 12.17
N GLY F 181 49.31 -3.85 10.89
CA GLY F 181 48.68 -2.80 10.11
C GLY F 181 49.59 -1.60 9.93
N ILE F 182 48.98 -0.42 9.82
CA ILE F 182 49.72 0.82 9.63
C ILE F 182 49.36 1.81 10.74
N ILE F 183 48.74 1.30 11.80
CA ILE F 183 48.34 2.16 12.91
C ILE F 183 49.57 2.71 13.64
N ARG F 184 50.64 1.93 13.73
CA ARG F 184 51.83 2.37 14.46
C ARG F 184 52.48 3.57 13.79
N LYS F 185 52.53 3.58 12.45
CA LYS F 185 53.21 4.62 11.69
C LYS F 185 52.27 5.73 11.23
N LYS F 186 51.20 6.00 11.99
CA LYS F 186 50.25 7.04 11.62
C LYS F 186 50.06 8.05 12.74
N ARG F 187 49.09 8.94 12.59
CA ARG F 187 48.80 9.98 13.56
C ARG F 187 47.65 9.55 14.46
N ALA F 188 47.20 10.46 15.33
CA ALA F 188 46.10 10.15 16.25
C ALA F 188 44.76 10.06 15.55
N ASP F 189 44.61 10.70 14.39
CA ASP F 189 43.37 10.60 13.64
C ASP F 189 43.09 9.16 13.24
N TYR F 190 44.11 8.43 12.80
CA TYR F 190 43.95 7.02 12.48
C TYR F 190 43.59 6.21 13.71
N LEU F 191 44.12 6.59 14.87
CA LEU F 191 43.75 5.91 16.11
C LEU F 191 42.27 6.11 16.44
N LEU F 192 41.77 7.34 16.29
CA LEU F 192 40.35 7.59 16.48
C LEU F 192 39.51 6.78 15.50
N TYR F 193 39.95 6.74 14.23
CA TYR F 193 39.25 5.94 13.23
C TYR F 193 39.22 4.48 13.62
N SER F 194 40.34 3.94 14.11
CA SER F 194 40.39 2.54 14.52
C SER F 194 39.44 2.26 15.67
N LEU F 195 39.39 3.17 16.65
CA LEU F 195 38.47 2.97 17.78
C LEU F 195 37.02 2.97 17.31
N ILE F 196 36.66 3.92 16.44
CA ILE F 196 35.28 3.95 15.94
C ILE F 196 34.97 2.71 15.12
N ASP F 197 35.95 2.23 14.34
CA ASP F 197 35.76 1.01 13.56
C ASP F 197 35.53 -0.20 14.46
N ALA F 198 36.27 -0.28 15.57
CA ALA F 198 36.07 -1.37 16.52
C ALA F 198 34.67 -1.31 17.13
N LEU F 199 34.21 -0.10 17.45
CA LEU F 199 32.86 0.03 18.00
C LEU F 199 31.81 -0.42 16.98
N VAL F 200 31.99 -0.04 15.71
CA VAL F 200 31.06 -0.47 14.67
C VAL F 200 31.10 -1.98 14.49
N ASP F 201 32.28 -2.58 14.66
CA ASP F 201 32.41 -4.03 14.59
C ASP F 201 31.64 -4.71 15.72
N ASP F 202 31.71 -4.13 16.93
CA ASP F 202 30.90 -4.64 18.02
C ASP F 202 29.41 -4.53 17.70
N TYR F 203 29.02 -3.45 17.03
CA TYR F 203 27.62 -3.36 16.59
C TYR F 203 27.29 -4.45 15.58
N PHE F 204 28.21 -4.77 14.67
CA PHE F 204 28.02 -5.90 13.77
C PHE F 204 27.71 -7.18 14.53
N VAL F 205 28.54 -7.51 15.52
CA VAL F 205 28.36 -8.78 16.22
C VAL F 205 27.06 -8.78 17.01
N LEU F 206 26.67 -7.61 17.56
CA LEU F 206 25.41 -7.55 18.29
C LEU F 206 24.21 -7.75 17.37
N LEU F 207 24.24 -7.14 16.18
CA LEU F 207 23.18 -7.41 15.20
C LEU F 207 23.19 -8.86 14.74
N GLU F 208 24.36 -9.51 14.72
CA GLU F 208 24.39 -10.94 14.44
C GLU F 208 23.63 -11.72 15.50
N LYS F 209 23.88 -11.40 16.77
CA LYS F 209 23.16 -12.07 17.86
C LYS F 209 21.66 -11.83 17.75
N ILE F 210 21.27 -10.59 17.43
CA ILE F 210 19.85 -10.27 17.30
C ILE F 210 19.25 -11.03 16.13
N ASP F 211 20.00 -11.21 15.04
CA ASP F 211 19.51 -11.97 13.91
C ASP F 211 19.26 -13.42 14.28
N ASP F 212 20.19 -14.01 15.04
CA ASP F 212 19.98 -15.39 15.51
C ASP F 212 18.74 -15.48 16.40
N GLU F 213 18.56 -14.50 17.28
CA GLU F 213 17.37 -14.50 18.13
C GLU F 213 16.09 -14.39 17.30
N ILE F 214 16.09 -13.54 16.27
CA ILE F 214 14.91 -13.38 15.43
C ILE F 214 14.61 -14.67 14.68
N ASP F 215 15.64 -15.37 14.20
CA ASP F 215 15.43 -16.64 13.54
C ASP F 215 14.81 -17.65 14.49
N VAL F 216 15.33 -17.73 15.71
CA VAL F 216 14.78 -18.66 16.70
C VAL F 216 13.32 -18.32 17.00
N LEU F 217 13.03 -17.03 17.17
CA LEU F 217 11.66 -16.61 17.50
C LEU F 217 10.70 -16.89 16.35
N GLU F 218 11.13 -16.65 15.11
CA GLU F 218 10.23 -16.91 13.98
C GLU F 218 9.95 -18.40 13.84
N GLU F 219 10.98 -19.24 14.06
CA GLU F 219 10.73 -20.69 14.06
C GLU F 219 9.76 -21.07 15.15
N GLU F 220 9.94 -20.51 16.35
CA GLU F 220 9.07 -20.82 17.48
C GLU F 220 7.62 -20.43 17.20
N VAL F 221 7.42 -19.23 16.65
CA VAL F 221 6.05 -18.73 16.44
C VAL F 221 5.41 -19.38 15.22
N LEU F 222 6.20 -19.88 14.27
CA LEU F 222 5.61 -20.48 13.08
C LEU F 222 5.32 -21.97 13.26
N GLU F 223 6.14 -22.69 14.03
CA GLU F 223 5.93 -24.12 14.17
C GLU F 223 5.11 -24.47 15.40
N ARG F 224 5.51 -23.97 16.57
CA ARG F 224 4.85 -24.30 17.84
C ARG F 224 4.46 -23.02 18.57
N PRO F 225 3.28 -22.47 18.28
CA PRO F 225 2.85 -21.25 18.97
C PRO F 225 2.11 -21.53 20.27
N GLU F 226 2.56 -20.95 21.36
CA GLU F 226 1.87 -21.01 22.65
C GLU F 226 1.51 -19.60 23.11
N LYS F 227 1.00 -19.51 24.34
CA LYS F 227 0.50 -18.23 24.84
C LYS F 227 1.63 -17.27 25.20
N GLU F 228 2.71 -17.77 25.79
CA GLU F 228 3.76 -16.88 26.26
C GLU F 228 4.61 -16.33 25.12
N THR F 229 4.62 -17.04 23.97
CA THR F 229 5.47 -16.65 22.86
C THR F 229 5.29 -15.19 22.48
N VAL F 230 4.03 -14.75 22.38
CA VAL F 230 3.75 -13.37 21.98
C VAL F 230 4.46 -12.39 22.91
N GLN F 231 4.41 -12.65 24.22
CA GLN F 231 5.12 -11.78 25.16
C GLN F 231 6.59 -11.66 24.77
N ARG F 232 7.25 -12.80 24.55
CA ARG F 232 8.64 -12.78 24.11
C ARG F 232 8.80 -11.91 22.88
N THR F 233 7.89 -12.08 21.91
CA THR F 233 7.95 -11.27 20.69
C THR F 233 7.99 -9.79 21.04
N HIS F 234 7.07 -9.34 21.91
CA HIS F 234 7.04 -7.94 22.29
C HIS F 234 8.39 -7.51 22.82
N GLN F 235 8.97 -8.31 23.73
CA GLN F 235 10.29 -7.99 24.28
C GLN F 235 11.27 -7.73 23.16
N LEU F 236 11.36 -8.67 22.20
CA LEU F 236 12.29 -8.49 21.09
C LEU F 236 12.04 -7.17 20.39
N LYS F 237 10.77 -6.89 20.06
CA LYS F 237 10.45 -5.65 19.36
C LYS F 237 10.98 -4.46 20.14
N ARG F 238 10.76 -4.46 21.46
CA ARG F 238 11.25 -3.36 22.28
C ARG F 238 12.74 -3.13 22.04
N ASN F 239 13.53 -4.20 22.16
CA ASN F 239 14.97 -4.06 21.96
C ASN F 239 15.25 -3.38 20.63
N LEU F 240 14.59 -3.84 19.57
CA LEU F 240 14.85 -3.27 18.25
C LEU F 240 14.69 -1.76 18.27
N VAL F 241 13.56 -1.27 18.76
CA VAL F 241 13.34 0.17 18.68
C VAL F 241 14.37 0.88 19.53
N GLU F 242 14.70 0.31 20.70
CA GLU F 242 15.73 0.92 21.53
C GLU F 242 17.05 0.95 20.78
N LEU F 243 17.39 -0.14 20.10
CA LEU F 243 18.60 -0.16 19.29
C LEU F 243 18.53 0.94 18.24
N ARG F 244 17.38 1.10 17.60
CA ARG F 244 17.22 2.19 16.63
C ARG F 244 17.56 3.53 17.26
N LYS F 245 17.09 3.75 18.50
CA LYS F 245 17.32 5.02 19.17
C LYS F 245 18.80 5.35 19.24
N THR F 246 19.67 4.34 19.28
CA THR F 246 21.10 4.57 19.25
C THR F 246 21.70 4.45 17.86
N ILE F 247 21.13 3.60 17.01
CA ILE F 247 21.77 3.31 15.72
C ILE F 247 21.73 4.53 14.80
N TRP F 248 20.56 5.16 14.69
CA TRP F 248 20.42 6.28 13.77
C TRP F 248 21.32 7.47 14.10
N PRO F 249 21.47 7.92 15.35
CA PRO F 249 22.45 8.99 15.62
C PRO F 249 23.87 8.60 15.22
N LEU F 250 24.27 7.34 15.46
CA LEU F 250 25.62 6.91 15.13
C LEU F 250 25.94 7.16 13.67
N ARG F 251 25.08 6.68 12.77
CA ARG F 251 25.21 7.01 11.36
C ARG F 251 25.49 8.50 11.19
N GLU F 252 24.59 9.32 11.74
CA GLU F 252 24.69 10.76 11.58
C GLU F 252 26.06 11.26 12.03
N VAL F 253 26.56 10.77 13.18
CA VAL F 253 27.80 11.33 13.68
C VAL F 253 28.94 11.01 12.73
N LEU F 254 28.97 9.79 12.19
CA LEU F 254 30.01 9.48 11.22
C LEU F 254 29.88 10.32 9.98
N SER F 255 28.65 10.67 9.59
CA SER F 255 28.47 11.57 8.46
C SER F 255 29.15 12.90 8.75
N SER F 256 29.06 13.40 9.97
CA SER F 256 29.69 14.66 10.31
C SER F 256 31.21 14.57 10.24
N LEU F 257 31.77 13.36 10.24
CA LEU F 257 33.21 13.18 10.10
C LEU F 257 33.64 12.98 8.65
N TYR F 258 32.70 12.96 7.71
CA TYR F 258 33.04 12.70 6.32
C TYR F 258 32.71 13.85 5.39
N ARG F 259 31.47 14.37 5.43
CA ARG F 259 31.06 15.41 4.49
C ARG F 259 31.61 16.79 4.83
N ASP F 260 32.10 16.99 6.05
CA ASP F 260 32.71 18.28 6.43
C ASP F 260 33.76 17.98 7.48
N VAL F 261 35.02 17.91 7.04
CA VAL F 261 36.12 17.50 7.91
C VAL F 261 36.88 18.73 8.41
N PRO F 262 37.21 18.80 9.69
CA PRO F 262 38.01 19.92 10.19
C PRO F 262 39.49 19.68 9.97
N PRO F 263 40.33 20.70 10.11
CA PRO F 263 41.78 20.49 9.95
C PRO F 263 42.38 19.54 10.97
N LEU F 264 41.69 19.28 12.08
CA LEU F 264 42.23 18.37 13.09
C LEU F 264 42.40 16.97 12.54
N ILE F 265 41.45 16.51 11.72
CA ILE F 265 41.53 15.19 11.10
C ILE F 265 42.31 15.33 9.80
N GLU F 266 43.36 14.53 9.66
CA GLU F 266 44.22 14.60 8.48
C GLU F 266 43.44 14.18 7.24
N LYS F 267 43.75 14.84 6.11
CA LYS F 267 43.08 14.51 4.86
C LYS F 267 43.36 13.07 4.43
N GLU F 268 44.58 12.59 4.70
CA GLU F 268 44.95 11.24 4.28
C GLU F 268 44.05 10.18 4.89
N THR F 269 43.53 10.42 6.09
CA THR F 269 42.63 9.48 6.75
C THR F 269 41.16 9.77 6.48
N VAL F 270 40.85 10.78 5.67
CA VAL F 270 39.45 11.10 5.37
C VAL F 270 38.74 9.94 4.67
N PRO F 271 39.30 9.30 3.64
CA PRO F 271 38.60 8.15 3.04
C PRO F 271 38.31 7.03 4.04
N TYR F 272 39.23 6.77 4.97
CA TYR F 272 39.03 5.69 5.93
C TYR F 272 37.74 5.89 6.71
N PHE F 273 37.52 7.08 7.24
CA PHE F 273 36.27 7.37 7.93
C PHE F 273 35.07 7.09 7.03
N ARG F 274 35.17 7.46 5.75
CA ARG F 274 34.10 7.18 4.81
C ARG F 274 33.73 5.70 4.84
N ASP F 275 34.73 4.82 4.85
CA ASP F 275 34.47 3.39 4.91
C ASP F 275 33.60 3.06 6.12
N VAL F 276 34.00 3.55 7.29
CA VAL F 276 33.20 3.31 8.49
C VAL F 276 31.80 3.85 8.31
N TYR F 277 31.68 5.03 7.68
CA TYR F 277 30.36 5.59 7.38
C TYR F 277 29.49 4.57 6.66
N ASP F 278 30.04 3.94 5.62
CA ASP F 278 29.30 2.91 4.92
C ASP F 278 28.80 1.85 5.88
N HIS F 279 29.70 1.34 6.73
CA HIS F 279 29.29 0.35 7.72
C HIS F 279 28.08 0.84 8.50
N THR F 280 28.15 2.08 8.99
CA THR F 280 27.05 2.62 9.78
C THR F 280 25.74 2.54 9.01
N ILE F 281 25.73 3.03 7.76
CA ILE F 281 24.45 3.04 7.04
C ILE F 281 23.99 1.60 6.83
N GLN F 282 24.93 0.71 6.54
CA GLN F 282 24.58 -0.71 6.40
C GLN F 282 23.88 -1.19 7.66
N ILE F 283 24.44 -0.86 8.83
CA ILE F 283 23.84 -1.27 10.09
C ILE F 283 22.39 -0.82 10.13
N ALA F 284 22.16 0.46 9.81
CA ALA F 284 20.81 1.00 9.85
C ALA F 284 19.88 0.14 9.01
N ASP F 285 20.30 -0.15 7.77
CA ASP F 285 19.46 -0.96 6.90
C ASP F 285 19.13 -2.28 7.56
N THR F 286 20.15 -2.97 8.08
CA THR F 286 19.92 -4.24 8.74
C THR F 286 18.88 -4.08 9.84
N VAL F 287 19.07 -3.08 10.71
CA VAL F 287 18.13 -2.86 11.80
C VAL F 287 16.73 -2.69 11.24
N GLU F 288 16.59 -1.84 10.22
CA GLU F 288 15.28 -1.62 9.62
C GLU F 288 14.68 -2.93 9.16
N THR F 289 15.48 -3.74 8.43
CA THR F 289 15.00 -5.03 7.97
C THR F 289 14.46 -5.84 9.15
N PHE F 290 15.26 -5.92 10.21
CA PHE F 290 14.86 -6.69 11.38
C PHE F 290 13.49 -6.23 11.86
N ARG F 291 13.31 -4.91 11.98
CA ARG F 291 12.04 -4.37 12.45
C ARG F 291 10.90 -4.92 11.62
N ASP F 292 11.02 -4.85 10.30
CA ASP F 292 9.95 -5.33 9.42
C ASP F 292 9.63 -6.78 9.73
N ILE F 293 10.67 -7.62 9.86
CA ILE F 293 10.43 -9.03 10.15
C ILE F 293 9.65 -9.17 11.44
N VAL F 294 10.07 -8.45 12.49
CA VAL F 294 9.36 -8.54 13.77
C VAL F 294 7.93 -8.06 13.59
N SER F 295 7.73 -7.01 12.79
CA SER F 295 6.39 -6.50 12.57
C SER F 295 5.50 -7.56 11.95
N GLY F 296 6.07 -8.43 11.09
CA GLY F 296 5.30 -9.52 10.55
C GLY F 296 4.95 -10.57 11.58
N LEU F 297 5.89 -10.84 12.50
CA LEU F 297 5.81 -12.03 13.34
C LEU F 297 4.48 -12.13 14.07
N LEU F 298 4.09 -11.07 14.77
CA LEU F 298 2.85 -11.10 15.54
C LEU F 298 1.66 -11.42 14.67
N ASP F 299 1.58 -10.82 13.47
CA ASP F 299 0.49 -11.13 12.57
C ASP F 299 0.42 -12.62 12.28
N VAL F 300 1.59 -13.23 12.02
CA VAL F 300 1.62 -14.68 11.79
C VAL F 300 1.00 -15.42 12.97
N TYR F 301 1.37 -15.02 14.19
CA TYR F 301 0.80 -15.64 15.37
C TYR F 301 -0.71 -15.57 15.33
N LEU F 302 -1.26 -14.39 15.01
CA LEU F 302 -2.70 -14.25 14.89
C LEU F 302 -3.24 -15.32 13.94
N SER F 303 -2.65 -15.38 12.74
CA SER F 303 -2.98 -16.42 11.78
C SER F 303 -3.11 -17.76 12.46
N SER F 304 -2.02 -18.18 13.12
CA SER F 304 -2.01 -19.51 13.72
C SER F 304 -3.20 -19.69 14.65
N VAL F 305 -3.38 -18.76 15.59
CA VAL F 305 -4.42 -18.98 16.59
C VAL F 305 -5.78 -19.02 15.91
N SER F 306 -5.97 -18.17 14.90
CA SER F 306 -7.23 -18.18 14.17
C SER F 306 -7.47 -19.55 13.57
N ASN F 307 -6.46 -20.08 12.86
CA ASN F 307 -6.59 -21.42 12.30
C ASN F 307 -7.02 -22.40 13.37
N LYS F 308 -6.36 -22.36 14.53
CA LYS F 308 -6.63 -23.35 15.55
C LYS F 308 -8.08 -23.24 16.02
N THR F 309 -8.58 -22.02 16.23
CA THR F 309 -9.95 -21.90 16.71
C THR F 309 -10.92 -22.46 15.68
N ASN F 310 -10.60 -22.31 14.39
CA ASN F 310 -11.44 -22.90 13.35
C ASN F 310 -11.59 -24.39 13.60
N GLU F 311 -10.47 -25.09 13.81
CA GLU F 311 -10.54 -26.51 14.09
C GLU F 311 -11.47 -26.79 15.26
N VAL F 312 -11.32 -26.00 16.33
CA VAL F 312 -12.14 -26.22 17.52
C VAL F 312 -13.62 -26.09 17.14
N MET F 313 -13.96 -25.04 16.39
CA MET F 313 -15.35 -24.87 15.98
C MET F 313 -15.86 -26.12 15.27
N LYS F 314 -15.07 -26.67 14.36
CA LYS F 314 -15.50 -27.86 13.64
C LYS F 314 -15.90 -28.95 14.62
N VAL F 315 -15.04 -29.23 15.61
CA VAL F 315 -15.36 -30.26 16.58
C VAL F 315 -16.66 -29.93 17.29
N LEU F 316 -16.81 -28.68 17.71
CA LEU F 316 -18.02 -28.28 18.44
C LEU F 316 -19.26 -28.52 17.59
N THR F 317 -19.14 -28.35 16.27
CA THR F 317 -20.26 -28.66 15.41
C THR F 317 -20.48 -30.17 15.31
N ILE F 318 -19.41 -30.92 15.06
CA ILE F 318 -19.53 -32.33 14.72
C ILE F 318 -20.37 -33.06 15.76
N ILE F 319 -19.88 -33.05 17.00
CA ILE F 319 -20.57 -33.75 18.09
C ILE F 319 -22.01 -33.28 18.16
N ALA F 320 -22.23 -31.96 18.12
CA ALA F 320 -23.59 -31.45 18.17
C ALA F 320 -24.41 -32.04 17.04
N THR F 321 -23.93 -31.91 15.80
CA THR F 321 -24.67 -32.41 14.66
C THR F 321 -24.91 -33.91 14.76
N ILE F 322 -24.06 -34.63 15.49
CA ILE F 322 -24.26 -36.05 15.66
C ILE F 322 -25.29 -36.32 16.76
N PHE F 323 -25.17 -35.63 17.89
CA PHE F 323 -25.86 -36.07 19.10
C PHE F 323 -27.04 -35.21 19.50
N MET F 324 -27.10 -33.97 19.07
CA MET F 324 -28.19 -33.08 19.44
C MET F 324 -29.45 -33.41 18.64
N PRO F 325 -29.37 -33.74 17.35
CA PRO F 325 -30.56 -34.30 16.68
C PRO F 325 -31.03 -35.62 17.28
N LEU F 326 -30.09 -36.55 17.49
CA LEU F 326 -30.46 -37.91 17.88
C LEU F 326 -31.25 -37.92 19.18
N THR F 327 -30.74 -37.21 20.20
CA THR F 327 -31.46 -37.16 21.47
C THR F 327 -32.84 -36.56 21.30
N PHE F 328 -33.00 -35.60 20.37
CA PHE F 328 -34.32 -35.05 20.10
C PHE F 328 -35.27 -36.15 19.64
N ILE F 329 -34.79 -37.06 18.80
CA ILE F 329 -35.59 -38.21 18.40
C ILE F 329 -36.07 -38.98 19.63
N ALA F 330 -35.17 -39.20 20.58
CA ALA F 330 -35.57 -39.84 21.83
C ALA F 330 -36.67 -39.04 22.52
N GLY F 331 -36.50 -37.72 22.57
CA GLY F 331 -37.53 -36.89 23.17
C GLY F 331 -38.88 -37.03 22.47
N ILE F 332 -38.87 -37.35 21.18
CA ILE F 332 -40.12 -37.61 20.48
C ILE F 332 -40.76 -38.89 20.98
N TYR F 333 -39.97 -39.95 21.17
CA TYR F 333 -40.49 -41.24 21.58
C TYR F 333 -40.44 -41.45 23.09
N GLY F 334 -39.96 -40.47 23.84
CA GLY F 334 -39.90 -40.55 25.29
C GLY F 334 -41.01 -39.82 26.01
N MET F 335 -42.05 -39.38 25.30
CA MET F 335 -43.15 -38.68 25.94
C MET F 335 -43.98 -39.64 26.81
N ASN F 336 -44.81 -39.05 27.67
CA ASN F 336 -45.69 -39.81 28.53
C ASN F 336 -47.09 -39.95 27.95
N PHE F 337 -47.27 -39.64 26.67
CA PHE F 337 -48.56 -39.85 26.02
C PHE F 337 -48.90 -41.33 25.97
N GLU F 338 -50.20 -41.62 25.91
CA GLU F 338 -50.65 -43.01 25.98
C GLU F 338 -50.77 -43.68 24.62
N TYR F 339 -51.18 -42.94 23.59
CA TYR F 339 -51.36 -43.52 22.26
C TYR F 339 -50.01 -43.55 21.53
N MET F 340 -49.17 -44.49 21.96
CA MET F 340 -47.86 -44.72 21.36
C MET F 340 -47.90 -45.98 20.49
N PRO F 341 -47.65 -45.87 19.19
CA PRO F 341 -47.37 -47.08 18.40
C PRO F 341 -46.03 -47.66 18.83
N GLU F 342 -46.01 -48.29 20.00
CA GLU F 342 -44.78 -48.60 20.72
C GLU F 342 -44.65 -50.05 21.15
N LEU F 343 -45.73 -50.82 21.19
CA LEU F 343 -45.66 -52.20 21.63
C LEU F 343 -44.76 -53.02 20.72
N ARG F 344 -45.17 -53.22 19.47
CA ARG F 344 -44.38 -53.94 18.48
C ARG F 344 -44.72 -53.37 17.11
N TRP F 345 -43.91 -52.44 16.63
CA TRP F 345 -44.06 -51.87 15.29
C TRP F 345 -42.86 -52.33 14.47
N LYS F 346 -42.99 -53.51 13.87
CA LYS F 346 -41.89 -54.18 13.19
C LYS F 346 -40.68 -54.30 14.13
N TRP F 347 -40.93 -54.99 15.25
CA TRP F 347 -40.00 -55.14 16.36
C TRP F 347 -39.86 -53.85 17.18
N GLY F 348 -40.45 -52.77 16.68
CA GLY F 348 -40.45 -51.51 17.41
C GLY F 348 -39.08 -50.95 17.74
N TYR F 349 -38.72 -51.02 19.03
CA TYR F 349 -37.59 -50.34 19.65
C TYR F 349 -36.32 -50.35 18.79
N PRO F 350 -35.71 -51.50 18.50
CA PRO F 350 -34.39 -51.45 17.85
C PRO F 350 -34.44 -50.74 16.51
N VAL F 351 -35.60 -50.77 15.84
CA VAL F 351 -35.73 -50.11 14.55
C VAL F 351 -35.34 -48.65 14.65
N VAL F 352 -35.87 -47.94 15.65
CA VAL F 352 -35.52 -46.52 15.75
C VAL F 352 -34.03 -46.37 16.01
N LEU F 353 -33.47 -47.22 16.88
CA LEU F 353 -32.03 -47.20 17.08
C LEU F 353 -31.32 -47.30 15.76
N ALA F 354 -31.74 -48.25 14.91
CA ALA F 354 -31.14 -48.41 13.60
C ALA F 354 -31.17 -47.10 12.84
N VAL F 355 -32.35 -46.48 12.73
CA VAL F 355 -32.41 -45.27 11.91
C VAL F 355 -31.59 -44.17 12.56
N MET F 356 -31.54 -44.14 13.90
CA MET F 356 -30.66 -43.20 14.56
C MET F 356 -29.23 -43.39 14.07
N GLY F 357 -28.73 -44.62 14.16
CA GLY F 357 -27.41 -44.90 13.63
C GLY F 357 -27.32 -44.54 12.16
N VAL F 358 -28.38 -44.86 11.40
CA VAL F 358 -28.41 -44.52 9.99
C VAL F 358 -28.16 -43.03 9.80
N ILE F 359 -28.88 -42.20 10.58
CA ILE F 359 -28.69 -40.76 10.47
C ILE F 359 -27.23 -40.40 10.67
N ALA F 360 -26.62 -40.95 11.73
CA ALA F 360 -25.22 -40.68 12.02
C ALA F 360 -24.37 -40.94 10.79
N VAL F 361 -24.61 -42.07 10.12
CA VAL F 361 -23.88 -42.41 8.90
C VAL F 361 -23.89 -41.22 7.94
N ILE F 362 -25.08 -40.80 7.52
CA ILE F 362 -25.15 -39.67 6.59
C ILE F 362 -24.34 -38.51 7.15
N MET F 363 -24.60 -38.14 8.40
CA MET F 363 -23.92 -36.99 8.98
C MET F 363 -22.41 -37.14 8.83
N VAL F 364 -21.89 -38.28 9.29
CA VAL F 364 -20.43 -38.42 9.28
C VAL F 364 -19.91 -38.41 7.85
N VAL F 365 -20.60 -39.12 6.95
CA VAL F 365 -20.10 -39.16 5.57
C VAL F 365 -20.20 -37.77 4.96
N TYR F 366 -21.24 -37.01 5.34
CA TYR F 366 -21.33 -35.62 4.90
C TYR F 366 -20.07 -34.88 5.27
N PHE F 367 -19.65 -34.99 6.54
CA PHE F 367 -18.43 -34.33 6.97
C PHE F 367 -17.23 -34.90 6.24
N LYS F 368 -17.24 -36.22 5.98
CA LYS F 368 -16.14 -36.82 5.25
C LYS F 368 -16.05 -36.27 3.83
N LYS F 369 -17.17 -35.80 3.29
CA LYS F 369 -17.15 -35.19 1.97
C LYS F 369 -16.81 -33.71 2.00
N LYS F 370 -16.76 -33.09 3.18
CA LYS F 370 -16.42 -31.69 3.31
C LYS F 370 -15.07 -31.44 3.96
N LYS F 371 -14.33 -32.50 4.30
CA LYS F 371 -12.98 -32.39 4.87
C LYS F 371 -13.00 -31.61 6.19
N TRP F 372 -13.81 -32.09 7.14
CA TRP F 372 -13.90 -31.49 8.46
C TRP F 372 -13.28 -32.37 9.53
N LEU F 373 -12.59 -33.44 9.15
CA LEU F 373 -11.93 -34.31 10.12
C LEU F 373 -10.44 -34.42 9.82
N MET G 23 23.88 -21.55 12.24
CA MET G 23 24.45 -20.22 12.24
C MET G 23 24.17 -19.50 10.92
N GLU G 24 24.00 -20.30 9.86
CA GLU G 24 23.68 -19.82 8.51
C GLU G 24 24.82 -19.02 7.90
N GLU G 25 24.87 -18.96 6.57
CA GLU G 25 25.93 -18.25 5.86
C GLU G 25 25.47 -16.84 5.48
N LYS G 26 25.18 -16.05 6.51
CA LYS G 26 24.88 -14.63 6.35
C LYS G 26 25.53 -13.81 7.45
N ARG G 27 26.66 -14.27 7.96
CA ARG G 27 27.30 -13.63 9.09
C ARG G 27 27.86 -12.26 8.71
N LEU G 28 27.79 -11.31 9.64
CA LEU G 28 28.29 -9.97 9.42
C LEU G 28 29.49 -9.61 10.29
N SER G 29 29.69 -10.31 11.41
CA SER G 29 30.82 -10.05 12.30
C SER G 29 32.10 -10.74 11.85
N ALA G 30 32.17 -11.16 10.59
CA ALA G 30 33.40 -11.71 10.06
C ALA G 30 34.48 -10.65 10.07
N LYS G 31 35.72 -11.08 9.81
CA LYS G 31 36.93 -10.25 9.88
C LYS G 31 36.86 -9.29 11.07
N LYS G 32 36.53 -9.84 12.23
CA LYS G 32 36.33 -9.02 13.42
C LYS G 32 37.66 -8.50 13.97
N GLY G 33 38.53 -9.41 14.38
CA GLY G 33 39.83 -9.01 14.91
C GLY G 33 40.86 -8.86 13.82
N LEU G 34 40.58 -8.02 12.83
CA LEU G 34 41.46 -7.83 11.69
C LEU G 34 41.66 -6.36 11.41
N PRO G 35 42.83 -5.97 10.93
CA PRO G 35 43.08 -4.56 10.61
C PRO G 35 42.48 -4.18 9.27
N PRO G 36 42.26 -2.89 9.02
CA PRO G 36 41.76 -2.47 7.71
C PRO G 36 42.78 -2.77 6.62
N GLY G 37 42.26 -3.01 5.41
CA GLY G 37 43.11 -3.30 4.28
C GLY G 37 43.51 -4.75 4.13
N THR G 38 42.93 -5.65 4.91
CA THR G 38 43.19 -7.08 4.79
C THR G 38 42.15 -7.73 3.90
N LEU G 39 42.61 -8.50 2.92
CA LEU G 39 41.73 -9.09 1.92
C LEU G 39 41.22 -10.44 2.42
N VAL G 40 39.95 -10.49 2.82
CA VAL G 40 39.30 -11.71 3.26
C VAL G 40 37.98 -11.84 2.50
N TYR G 41 37.73 -13.03 1.96
CA TYR G 41 36.50 -13.30 1.21
C TYR G 41 35.46 -13.86 2.16
N THR G 42 34.29 -13.22 2.22
CA THR G 42 33.24 -13.56 3.16
C THR G 42 32.00 -14.07 2.45
N GLY G 43 32.19 -14.92 1.45
CA GLY G 43 31.07 -15.51 0.74
C GLY G 43 30.98 -17.01 0.94
N LYS G 44 30.14 -17.67 0.15
CA LYS G 44 29.95 -19.11 0.27
C LYS G 44 30.50 -19.89 -0.91
N TYR G 45 30.82 -19.24 -2.02
CA TYR G 45 31.28 -19.92 -3.23
C TYR G 45 32.80 -19.89 -3.30
N ARG G 46 33.40 -21.08 -3.39
CA ARG G 46 34.85 -21.20 -3.50
C ARG G 46 35.27 -22.26 -4.52
N GLU G 47 34.41 -22.57 -5.49
CA GLU G 47 34.64 -23.67 -6.41
C GLU G 47 35.31 -23.23 -7.72
N ASP G 48 34.67 -22.33 -8.45
CA ASP G 48 35.12 -21.95 -9.79
C ASP G 48 35.98 -20.69 -9.74
N PHE G 49 36.94 -20.63 -10.66
CA PHE G 49 37.76 -19.44 -10.87
C PHE G 49 38.16 -19.37 -12.32
N GLU G 50 38.04 -18.19 -12.92
CA GLU G 50 38.47 -17.98 -14.29
C GLU G 50 38.60 -16.50 -14.55
N ILE G 51 39.31 -16.16 -15.63
CA ILE G 51 39.47 -14.78 -16.07
C ILE G 51 39.13 -14.73 -17.55
N GLU G 52 38.16 -13.88 -17.92
CA GLU G 52 37.72 -13.72 -19.29
C GLU G 52 37.94 -12.27 -19.71
N VAL G 53 38.66 -12.08 -20.81
CA VAL G 53 39.00 -10.76 -21.34
C VAL G 53 38.44 -10.64 -22.75
N MET G 54 37.76 -9.52 -23.02
CA MET G 54 37.18 -9.25 -24.32
C MET G 54 37.65 -7.86 -24.74
N ASN G 55 38.82 -7.79 -25.37
CA ASN G 55 39.38 -6.53 -25.82
C ASN G 55 38.82 -6.24 -27.21
N TYR G 56 37.89 -5.29 -27.29
CA TYR G 56 37.23 -4.96 -28.54
C TYR G 56 37.62 -3.57 -29.00
N SER G 57 37.82 -3.43 -30.31
CA SER G 57 38.11 -2.15 -30.92
C SER G 57 37.12 -1.89 -32.04
N ILE G 58 37.34 -0.84 -32.83
CA ILE G 58 36.38 -0.49 -33.88
C ILE G 58 36.39 -1.51 -35.01
N GLU G 59 37.47 -2.29 -35.18
CA GLU G 59 37.51 -3.24 -36.28
C GLU G 59 37.98 -4.65 -35.92
N GLU G 60 38.36 -4.91 -34.66
CA GLU G 60 38.61 -6.29 -34.25
C GLU G 60 38.25 -6.46 -32.79
N PHE G 61 37.99 -7.71 -32.40
CA PHE G 61 37.81 -8.06 -31.00
C PHE G 61 38.58 -9.34 -30.71
N ARG G 62 39.20 -9.41 -29.54
CA ARG G 62 39.98 -10.56 -29.11
C ARG G 62 39.46 -11.05 -27.77
N GLU G 63 39.12 -12.34 -27.72
CA GLU G 63 38.68 -12.99 -26.49
C GLU G 63 39.83 -13.85 -25.97
N PHE G 64 40.18 -13.67 -24.70
CA PHE G 64 41.38 -14.26 -24.12
C PHE G 64 41.06 -14.90 -22.78
N LYS G 65 40.01 -15.72 -22.74
CA LYS G 65 39.65 -16.45 -21.53
C LYS G 65 40.81 -17.33 -21.06
N THR G 66 41.40 -16.99 -19.92
CA THR G 66 42.58 -17.69 -19.43
C THR G 66 42.44 -17.87 -17.93
N THR G 67 43.52 -18.30 -17.28
CA THR G 67 43.55 -18.55 -15.85
C THR G 67 44.62 -17.75 -15.12
N ASP G 68 45.80 -17.58 -15.71
CA ASP G 68 46.88 -16.85 -15.06
C ASP G 68 46.63 -15.34 -15.08
N VAL G 69 46.95 -14.69 -13.97
CA VAL G 69 46.71 -13.25 -13.86
C VAL G 69 47.77 -12.46 -14.61
N GLU G 70 49.00 -12.98 -14.70
CA GLU G 70 50.09 -12.21 -15.28
C GLU G 70 49.89 -11.93 -16.76
N SER G 71 49.04 -12.70 -17.44
CA SER G 71 48.83 -12.54 -18.87
C SER G 71 47.74 -11.54 -19.21
N VAL G 72 47.09 -10.92 -18.23
CA VAL G 72 46.08 -9.91 -18.48
C VAL G 72 46.46 -8.55 -17.95
N LEU G 73 47.48 -8.44 -17.10
CA LEU G 73 47.91 -7.14 -16.58
C LEU G 73 48.32 -6.15 -17.67
N PRO G 74 49.09 -6.52 -18.72
CA PRO G 74 49.51 -5.51 -19.70
C PRO G 74 48.38 -4.87 -20.49
N PHE G 75 47.14 -5.28 -20.21
CA PHE G 75 45.99 -4.69 -20.88
C PHE G 75 45.63 -3.31 -20.35
N ARG G 76 46.19 -2.91 -19.21
CA ARG G 76 45.83 -1.62 -18.61
C ARG G 76 46.37 -0.44 -19.41
N ASP G 77 47.40 -0.65 -20.23
CA ASP G 77 48.00 0.42 -21.01
C ASP G 77 47.51 0.48 -22.44
N SER G 78 46.49 -0.31 -22.78
CA SER G 78 45.98 -0.32 -24.14
C SER G 78 45.23 0.98 -24.45
N SER G 79 45.00 1.20 -25.75
CA SER G 79 44.27 2.36 -26.23
C SER G 79 42.85 2.01 -26.65
N THR G 80 42.39 0.81 -26.35
CA THR G 80 41.07 0.33 -26.74
C THR G 80 40.33 -0.18 -25.52
N PRO G 81 38.99 -0.16 -25.54
CA PRO G 81 38.23 -0.65 -24.39
C PRO G 81 38.52 -2.11 -24.09
N THR G 82 38.50 -2.44 -22.80
CA THR G 82 38.79 -3.78 -22.33
C THR G 82 37.78 -4.15 -21.25
N TRP G 83 37.49 -5.45 -21.13
CA TRP G 83 36.47 -5.97 -20.23
C TRP G 83 37.02 -7.13 -19.43
N ILE G 84 38.16 -6.92 -18.77
CA ILE G 84 38.70 -7.92 -17.86
C ILE G 84 37.62 -8.32 -16.86
N ASN G 85 37.40 -9.63 -16.72
CA ASN G 85 36.31 -10.16 -15.89
C ASN G 85 36.88 -11.33 -15.10
N ILE G 86 37.12 -11.12 -13.82
CA ILE G 86 37.67 -12.15 -12.94
C ILE G 86 36.48 -12.79 -12.22
N THR G 87 36.02 -13.92 -12.74
CA THR G 87 34.89 -14.63 -12.17
C THR G 87 35.40 -15.62 -11.12
N GLY G 88 35.01 -15.40 -9.87
CA GLY G 88 35.53 -16.19 -8.77
C GLY G 88 36.59 -15.42 -8.01
N ILE G 89 36.22 -14.83 -6.88
CA ILE G 89 37.11 -13.95 -6.14
C ILE G 89 37.49 -14.55 -4.79
N HIS G 90 37.33 -15.87 -4.63
CA HIS G 90 37.75 -16.50 -3.39
C HIS G 90 39.27 -16.49 -3.24
N ARG G 91 39.99 -16.44 -4.36
CA ARG G 91 41.44 -16.32 -4.32
C ARG G 91 41.81 -14.86 -4.17
N THR G 92 42.29 -14.48 -2.97
CA THR G 92 42.64 -13.09 -2.71
C THR G 92 43.91 -12.66 -3.44
N ASP G 93 44.75 -13.61 -3.84
CA ASP G 93 46.04 -13.27 -4.46
C ASP G 93 45.84 -12.56 -5.78
N VAL G 94 44.93 -13.07 -6.63
CA VAL G 94 44.70 -12.45 -7.93
C VAL G 94 44.10 -11.05 -7.77
N VAL G 95 43.15 -10.89 -6.85
CA VAL G 95 42.55 -9.58 -6.62
C VAL G 95 43.59 -8.60 -6.12
N GLN G 96 44.45 -9.04 -5.19
CA GLN G 96 45.49 -8.16 -4.68
C GLN G 96 46.47 -7.77 -5.77
N ARG G 97 46.86 -8.72 -6.62
CA ARG G 97 47.79 -8.39 -7.70
C ARG G 97 47.19 -7.40 -8.68
N VAL G 98 45.93 -7.61 -9.06
CA VAL G 98 45.29 -6.69 -10.00
C VAL G 98 45.14 -5.31 -9.37
N GLY G 99 44.75 -5.24 -8.10
CA GLY G 99 44.64 -3.95 -7.44
C GLY G 99 45.96 -3.23 -7.34
N GLU G 100 47.04 -3.96 -7.03
CA GLU G 100 48.36 -3.35 -6.97
C GLU G 100 48.81 -2.85 -8.32
N PHE G 101 48.56 -3.62 -9.39
CA PHE G 101 48.97 -3.19 -10.72
C PHE G 101 48.16 -1.98 -11.19
N PHE G 102 46.87 -1.95 -10.89
CA PHE G 102 46.00 -0.87 -11.33
C PHE G 102 45.98 0.31 -10.36
N GLY G 103 46.72 0.24 -9.26
CA GLY G 103 46.72 1.33 -8.30
C GLY G 103 45.47 1.43 -7.46
N ILE G 104 44.68 0.36 -7.37
CA ILE G 104 43.43 0.39 -6.62
C ILE G 104 43.73 0.51 -5.14
N HIS G 105 42.92 1.33 -4.44
CA HIS G 105 43.07 1.50 -3.01
C HIS G 105 42.80 0.18 -2.28
N PRO G 106 43.54 -0.11 -1.21
CA PRO G 106 43.27 -1.34 -0.44
C PRO G 106 41.86 -1.40 0.13
N LEU G 107 41.30 -0.26 0.52
CA LEU G 107 39.93 -0.24 1.02
C LEU G 107 38.96 -0.68 -0.07
N VAL G 108 39.20 -0.26 -1.31
CA VAL G 108 38.36 -0.68 -2.43
C VAL G 108 38.45 -2.20 -2.59
N LEU G 109 39.65 -2.76 -2.49
CA LEU G 109 39.80 -4.20 -2.65
C LEU G 109 39.09 -4.97 -1.54
N GLU G 110 39.23 -4.52 -0.30
CA GLU G 110 38.55 -5.22 0.80
C GLU G 110 37.04 -5.06 0.71
N ASP G 111 36.56 -3.95 0.15
CA ASP G 111 35.14 -3.82 -0.12
C ASP G 111 34.72 -4.77 -1.25
N ILE G 112 35.59 -4.98 -2.23
CA ILE G 112 35.29 -5.90 -3.32
C ILE G 112 35.12 -7.32 -2.78
N LEU G 113 36.05 -7.74 -1.93
CA LEU G 113 35.99 -9.09 -1.39
C LEU G 113 34.93 -9.26 -0.32
N ASN G 114 34.36 -8.17 0.20
CA ASN G 114 33.31 -8.25 1.20
C ASN G 114 31.97 -8.39 0.50
N VAL G 115 31.35 -9.57 0.63
CA VAL G 115 30.11 -9.84 -0.10
C VAL G 115 28.95 -9.00 0.43
N HIS G 116 28.91 -8.76 1.73
CA HIS G 116 27.79 -8.06 2.35
C HIS G 116 27.87 -6.54 2.18
N GLN G 117 28.72 -6.05 1.29
CA GLN G 117 28.84 -4.61 1.07
C GLN G 117 27.56 -4.05 0.46
N ARG G 118 27.10 -2.93 1.00
CA ARG G 118 25.95 -2.24 0.45
C ARG G 118 26.28 -1.70 -0.95
N PRO G 119 25.37 -1.80 -1.91
CA PRO G 119 25.63 -1.26 -3.24
C PRO G 119 25.93 0.23 -3.15
N LYS G 120 26.97 0.66 -3.88
CA LYS G 120 27.47 2.02 -3.73
C LYS G 120 28.32 2.36 -4.94
N VAL G 121 28.66 3.66 -5.04
CA VAL G 121 29.56 4.15 -6.07
C VAL G 121 30.51 5.15 -5.43
N GLU G 122 31.79 5.06 -5.79
CA GLU G 122 32.83 5.93 -5.27
C GLU G 122 33.64 6.47 -6.44
N PHE G 123 33.82 7.79 -6.48
CA PHE G 123 34.54 8.45 -7.56
C PHE G 123 35.95 8.77 -7.07
N PHE G 124 36.90 7.92 -7.42
CA PHE G 124 38.31 8.16 -7.12
C PHE G 124 38.94 8.96 -8.25
N GLU G 125 40.17 9.40 -8.01
CA GLU G 125 40.83 10.32 -8.95
C GLU G 125 41.09 9.65 -10.29
N ASN G 126 41.49 8.37 -10.28
CA ASN G 126 41.86 7.67 -11.50
C ASN G 126 40.87 6.60 -11.92
N TYR G 127 39.85 6.32 -11.11
CA TYR G 127 38.92 5.26 -11.45
C TYR G 127 37.60 5.47 -10.71
N VAL G 128 36.57 4.80 -11.19
CA VAL G 128 35.23 4.81 -10.59
C VAL G 128 34.91 3.40 -10.12
N PHE G 129 34.52 3.27 -8.85
CA PHE G 129 34.33 1.97 -8.22
C PHE G 129 32.86 1.80 -7.86
N ILE G 130 32.20 0.83 -8.48
CA ILE G 130 30.78 0.57 -8.28
C ILE G 130 30.60 -0.84 -7.73
N VAL G 131 29.70 -0.99 -6.76
CA VAL G 131 29.31 -2.29 -6.24
C VAL G 131 27.81 -2.41 -6.34
N LEU G 132 27.34 -3.44 -7.04
CA LEU G 132 25.92 -3.72 -7.18
C LEU G 132 25.66 -5.18 -6.83
N LYS G 133 24.38 -5.56 -6.81
CA LYS G 133 23.99 -6.93 -6.50
C LYS G 133 23.05 -7.43 -7.58
N MET G 134 23.25 -8.67 -8.02
CA MET G 134 22.32 -9.35 -8.90
C MET G 134 21.70 -10.53 -8.15
N PHE G 135 20.43 -10.77 -8.41
CA PHE G 135 19.66 -11.77 -7.69
C PHE G 135 19.32 -12.95 -8.61
N THR G 136 19.33 -14.14 -8.03
CA THR G 136 18.84 -15.34 -8.69
C THR G 136 17.70 -15.92 -7.85
N TYR G 137 16.63 -16.31 -8.53
CA TYR G 137 15.41 -16.74 -7.87
C TYR G 137 14.90 -18.02 -8.53
N ASP G 138 14.68 -19.05 -7.72
CA ASP G 138 14.23 -20.35 -8.21
C ASP G 138 12.73 -20.47 -7.98
N LYS G 139 11.99 -20.76 -9.05
CA LYS G 139 10.55 -20.95 -8.91
C LYS G 139 10.21 -22.25 -8.19
N ASN G 140 11.03 -23.29 -8.37
CA ASN G 140 10.76 -24.57 -7.74
C ASN G 140 10.86 -24.47 -6.23
N LEU G 141 11.90 -23.81 -5.72
CA LEU G 141 12.11 -23.63 -4.29
C LEU G 141 12.25 -22.15 -4.00
N HIS G 142 11.40 -21.63 -3.11
CA HIS G 142 11.35 -20.20 -2.86
C HIS G 142 12.55 -19.71 -2.08
N GLU G 143 13.65 -19.43 -2.78
CA GLU G 143 14.84 -18.86 -2.17
C GLU G 143 15.42 -17.82 -3.13
N LEU G 144 15.77 -16.66 -2.58
CA LEU G 144 16.29 -15.54 -3.36
C LEU G 144 17.75 -15.33 -2.95
N GLU G 145 18.67 -15.67 -3.83
CA GLU G 145 20.09 -15.56 -3.54
C GLU G 145 20.68 -14.32 -4.20
N SER G 146 21.62 -13.68 -3.51
CA SER G 146 22.23 -12.44 -3.96
C SER G 146 23.72 -12.65 -4.18
N GLU G 147 24.23 -12.19 -5.33
CA GLU G 147 25.65 -12.21 -5.63
C GLU G 147 26.05 -10.81 -6.07
N GLN G 148 27.08 -10.26 -5.45
CA GLN G 148 27.50 -8.91 -5.80
C GLN G 148 28.44 -8.93 -6.99
N VAL G 149 28.44 -7.82 -7.73
CA VAL G 149 29.38 -7.58 -8.81
C VAL G 149 30.03 -6.23 -8.56
N SER G 150 31.35 -6.18 -8.67
CA SER G 150 32.13 -4.96 -8.47
C SER G 150 32.75 -4.57 -9.80
N LEU G 151 32.41 -3.37 -10.27
CA LEU G 151 32.96 -2.82 -11.49
C LEU G 151 33.94 -1.71 -11.15
N ILE G 152 35.06 -1.68 -11.87
CA ILE G 152 36.07 -0.64 -11.72
C ILE G 152 36.33 -0.07 -13.10
N LEU G 153 35.80 1.12 -13.36
CA LEU G 153 36.05 1.81 -14.62
C LEU G 153 37.32 2.63 -14.45
N THR G 154 38.42 2.16 -15.04
CA THR G 154 39.72 2.81 -14.93
C THR G 154 40.25 3.09 -16.32
N LYS G 155 40.57 4.37 -16.57
CA LYS G 155 41.03 4.84 -17.88
C LYS G 155 40.18 4.25 -19.00
N ASN G 156 40.82 3.61 -19.97
CA ASN G 156 40.12 2.90 -21.04
C ASN G 156 40.07 1.40 -20.74
N CYS G 157 39.39 1.05 -19.65
CA CYS G 157 39.30 -0.35 -19.24
C CYS G 157 38.24 -0.49 -18.16
N VAL G 158 37.60 -1.66 -18.13
CA VAL G 158 36.58 -1.99 -17.15
C VAL G 158 36.95 -3.31 -16.49
N LEU G 159 37.04 -3.31 -15.17
CA LEU G 159 37.33 -4.50 -14.39
C LEU G 159 36.04 -5.02 -13.76
N MET G 160 35.81 -6.32 -13.84
CA MET G 160 34.65 -6.96 -13.24
C MET G 160 35.08 -8.05 -12.28
N PHE G 161 34.52 -8.02 -11.08
CA PHE G 161 34.74 -9.04 -10.06
C PHE G 161 33.41 -9.67 -9.69
N GLN G 162 33.39 -10.99 -9.57
CA GLN G 162 32.18 -11.71 -9.22
C GLN G 162 32.55 -13.06 -8.64
N GLU G 163 31.58 -13.69 -7.97
CA GLU G 163 31.86 -14.84 -7.12
C GLU G 163 31.76 -16.18 -7.83
N LYS G 164 30.91 -16.32 -8.84
CA LYS G 164 30.67 -17.63 -9.42
C LYS G 164 30.25 -17.49 -10.87
N ILE G 165 30.32 -18.61 -11.60
CA ILE G 165 29.85 -18.67 -12.97
C ILE G 165 28.35 -18.42 -12.99
N GLY G 166 27.88 -17.74 -14.04
CA GLY G 166 26.47 -17.41 -14.15
C GLY G 166 26.24 -15.93 -14.06
N ASP G 167 25.95 -15.29 -15.19
CA ASP G 167 25.88 -13.85 -15.28
C ASP G 167 24.60 -13.43 -15.98
N VAL G 168 24.45 -12.11 -16.16
CA VAL G 168 23.37 -11.55 -16.96
C VAL G 168 23.90 -10.72 -18.12
N PHE G 169 25.21 -10.46 -18.18
CA PHE G 169 25.81 -9.65 -19.23
C PHE G 169 26.03 -10.43 -20.52
N ASP G 170 25.38 -11.58 -20.67
CA ASP G 170 25.47 -12.33 -21.92
C ASP G 170 24.98 -11.54 -23.13
N PRO G 171 23.86 -10.79 -23.08
CA PRO G 171 23.53 -9.92 -24.23
C PRO G 171 24.63 -8.92 -24.54
N VAL G 172 25.32 -8.40 -23.52
CA VAL G 172 26.43 -7.50 -23.77
C VAL G 172 27.56 -8.23 -24.49
N ARG G 173 27.83 -9.48 -24.09
CA ARG G 173 28.84 -10.27 -24.78
C ARG G 173 28.47 -10.50 -26.24
N GLU G 174 27.20 -10.82 -26.50
CA GLU G 174 26.75 -11.03 -27.87
C GLU G 174 26.87 -9.74 -28.68
N ARG G 175 26.51 -8.60 -28.09
CA ARG G 175 26.60 -7.32 -28.79
C ARG G 175 28.05 -6.95 -29.09
N ILE G 176 28.97 -7.30 -28.20
CA ILE G 176 30.39 -7.04 -28.49
C ILE G 176 30.89 -7.98 -29.58
N ARG G 177 30.53 -9.26 -29.51
CA ARG G 177 31.04 -10.23 -30.47
C ARG G 177 30.52 -9.94 -31.87
N TYR G 178 29.21 -9.76 -32.02
CA TYR G 178 28.59 -9.45 -33.30
C TYR G 178 28.11 -8.01 -33.27
N ASN G 179 28.42 -7.25 -34.32
CA ASN G 179 28.20 -5.80 -34.34
C ASN G 179 26.70 -5.54 -34.46
N ARG G 180 26.00 -5.71 -33.34
CA ARG G 180 24.55 -5.48 -33.29
C ARG G 180 24.21 -4.02 -33.01
N GLY G 181 24.86 -3.41 -32.02
CA GLY G 181 24.58 -2.04 -31.66
C GLY G 181 25.77 -1.11 -31.90
N ILE G 182 26.03 -0.23 -30.94
CA ILE G 182 27.12 0.73 -31.04
C ILE G 182 28.08 0.53 -29.87
N ILE G 183 28.19 -0.71 -29.40
CA ILE G 183 29.06 -1.00 -28.26
C ILE G 183 30.52 -0.79 -28.62
N ARG G 184 30.91 -1.02 -29.87
CA ARG G 184 32.30 -0.95 -30.29
C ARG G 184 32.71 0.42 -30.82
N LYS G 185 31.77 1.34 -30.98
CA LYS G 185 32.07 2.67 -31.49
C LYS G 185 32.33 3.69 -30.39
N LYS G 186 32.32 3.28 -29.13
CA LYS G 186 32.48 4.18 -28.01
C LYS G 186 33.56 3.66 -27.08
N ARG G 187 33.80 4.40 -25.99
CA ARG G 187 34.86 4.09 -25.04
C ARG G 187 34.31 3.16 -23.95
N ALA G 188 35.08 2.98 -22.88
CA ALA G 188 34.72 2.03 -21.83
C ALA G 188 33.54 2.51 -20.98
N ASP G 189 33.25 3.81 -20.97
CA ASP G 189 32.10 4.30 -20.22
C ASP G 189 30.81 3.71 -20.75
N TYR G 190 30.69 3.59 -22.07
CA TYR G 190 29.51 2.95 -22.65
C TYR G 190 29.46 1.47 -22.32
N LEU G 191 30.62 0.83 -22.15
CA LEU G 191 30.64 -0.56 -21.69
C LEU G 191 30.09 -0.67 -20.28
N LEU G 192 30.49 0.26 -19.39
CA LEU G 192 29.93 0.29 -18.05
C LEU G 192 28.42 0.51 -18.10
N TYR G 193 27.97 1.42 -18.97
CA TYR G 193 26.55 1.59 -19.22
C TYR G 193 25.86 0.28 -19.59
N SER G 194 26.43 -0.45 -20.54
CA SER G 194 25.80 -1.68 -20.99
C SER G 194 25.69 -2.67 -19.84
N LEU G 195 26.72 -2.75 -19.01
CA LEU G 195 26.68 -3.65 -17.85
C LEU G 195 25.56 -3.26 -16.90
N ILE G 196 25.46 -1.96 -16.58
CA ILE G 196 24.43 -1.52 -15.64
C ILE G 196 23.05 -1.78 -16.21
N ASP G 197 22.87 -1.52 -17.51
CA ASP G 197 21.56 -1.71 -18.13
C ASP G 197 21.15 -3.19 -18.14
N ALA G 198 22.11 -4.09 -18.41
CA ALA G 198 21.80 -5.51 -18.36
C ALA G 198 21.41 -5.93 -16.95
N LEU G 199 22.12 -5.41 -15.94
CA LEU G 199 21.77 -5.72 -14.56
C LEU G 199 20.37 -5.23 -14.21
N VAL G 200 20.01 -4.03 -14.68
CA VAL G 200 18.67 -3.51 -14.42
C VAL G 200 17.61 -4.36 -15.12
N ASP G 201 17.90 -4.85 -16.33
CA ASP G 201 16.95 -5.73 -17.01
C ASP G 201 16.77 -7.04 -16.24
N ASP G 202 17.85 -7.56 -15.67
CA ASP G 202 17.73 -8.73 -14.80
C ASP G 202 16.83 -8.44 -13.61
N TYR G 203 16.96 -7.25 -13.02
CA TYR G 203 16.07 -6.88 -11.94
C TYR G 203 14.62 -6.86 -12.41
N PHE G 204 14.37 -6.36 -13.61
CA PHE G 204 13.01 -6.32 -14.14
C PHE G 204 12.43 -7.73 -14.28
N VAL G 205 13.20 -8.65 -14.85
CA VAL G 205 12.67 -10.01 -15.06
C VAL G 205 12.43 -10.71 -13.73
N LEU G 206 13.32 -10.50 -12.75
CA LEU G 206 13.11 -11.11 -11.45
C LEU G 206 11.92 -10.50 -10.72
N LEU G 207 11.67 -9.21 -10.93
CA LEU G 207 10.44 -8.60 -10.42
C LEU G 207 9.21 -9.23 -11.04
N GLU G 208 9.27 -9.55 -12.33
CA GLU G 208 8.15 -10.25 -12.97
C GLU G 208 7.90 -11.60 -12.34
N LYS G 209 8.98 -12.35 -12.06
CA LYS G 209 8.82 -13.65 -11.40
C LYS G 209 8.19 -13.49 -10.01
N ILE G 210 8.65 -12.48 -9.26
CA ILE G 210 8.08 -12.25 -7.93
C ILE G 210 6.61 -11.87 -8.04
N ASP G 211 6.24 -11.12 -9.07
CA ASP G 211 4.83 -10.80 -9.29
C ASP G 211 4.02 -12.06 -9.54
N ASP G 212 4.57 -13.00 -10.31
CA ASP G 212 3.89 -14.28 -10.52
C ASP G 212 3.63 -14.99 -9.19
N GLU G 213 4.65 -15.02 -8.33
CA GLU G 213 4.43 -15.64 -7.02
C GLU G 213 3.46 -14.85 -6.16
N ILE G 214 3.44 -13.51 -6.30
CA ILE G 214 2.45 -12.71 -5.60
C ILE G 214 1.05 -13.17 -5.98
N ASP G 215 0.81 -13.34 -7.28
CA ASP G 215 -0.51 -13.78 -7.73
C ASP G 215 -0.85 -15.17 -7.20
N VAL G 216 0.11 -16.11 -7.27
CA VAL G 216 -0.20 -17.48 -6.85
C VAL G 216 -0.48 -17.53 -5.36
N LEU G 217 0.27 -16.77 -4.55
CA LEU G 217 0.03 -16.77 -3.12
C LEU G 217 -1.26 -16.04 -2.76
N GLU G 218 -1.61 -14.99 -3.51
CA GLU G 218 -2.90 -14.34 -3.26
C GLU G 218 -4.05 -15.31 -3.52
N GLU G 219 -3.96 -16.08 -4.62
CA GLU G 219 -5.00 -17.07 -4.89
C GLU G 219 -5.03 -18.15 -3.81
N GLU G 220 -3.86 -18.62 -3.37
CA GLU G 220 -3.82 -19.63 -2.31
C GLU G 220 -4.43 -19.11 -1.02
N VAL G 221 -4.16 -17.84 -0.69
CA VAL G 221 -4.74 -17.23 0.50
C VAL G 221 -6.26 -17.15 0.37
N LEU G 222 -6.75 -16.73 -0.79
CA LEU G 222 -8.19 -16.59 -0.98
C LEU G 222 -8.92 -17.93 -0.96
N GLU G 223 -8.28 -19.00 -1.44
CA GLU G 223 -8.99 -20.26 -1.63
C GLU G 223 -8.62 -21.33 -0.62
N ARG G 224 -7.32 -21.52 -0.34
CA ARG G 224 -6.85 -22.62 0.51
C ARG G 224 -6.01 -22.06 1.65
N PRO G 225 -6.65 -21.59 2.72
CA PRO G 225 -5.91 -21.08 3.88
C PRO G 225 -5.39 -22.23 4.73
N GLU G 226 -4.06 -22.33 4.84
CA GLU G 226 -3.41 -23.37 5.63
C GLU G 226 -2.20 -22.77 6.34
N LYS G 227 -1.47 -23.63 7.05
CA LYS G 227 -0.23 -23.20 7.70
C LYS G 227 0.91 -23.07 6.71
N GLU G 228 0.96 -23.94 5.70
CA GLU G 228 1.96 -23.80 4.65
C GLU G 228 1.78 -22.46 3.92
N THR G 229 0.54 -22.01 3.77
CA THR G 229 0.28 -20.73 3.12
C THR G 229 0.88 -19.57 3.91
N VAL G 230 0.71 -19.57 5.24
CA VAL G 230 1.26 -18.48 6.04
C VAL G 230 2.77 -18.56 6.09
N GLN G 231 3.34 -19.78 6.09
CA GLN G 231 4.79 -19.90 6.02
C GLN G 231 5.33 -19.34 4.71
N ARG G 232 4.66 -19.65 3.59
CA ARG G 232 5.08 -19.12 2.30
C ARG G 232 4.93 -17.61 2.25
N THR G 233 3.86 -17.08 2.85
CA THR G 233 3.68 -15.63 2.90
C THR G 233 4.80 -14.96 3.68
N HIS G 234 5.19 -15.55 4.83
CA HIS G 234 6.29 -14.98 5.60
C HIS G 234 7.59 -15.03 4.82
N GLN G 235 7.85 -16.15 4.12
CA GLN G 235 9.06 -16.24 3.30
C GLN G 235 9.06 -15.19 2.21
N LEU G 236 7.92 -14.99 1.55
CA LEU G 236 7.83 -13.97 0.51
C LEU G 236 8.06 -12.58 1.08
N LYS G 237 7.51 -12.30 2.26
CA LYS G 237 7.70 -10.99 2.87
C LYS G 237 9.17 -10.74 3.19
N ARG G 238 9.85 -11.77 3.73
CA ARG G 238 11.27 -11.63 4.03
C ARG G 238 12.08 -11.37 2.76
N ASN G 239 11.80 -12.15 1.70
CA ASN G 239 12.51 -11.96 0.45
C ASN G 239 12.26 -10.57 -0.12
N LEU G 240 11.02 -10.09 -0.06
CA LEU G 240 10.69 -8.79 -0.62
C LEU G 240 11.34 -7.66 0.17
N VAL G 241 11.40 -7.78 1.50
CA VAL G 241 12.03 -6.72 2.28
C VAL G 241 13.53 -6.67 2.01
N GLU G 242 14.17 -7.85 1.87
CA GLU G 242 15.58 -7.86 1.49
C GLU G 242 15.78 -7.23 0.11
N LEU G 243 14.89 -7.56 -0.83
CA LEU G 243 15.01 -7.01 -2.18
C LEU G 243 14.85 -5.49 -2.18
N ARG G 244 13.89 -4.98 -1.42
CA ARG G 244 13.72 -3.52 -1.33
C ARG G 244 14.95 -2.86 -0.71
N LYS G 245 15.50 -3.48 0.33
CA LYS G 245 16.73 -2.97 0.94
C LYS G 245 17.84 -2.89 -0.09
N THR G 246 17.88 -3.85 -1.03
CA THR G 246 18.88 -3.77 -2.10
C THR G 246 18.53 -2.74 -3.16
N ILE G 247 17.23 -2.59 -3.49
CA ILE G 247 16.82 -1.66 -4.55
C ILE G 247 17.16 -0.23 -4.19
N TRP G 248 16.87 0.18 -2.95
CA TRP G 248 16.97 1.59 -2.62
C TRP G 248 18.35 2.21 -2.90
N PRO G 249 19.48 1.59 -2.58
CA PRO G 249 20.78 2.20 -2.93
C PRO G 249 21.03 2.33 -4.43
N LEU G 250 20.34 1.55 -5.27
CA LEU G 250 20.59 1.59 -6.70
C LEU G 250 20.25 2.95 -7.29
N ARG G 251 19.14 3.55 -6.82
CA ARG G 251 18.76 4.88 -7.27
C ARG G 251 19.84 5.90 -6.96
N GLU G 252 20.38 5.86 -5.74
CA GLU G 252 21.45 6.77 -5.35
C GLU G 252 22.70 6.53 -6.20
N VAL G 253 23.01 5.26 -6.47
CA VAL G 253 24.17 4.94 -7.29
C VAL G 253 24.05 5.57 -8.67
N LEU G 254 22.90 5.36 -9.33
CA LEU G 254 22.71 5.91 -10.67
C LEU G 254 22.71 7.43 -10.65
N SER G 255 22.05 8.03 -9.65
CA SER G 255 22.00 9.49 -9.56
C SER G 255 23.40 10.07 -9.41
N SER G 256 24.23 9.44 -8.58
CA SER G 256 25.62 9.86 -8.49
C SER G 256 26.35 9.65 -9.80
N LEU G 257 25.97 8.61 -10.56
CA LEU G 257 26.63 8.37 -11.83
C LEU G 257 26.37 9.48 -12.84
N TYR G 258 25.13 9.97 -12.95
CA TYR G 258 24.89 10.93 -14.03
C TYR G 258 24.80 12.37 -13.56
N ARG G 259 24.20 12.64 -12.39
CA ARG G 259 24.06 14.02 -11.93
C ARG G 259 25.43 14.64 -11.63
N ASP G 260 26.24 13.94 -10.83
CA ASP G 260 27.59 14.42 -10.48
C ASP G 260 28.55 13.80 -11.48
N VAL G 261 28.76 14.49 -12.59
CA VAL G 261 29.59 13.97 -13.68
C VAL G 261 31.05 13.90 -13.24
N PRO G 262 31.68 12.73 -13.34
CA PRO G 262 33.11 12.64 -13.08
C PRO G 262 33.92 12.84 -14.35
N PRO G 263 35.22 13.13 -14.23
CA PRO G 263 36.04 13.22 -15.45
C PRO G 263 36.08 11.94 -16.25
N LEU G 264 36.01 10.77 -15.60
CA LEU G 264 36.10 9.51 -16.32
C LEU G 264 34.89 9.29 -17.22
N ILE G 265 33.69 9.61 -16.72
CA ILE G 265 32.47 9.43 -17.51
C ILE G 265 32.30 10.62 -18.44
N GLU G 266 32.29 10.36 -19.75
CA GLU G 266 32.19 11.42 -20.72
C GLU G 266 30.78 12.01 -20.75
N LYS G 267 30.69 13.24 -21.24
CA LYS G 267 29.41 13.94 -21.28
C LYS G 267 28.42 13.30 -22.25
N GLU G 268 28.88 12.51 -23.21
CA GLU G 268 27.98 11.92 -24.20
C GLU G 268 27.15 10.78 -23.60
N THR G 269 27.64 10.15 -22.54
CA THR G 269 26.99 8.97 -21.97
C THR G 269 25.89 9.33 -20.98
N VAL G 270 25.81 10.60 -20.55
CA VAL G 270 24.92 10.96 -19.45
C VAL G 270 23.46 10.61 -19.73
N PRO G 271 22.87 10.90 -20.90
CA PRO G 271 21.46 10.54 -21.11
C PRO G 271 21.17 9.06 -20.94
N TYR G 272 22.11 8.20 -21.30
CA TYR G 272 21.94 6.76 -21.10
C TYR G 272 21.81 6.43 -19.61
N PHE G 273 22.67 7.02 -18.78
CA PHE G 273 22.55 6.81 -17.35
C PHE G 273 21.27 7.40 -16.81
N ARG G 274 20.77 8.49 -17.40
CA ARG G 274 19.47 9.02 -17.02
C ARG G 274 18.36 8.02 -17.32
N ASP G 275 18.45 7.34 -18.47
CA ASP G 275 17.48 6.31 -18.79
C ASP G 275 17.51 5.17 -17.77
N VAL G 276 18.73 4.75 -17.38
CA VAL G 276 18.83 3.71 -16.36
C VAL G 276 18.26 4.19 -15.03
N TYR G 277 18.44 5.47 -14.71
CA TYR G 277 17.85 6.03 -13.51
C TYR G 277 16.33 5.95 -13.55
N ASP G 278 15.74 6.25 -14.71
CA ASP G 278 14.29 6.12 -14.87
C ASP G 278 13.86 4.67 -14.67
N HIS G 279 14.63 3.73 -15.20
CA HIS G 279 14.33 2.32 -15.00
C HIS G 279 14.36 1.95 -13.51
N THR G 280 15.35 2.46 -12.78
CA THR G 280 15.43 2.19 -11.35
C THR G 280 14.26 2.79 -10.60
N ILE G 281 13.80 3.98 -11.01
CA ILE G 281 12.62 4.57 -10.39
C ILE G 281 11.41 3.67 -10.59
N GLN G 282 11.23 3.18 -11.82
CA GLN G 282 10.11 2.26 -12.07
C GLN G 282 10.23 1.00 -11.23
N ILE G 283 11.43 0.46 -11.11
CA ILE G 283 11.65 -0.74 -10.31
C ILE G 283 11.26 -0.49 -8.85
N ALA G 284 11.68 0.66 -8.30
CA ALA G 284 11.34 0.98 -6.91
C ALA G 284 9.84 1.12 -6.73
N ASP G 285 9.15 1.74 -7.68
CA ASP G 285 7.70 1.86 -7.59
C ASP G 285 7.03 0.49 -7.56
N THR G 286 7.46 -0.41 -8.46
CA THR G 286 6.88 -1.74 -8.48
C THR G 286 7.17 -2.49 -7.19
N VAL G 287 8.37 -2.31 -6.63
CA VAL G 287 8.72 -2.97 -5.37
C VAL G 287 7.81 -2.48 -4.24
N GLU G 288 7.55 -1.17 -4.20
CA GLU G 288 6.66 -0.63 -3.17
C GLU G 288 5.24 -1.19 -3.32
N THR G 289 4.76 -1.30 -4.56
CA THR G 289 3.44 -1.89 -4.78
C THR G 289 3.41 -3.34 -4.28
N PHE G 290 4.46 -4.11 -4.57
CA PHE G 290 4.52 -5.49 -4.12
C PHE G 290 4.53 -5.56 -2.59
N ARG G 291 5.26 -4.64 -1.95
CA ARG G 291 5.30 -4.62 -0.49
C ARG G 291 3.92 -4.33 0.09
N ASP G 292 3.17 -3.40 -0.52
CA ASP G 292 1.82 -3.13 -0.06
C ASP G 292 0.94 -4.36 -0.17
N ILE G 293 1.04 -5.07 -1.30
CA ILE G 293 0.23 -6.27 -1.50
C ILE G 293 0.58 -7.33 -0.45
N VAL G 294 1.88 -7.53 -0.20
CA VAL G 294 2.30 -8.51 0.80
C VAL G 294 1.80 -8.12 2.18
N SER G 295 1.82 -6.82 2.49
CA SER G 295 1.30 -6.37 3.78
C SER G 295 -0.18 -6.69 3.93
N GLY G 296 -0.96 -6.49 2.86
CA GLY G 296 -2.37 -6.81 2.94
C GLY G 296 -2.68 -8.30 2.93
N LEU G 297 -1.73 -9.12 2.45
CA LEU G 297 -2.01 -10.53 2.25
C LEU G 297 -2.36 -11.26 3.54
N LEU G 298 -1.65 -10.96 4.63
CA LEU G 298 -1.90 -11.68 5.89
C LEU G 298 -3.26 -11.33 6.47
N ASP G 299 -3.67 -10.06 6.38
CA ASP G 299 -5.01 -9.69 6.80
C ASP G 299 -6.06 -10.39 5.94
N VAL G 300 -5.79 -10.52 4.64
CA VAL G 300 -6.70 -11.25 3.77
C VAL G 300 -6.81 -12.71 4.23
N TYR G 301 -5.69 -13.31 4.62
CA TYR G 301 -5.70 -14.68 5.12
C TYR G 301 -6.55 -14.80 6.37
N LEU G 302 -6.38 -13.86 7.31
CA LEU G 302 -7.17 -13.89 8.53
C LEU G 302 -8.67 -13.76 8.21
N SER G 303 -9.01 -12.88 7.28
CA SER G 303 -10.41 -12.71 6.90
C SER G 303 -10.97 -13.98 6.27
N SER G 304 -10.18 -14.65 5.42
CA SER G 304 -10.66 -15.87 4.78
C SER G 304 -10.88 -17.00 5.80
N VAL G 305 -9.94 -17.15 6.74
CA VAL G 305 -10.11 -18.16 7.78
C VAL G 305 -11.33 -17.85 8.63
N SER G 306 -11.55 -16.56 8.91
CA SER G 306 -12.74 -16.16 9.64
C SER G 306 -14.01 -16.50 8.86
N ASN G 307 -13.98 -16.33 7.53
CA ASN G 307 -15.15 -16.67 6.73
C ASN G 307 -15.45 -18.17 6.78
N LYS G 308 -14.41 -19.00 6.68
CA LYS G 308 -14.62 -20.44 6.75
C LYS G 308 -15.17 -20.85 8.12
N THR G 309 -14.57 -20.33 9.19
CA THR G 309 -15.08 -20.67 10.50
C THR G 309 -16.50 -20.13 10.69
N ASN G 310 -16.84 -19.01 10.04
CA ASN G 310 -18.21 -18.51 10.08
C ASN G 310 -19.17 -19.44 9.35
N GLU G 311 -18.72 -20.07 8.27
CA GLU G 311 -19.55 -21.08 7.64
C GLU G 311 -19.87 -22.20 8.62
N VAL G 312 -18.86 -22.65 9.37
CA VAL G 312 -19.09 -23.66 10.40
C VAL G 312 -20.04 -23.12 11.49
N MET G 313 -19.82 -21.86 11.89
CA MET G 313 -20.69 -21.16 12.82
C MET G 313 -22.14 -21.22 12.37
N LYS G 314 -22.39 -20.93 11.09
CA LYS G 314 -23.73 -20.90 10.56
C LYS G 314 -24.37 -22.29 10.57
N VAL G 315 -23.59 -23.32 10.21
CA VAL G 315 -24.14 -24.68 10.26
C VAL G 315 -24.56 -25.02 11.69
N LEU G 316 -23.67 -24.76 12.65
CA LEU G 316 -23.98 -25.09 14.04
C LEU G 316 -25.18 -24.30 14.55
N THR G 317 -25.23 -23.00 14.22
CA THR G 317 -26.33 -22.16 14.69
C THR G 317 -27.66 -22.60 14.07
N ILE G 318 -27.65 -22.98 12.79
CA ILE G 318 -28.88 -23.44 12.15
C ILE G 318 -29.39 -24.70 12.82
N ILE G 319 -28.51 -25.68 13.04
CA ILE G 319 -28.98 -26.93 13.64
C ILE G 319 -29.44 -26.70 15.08
N ALA G 320 -28.74 -25.83 15.81
CA ALA G 320 -29.16 -25.51 17.17
C ALA G 320 -30.53 -24.83 17.18
N THR G 321 -30.73 -23.88 16.26
CA THR G 321 -32.01 -23.18 16.19
C THR G 321 -33.14 -24.14 15.88
N ILE G 322 -32.89 -25.08 14.97
CA ILE G 322 -33.97 -25.98 14.56
C ILE G 322 -34.31 -26.97 15.67
N PHE G 323 -33.29 -27.48 16.39
CA PHE G 323 -33.48 -28.61 17.29
C PHE G 323 -33.47 -28.30 18.78
N MET G 324 -33.21 -27.06 19.19
CA MET G 324 -33.31 -26.76 20.61
C MET G 324 -34.76 -26.55 21.05
N PRO G 325 -35.53 -25.66 20.41
CA PRO G 325 -36.95 -25.56 20.77
C PRO G 325 -37.70 -26.85 20.53
N LEU G 326 -37.33 -27.61 19.50
CA LEU G 326 -38.02 -28.87 19.21
C LEU G 326 -37.82 -29.86 20.33
N THR G 327 -36.58 -30.00 20.83
CA THR G 327 -36.36 -30.91 21.94
C THR G 327 -36.96 -30.38 23.23
N PHE G 328 -37.01 -29.05 23.39
CA PHE G 328 -37.66 -28.49 24.58
C PHE G 328 -39.15 -28.83 24.60
N ILE G 329 -39.82 -28.67 23.47
CA ILE G 329 -41.26 -28.97 23.42
C ILE G 329 -41.54 -30.45 23.22
N ALA G 330 -40.51 -31.26 22.95
CA ALA G 330 -40.65 -32.70 23.09
C ALA G 330 -40.57 -33.11 24.55
N GLY G 331 -39.70 -32.46 25.32
CA GLY G 331 -39.59 -32.72 26.75
C GLY G 331 -40.69 -32.10 27.59
N ILE G 332 -41.39 -31.09 27.05
CA ILE G 332 -42.47 -30.46 27.80
C ILE G 332 -43.57 -31.47 28.09
N TYR G 333 -43.80 -32.39 27.17
CA TYR G 333 -44.71 -33.52 27.38
C TYR G 333 -43.86 -34.73 27.74
N GLY G 334 -44.02 -35.23 28.95
CA GLY G 334 -43.19 -36.34 29.40
C GLY G 334 -42.82 -36.26 30.86
N MET G 335 -43.23 -35.19 31.54
CA MET G 335 -43.10 -35.16 32.99
C MET G 335 -44.12 -36.10 33.63
N ASN G 336 -43.96 -36.32 34.93
CA ASN G 336 -44.80 -37.26 35.66
C ASN G 336 -46.05 -36.61 36.23
N PHE G 337 -46.52 -35.52 35.62
CA PHE G 337 -47.77 -34.90 36.04
C PHE G 337 -48.93 -35.77 35.58
N GLU G 338 -49.68 -36.32 36.53
CA GLU G 338 -50.84 -37.14 36.21
C GLU G 338 -52.06 -36.31 35.84
N TYR G 339 -52.01 -35.00 36.03
CA TYR G 339 -53.11 -34.11 35.68
C TYR G 339 -52.95 -33.51 34.29
N MET G 340 -51.86 -33.83 33.58
CA MET G 340 -51.71 -33.39 32.21
C MET G 340 -52.82 -33.97 31.33
N PRO G 341 -53.28 -33.22 30.32
CA PRO G 341 -54.22 -33.76 29.33
C PRO G 341 -53.56 -34.67 28.30
N GLU G 342 -52.72 -35.60 28.79
CA GLU G 342 -52.06 -36.57 27.93
C GLU G 342 -52.94 -37.76 27.61
N LEU G 343 -54.11 -37.88 28.24
CA LEU G 343 -55.02 -39.00 28.00
C LEU G 343 -55.80 -38.74 26.71
N ARG G 344 -55.04 -38.73 25.61
CA ARG G 344 -55.59 -38.59 24.26
C ARG G 344 -56.49 -37.36 24.16
N TRP G 345 -55.86 -36.19 24.30
CA TRP G 345 -56.58 -34.93 24.29
C TRP G 345 -57.32 -34.75 22.98
N LYS G 346 -56.58 -34.54 21.89
CA LYS G 346 -57.12 -34.62 20.52
C LYS G 346 -55.96 -35.04 19.62
N TRP G 347 -55.81 -36.36 19.43
CA TRP G 347 -54.69 -36.94 18.70
C TRP G 347 -53.38 -36.25 19.07
N GLY G 348 -53.06 -36.35 20.36
CA GLY G 348 -52.00 -35.52 20.93
C GLY G 348 -50.65 -35.76 20.29
N TYR G 349 -50.26 -37.03 20.14
CA TYR G 349 -48.97 -37.34 19.55
C TYR G 349 -48.87 -36.90 18.09
N PRO G 350 -49.83 -37.23 17.20
CA PRO G 350 -49.74 -36.69 15.83
C PRO G 350 -49.78 -35.18 15.76
N VAL G 351 -50.58 -34.52 16.60
CA VAL G 351 -50.68 -33.06 16.49
C VAL G 351 -49.39 -32.40 16.99
N VAL G 352 -48.77 -32.96 18.04
CA VAL G 352 -47.52 -32.37 18.49
C VAL G 352 -46.41 -32.62 17.46
N LEU G 353 -46.42 -33.77 16.79
CA LEU G 353 -45.46 -33.98 15.71
C LEU G 353 -45.70 -33.01 14.55
N ALA G 354 -46.96 -32.71 14.26
CA ALA G 354 -47.28 -31.70 13.25
C ALA G 354 -46.76 -30.34 13.67
N VAL G 355 -46.86 -30.02 14.97
CA VAL G 355 -46.30 -28.76 15.47
C VAL G 355 -44.78 -28.75 15.30
N MET G 356 -44.12 -29.87 15.58
CA MET G 356 -42.68 -29.96 15.33
C MET G 356 -42.36 -29.64 13.88
N GLY G 357 -43.09 -30.27 12.96
CA GLY G 357 -42.84 -30.05 11.54
C GLY G 357 -43.08 -28.60 11.14
N VAL G 358 -44.17 -28.01 11.64
CA VAL G 358 -44.49 -26.62 11.30
C VAL G 358 -43.40 -25.68 11.80
N ILE G 359 -42.94 -25.88 13.04
CA ILE G 359 -41.91 -25.02 13.60
C ILE G 359 -40.61 -25.17 12.81
N ALA G 360 -40.25 -26.41 12.46
CA ALA G 360 -39.04 -26.62 11.68
C ALA G 360 -39.14 -25.93 10.32
N VAL G 361 -40.30 -26.05 9.66
CA VAL G 361 -40.47 -25.46 8.34
C VAL G 361 -40.39 -23.94 8.41
N ILE G 362 -41.07 -23.33 9.39
CA ILE G 362 -41.06 -21.87 9.48
C ILE G 362 -39.68 -21.36 9.86
N MET G 363 -38.95 -22.09 10.70
CA MET G 363 -37.61 -21.63 11.06
C MET G 363 -36.64 -21.78 9.88
N VAL G 364 -36.81 -22.83 9.09
CA VAL G 364 -36.02 -22.97 7.86
C VAL G 364 -36.33 -21.83 6.90
N VAL G 365 -37.60 -21.45 6.80
CA VAL G 365 -37.98 -20.32 5.95
C VAL G 365 -37.36 -19.03 6.48
N TYR G 366 -37.31 -18.87 7.80
CA TYR G 366 -36.66 -17.70 8.39
C TYR G 366 -35.18 -17.65 8.05
N PHE G 367 -34.50 -18.80 8.14
CA PHE G 367 -33.09 -18.83 7.76
C PHE G 367 -32.90 -18.53 6.27
N LYS G 368 -33.81 -19.02 5.43
CA LYS G 368 -33.76 -18.68 4.00
C LYS G 368 -33.95 -17.19 3.80
N LYS G 369 -34.81 -16.56 4.61
CA LYS G 369 -34.92 -15.10 4.59
C LYS G 369 -33.59 -14.45 4.94
N LYS G 370 -32.90 -15.00 5.94
CA LYS G 370 -31.55 -14.54 6.25
C LYS G 370 -30.49 -15.13 5.32
N LYS G 371 -30.88 -16.05 4.44
CA LYS G 371 -30.03 -16.62 3.40
C LYS G 371 -28.89 -17.46 3.97
N TRP G 372 -28.97 -17.87 5.23
CA TRP G 372 -27.93 -18.71 5.81
C TRP G 372 -27.95 -20.10 5.21
N LEU G 373 -29.12 -20.72 5.14
CA LEU G 373 -29.25 -22.09 4.67
C LEU G 373 -29.03 -22.18 3.16
MG MG H . -39.30 -39.67 31.20
#